data_8YL7
#
_entry.id   8YL7
#
_cell.length_a   1.00
_cell.length_b   1.00
_cell.length_c   1.00
_cell.angle_alpha   90.00
_cell.angle_beta   90.00
_cell.angle_gamma   90.00
#
_symmetry.space_group_name_H-M   'P 1'
#
loop_
_entity.id
_entity.type
_entity.pdbx_description
1 polymer 'Protein EDS1'
2 polymer 'Senescence-associated carboxylesterase 101'
3 polymer 'Probable disease resistance protein At5g66890'
4 non-polymer '[[(2~{R},3~{R},4~{R},5~{R})-5-(6-aminopurin-9-yl)-4-[(2~{S},3~{R},4~{S},5~{R})-5-[[[[(2~{R},3~{S},4~{R},5~{R})-5-(6-aminopurin-9-yl)-3,4-bis(oxidanyl)oxolan-2-yl]methoxy-oxidanyl-phosphoryl]oxy-oxidanyl-phosphoryl]oxymethyl]-3,4-bis(oxidanyl)oxolan-2-yl]oxy-3-oxidanyl-oxolan-2-yl]methoxy-oxidanyl-phosphoryl] phosphono hydrogen phosphate'
#
loop_
_entity_poly.entity_id
_entity_poly.type
_entity_poly.pdbx_seq_one_letter_code
_entity_poly.pdbx_strand_id
1 'polypeptide(L)'
;MAFEALTGINGDLITRSWSASKQAYLTERYHKEEAGAVVIFAFQPSFSEKDFFDPDNKSSFGEIKLNRVQFPCMRKIGKG
DVATVNEAFLKNLEAIIDPRTSFQASVEMAVRSRKQIVFTGHSSGGATAILATVWYLEKYFIRNPNVYLEPRCVTFGAPL
VGDSIFSHALGREKWSRFFVNFVSRFDIVPRIMLARKASVEETLPHVLAQLDPRKSSVQESEQRITEFYTRVMRDTSTVA
NQAVCELTGSAEAFLETLSSFLELSPYRPAGTFVFSTEKRLVAVNNSDAILQMLFYTSQASDEQEWSLIPFRSIRDHHSY
EELVQSMGKKLFNHLDGENSIESTLNDLGVSTRGRQYVQAALEEEKKRVENQKKIIQVIEQERFLKKLAWIEDEYKPKCQ
AHKNGYYDSFKVSNEENDFKANVKRAELAGVFDEVLGLMKKCQLPDEFEGDIDWIKLATRYRRLVEPLDIANYHRHLKNE
DTGPYMKRGRPTRYIYAQRGYEHYILKPNGMIAEDVFWNKVNGLNLGLQLEEIQETLKNSGSECGSCFWAEVEELKGKPY
EEVEVRVKTLEGMLGEWITDGEVDDKEIFLEGSTFRKWWITLPKNHKSHSPLRDYMMDEITDT
;
A
2 'polypeptide(L)'
;MESSSSLKGSALGKLVVTSGLLHSSWSKILEIHNPPYSNHDPGLQVSKKKKDSGLEFQIHREEKFTLVVFSAPPICRSSS
SDSTLLHVKDKENPFPFLCSENNPSFSLHTPAFNLFTSASTSLTYLKSELLQTLKSEKPVIITGAALGGSVASLYTLWLL
ETIEPTLKRPLCITFGSPLIGDASLQQILENSVRNSCFLHVVSAQTRIKMDFFKPFGTFLICFDSGCVCIEDHVAVTELL
NGVHDSGLVDYSQVLNRLDQSMLSLADSRLIPEDVIKGIEKRAEMKNLRFDMMFKKLNDMKISMAYIEWYKKKCKEVKIG
YYDRFKTQLAFPSKEFDINIKNHHKSELNRFWKSVVEEVERRPQSDASILKRRFLFSGNNYRRMIEPLDIAEYYLEGRKE
YRTTGRSHHYVMLEKWFGMESILIEKERCKKRDLSDLLTFDSCFWAEVEDSLIVINQLNTTVGMRDDVREVLTRKLVEFE
GYVWEIITKREVSPEIFLEESSFMKWWKEYKKIKGFNSSYLTEFMNTRKYESYGKSQ
;
B
3 'polypeptide(L)'
;MNSNSIQSFDALPHNLRECFLDMASFLEDQRIIASTIIDLWSASYGKEGMNNLQDLASRNLLKLLPIGRNEYEDGFYNEL
LVKQDNVLREFAINQCLKESSSIFERKRLNLEIQDNKFPNWCLNPKQPIVINASLFSISTDDSFASSWFEMDCPNVEALV
LNISSSNYALPNFIATMKELKVVIIINHGLEPAKLTNLSCLSSLPNLKRIRFEKVSISLLDIPKLGLKSLEKLSLWFCHV
VDALNELEDVSETLQSLQEIEIDYCYNLDELPYWISQVVSLKKLSVTNCNKLCRVIEAIGDLRDLETLRLSSCASLLELP
ETIDRLDNLRFLDVSGGFQLKNLPLEIGKLKKLEKISMKDCYRCELPDSVKNLENLEVKCDEDTAFLWKILKPEMKNLTI
TEEKTEHNLNLLQLF
;
C
#
# COMPACT_ATOMS: atom_id res chain seq x y z
N ALA A 5 -43.52 16.51 9.06
CA ALA A 5 -42.87 15.62 8.10
C ALA A 5 -41.62 14.99 8.72
N LEU A 6 -40.64 14.69 7.86
CA LEU A 6 -39.40 14.08 8.35
C LEU A 6 -38.61 15.05 9.22
N THR A 7 -38.78 16.35 9.00
CA THR A 7 -38.05 17.34 9.80
C THR A 7 -38.45 17.30 11.27
N GLY A 8 -39.63 16.77 11.59
CA GLY A 8 -40.08 16.72 12.96
C GLY A 8 -40.70 18.00 13.47
N ILE A 9 -41.10 18.91 12.58
CA ILE A 9 -41.70 20.18 12.97
C ILE A 9 -43.02 20.34 12.23
N ASN A 10 -43.89 21.18 12.79
CA ASN A 10 -45.20 21.42 12.21
C ASN A 10 -45.45 22.92 12.03
N GLY A 11 -46.68 23.29 11.68
CA GLY A 11 -47.00 24.67 11.38
C GLY A 11 -47.09 25.59 12.58
N ASP A 12 -47.78 25.13 13.63
CA ASP A 12 -47.95 26.00 14.80
C ASP A 12 -46.62 26.31 15.46
N LEU A 13 -45.70 25.35 15.49
CA LEU A 13 -44.39 25.60 16.09
C LEU A 13 -43.60 26.61 15.27
N ILE A 14 -43.67 26.52 13.94
CA ILE A 14 -42.98 27.49 13.09
C ILE A 14 -43.59 28.87 13.27
N THR A 15 -44.92 28.94 13.41
CA THR A 15 -45.56 30.24 13.64
C THR A 15 -45.15 30.82 14.97
N ARG A 16 -45.06 29.98 16.01
CA ARG A 16 -44.61 30.46 17.31
C ARG A 16 -43.17 30.94 17.26
N SER A 17 -42.31 30.21 16.53
CA SER A 17 -40.93 30.65 16.37
C SER A 17 -40.85 32.00 15.67
N TRP A 18 -41.63 32.18 14.60
CA TRP A 18 -41.64 33.45 13.90
C TRP A 18 -42.15 34.58 14.80
N SER A 19 -43.19 34.30 15.59
CA SER A 19 -43.71 35.30 16.51
C SER A 19 -42.66 35.69 17.55
N ALA A 20 -41.95 34.70 18.09
CA ALA A 20 -40.90 35.00 19.06
C ALA A 20 -39.77 35.81 18.43
N SER A 21 -39.43 35.50 17.19
CA SER A 21 -38.39 36.27 16.50
C SER A 21 -38.84 37.71 16.29
N LYS A 22 -40.09 37.90 15.88
CA LYS A 22 -40.61 39.26 15.69
C LYS A 22 -40.64 40.01 17.02
N GLN A 23 -40.98 39.33 18.11
CA GLN A 23 -41.01 39.98 19.42
C GLN A 23 -39.61 40.38 19.86
N ALA A 24 -38.65 39.45 19.77
CA ALA A 24 -37.26 39.75 20.11
C ALA A 24 -36.59 40.65 19.07
N TYR A 25 -37.29 41.02 18.00
CA TYR A 25 -36.71 41.89 16.98
C TYR A 25 -36.23 43.22 17.57
N LEU A 26 -36.64 43.56 18.78
CA LEU A 26 -36.19 44.79 19.41
C LEU A 26 -34.77 44.58 19.98
N THR A 27 -34.31 45.54 20.79
CA THR A 27 -32.95 45.46 21.29
C THR A 27 -32.76 44.42 22.39
N GLU A 28 -33.84 43.98 23.03
CA GLU A 28 -33.71 42.98 24.08
C GLU A 28 -33.01 41.74 23.54
N ARG A 29 -31.93 41.33 24.21
CA ARG A 29 -31.13 40.21 23.74
C ARG A 29 -31.94 38.91 23.74
N TYR A 30 -32.43 38.52 24.91
CA TYR A 30 -33.16 37.27 25.08
C TYR A 30 -34.63 37.55 25.33
N HIS A 31 -35.50 36.85 24.59
CA HIS A 31 -36.94 36.93 24.79
C HIS A 31 -37.49 35.52 24.95
N LYS A 32 -38.28 35.31 25.99
CA LYS A 32 -38.86 34.01 26.31
C LYS A 32 -40.35 34.03 26.02
N GLU A 33 -40.83 32.96 25.38
CA GLU A 33 -42.26 32.79 25.09
C GLU A 33 -42.65 31.37 25.48
N GLU A 34 -43.46 31.24 26.53
CA GLU A 34 -43.91 29.95 27.04
C GLU A 34 -45.30 29.67 26.49
N ALA A 35 -45.39 28.77 25.52
CA ALA A 35 -46.65 28.38 24.91
C ALA A 35 -46.87 26.89 25.12
N GLY A 36 -48.02 26.54 25.67
CA GLY A 36 -48.32 25.14 25.95
C GLY A 36 -47.29 24.51 26.86
N ALA A 37 -46.47 23.62 26.30
CA ALA A 37 -45.38 22.98 27.05
C ALA A 37 -44.03 23.21 26.37
N VAL A 38 -43.86 24.36 25.75
CA VAL A 38 -42.61 24.70 25.06
C VAL A 38 -42.24 26.14 25.38
N VAL A 39 -41.01 26.34 25.84
CA VAL A 39 -40.50 27.67 26.16
C VAL A 39 -39.50 28.08 25.08
N ILE A 40 -39.96 28.79 24.07
CA ILE A 40 -39.10 29.21 22.97
C ILE A 40 -38.31 30.44 23.39
N PHE A 41 -37.08 30.54 22.88
CA PHE A 41 -36.18 31.65 23.17
C PHE A 41 -35.73 32.29 21.87
N ALA A 42 -35.83 33.61 21.80
CA ALA A 42 -35.42 34.38 20.64
C ALA A 42 -34.34 35.37 21.02
N PHE A 43 -33.48 35.69 20.05
CA PHE A 43 -32.35 36.59 20.27
C PHE A 43 -32.49 37.82 19.37
N GLN A 44 -31.87 38.91 19.81
CA GLN A 44 -31.92 40.16 19.05
C GLN A 44 -30.94 40.11 17.87
N PRO A 45 -31.37 40.52 16.69
CA PRO A 45 -30.45 40.61 15.55
C PRO A 45 -29.62 41.89 15.65
N SER A 46 -28.77 42.09 14.65
CA SER A 46 -27.94 43.28 14.57
C SER A 46 -27.72 43.63 13.11
N PHE A 47 -27.74 44.93 12.80
CA PHE A 47 -27.60 45.40 11.42
C PHE A 47 -26.39 46.31 11.25
N SER A 48 -25.45 46.28 12.19
CA SER A 48 -24.23 47.07 12.09
C SER A 48 -23.12 46.22 11.50
N GLU A 49 -22.33 46.82 10.60
CA GLU A 49 -21.26 46.08 9.94
C GLU A 49 -20.26 45.54 10.95
N LYS A 50 -20.07 46.24 12.08
CA LYS A 50 -19.11 45.77 13.08
C LYS A 50 -19.57 44.48 13.73
N ASP A 51 -20.89 44.25 13.82
CA ASP A 51 -21.38 43.04 14.45
C ASP A 51 -21.04 41.79 13.63
N PHE A 52 -20.85 41.95 12.32
CA PHE A 52 -20.54 40.82 11.46
C PHE A 52 -19.04 40.52 11.46
N PHE A 53 -18.23 41.51 11.10
CA PHE A 53 -16.77 41.36 11.05
C PHE A 53 -16.18 42.00 12.30
N ASP A 54 -15.67 41.17 13.21
CA ASP A 54 -15.08 41.66 14.43
C ASP A 54 -13.84 42.49 14.11
N PRO A 55 -13.76 43.75 14.57
CA PRO A 55 -12.60 44.59 14.24
C PRO A 55 -11.38 44.36 15.11
N ASP A 56 -11.42 43.39 16.03
CA ASP A 56 -10.31 43.15 16.93
C ASP A 56 -9.28 42.18 16.36
N ASN A 57 -9.71 41.20 15.59
CA ASN A 57 -8.81 40.20 15.04
C ASN A 57 -8.22 40.66 13.70
N LYS A 58 -7.24 39.91 13.21
CA LYS A 58 -6.55 40.23 11.98
C LYS A 58 -6.87 39.27 10.84
N SER A 59 -7.68 38.24 11.09
CA SER A 59 -8.03 37.30 10.04
C SER A 59 -8.78 37.99 8.91
N SER A 60 -8.63 37.44 7.71
CA SER A 60 -9.30 38.00 6.53
C SER A 60 -10.80 37.78 6.55
N PHE A 61 -11.32 36.90 7.39
CA PHE A 61 -12.75 36.63 7.47
C PHE A 61 -13.33 36.70 8.87
N GLY A 62 -12.53 36.49 9.92
CA GLY A 62 -13.04 36.55 11.27
C GLY A 62 -13.14 35.18 11.92
N GLU A 63 -12.27 34.26 11.54
CA GLU A 63 -12.28 32.92 12.11
C GLU A 63 -11.55 32.90 13.44
N ILE A 64 -11.95 31.96 14.30
CA ILE A 64 -11.32 31.79 15.60
C ILE A 64 -11.49 30.33 16.02
N LYS A 65 -10.47 29.79 16.65
CA LYS A 65 -10.48 28.40 17.11
C LYS A 65 -11.23 28.29 18.43
N LEU A 66 -12.04 27.24 18.55
CA LEU A 66 -12.79 27.00 19.78
C LEU A 66 -11.89 26.41 20.85
N ASN A 67 -12.32 26.55 22.10
CA ASN A 67 -11.58 26.04 23.24
C ASN A 67 -12.02 24.60 23.55
N ARG A 68 -11.18 23.91 24.33
CA ARG A 68 -11.46 22.52 24.67
C ARG A 68 -12.42 22.41 25.85
N VAL A 69 -12.29 23.30 26.84
CA VAL A 69 -13.09 23.19 28.04
C VAL A 69 -14.58 23.36 27.73
N GLN A 70 -14.90 24.11 26.68
CA GLN A 70 -16.30 24.38 26.36
C GLN A 70 -16.88 23.37 25.38
N PHE A 71 -16.22 23.18 24.24
CA PHE A 71 -16.74 22.28 23.21
C PHE A 71 -15.82 21.09 23.03
N PRO A 72 -15.80 20.14 23.98
CA PRO A 72 -14.92 18.98 23.82
C PRO A 72 -15.32 18.08 22.65
N CYS A 73 -16.61 17.98 22.34
CA CYS A 73 -17.07 17.10 21.28
C CYS A 73 -16.95 17.71 19.89
N MET A 74 -16.61 18.99 19.79
CA MET A 74 -16.48 19.66 18.50
C MET A 74 -15.02 19.58 18.03
N ARG A 75 -14.58 18.36 17.78
CA ARG A 75 -13.21 18.10 17.36
C ARG A 75 -13.19 16.85 16.49
N LYS A 76 -12.08 16.69 15.76
CA LYS A 76 -11.83 15.49 14.96
C LYS A 76 -11.07 14.49 15.83
N ILE A 77 -11.74 13.38 16.17
CA ILE A 77 -11.11 12.39 17.04
C ILE A 77 -9.79 11.92 16.45
N GLY A 78 -9.75 11.72 15.14
CA GLY A 78 -8.53 11.28 14.49
C GLY A 78 -7.43 12.31 14.51
N LYS A 79 -7.63 13.43 13.81
CA LYS A 79 -6.62 14.47 13.74
C LYS A 79 -6.47 15.21 15.07
N GLY A 80 -7.50 15.20 15.91
CA GLY A 80 -7.42 15.91 17.18
C GLY A 80 -7.22 17.40 17.02
N ASP A 81 -7.90 18.02 16.07
CA ASP A 81 -7.80 19.45 15.81
C ASP A 81 -9.15 20.11 16.05
N VAL A 82 -9.11 21.27 16.71
CA VAL A 82 -10.33 22.00 17.03
C VAL A 82 -10.85 22.70 15.79
N ALA A 83 -12.17 22.86 15.71
CA ALA A 83 -12.79 23.53 14.59
C ALA A 83 -12.71 25.05 14.75
N THR A 84 -13.07 25.76 13.69
CA THR A 84 -13.06 27.22 13.68
C THR A 84 -14.48 27.74 13.48
N VAL A 85 -14.77 28.88 14.10
CA VAL A 85 -16.08 29.51 14.03
C VAL A 85 -15.91 31.02 13.98
N ASN A 86 -17.03 31.71 13.77
CA ASN A 86 -17.01 33.17 13.74
C ASN A 86 -16.64 33.74 15.11
N GLU A 87 -16.02 34.91 15.10
CA GLU A 87 -15.59 35.55 16.33
C GLU A 87 -16.68 36.44 16.93
N ALA A 88 -17.36 37.23 16.11
CA ALA A 88 -18.41 38.11 16.64
C ALA A 88 -19.55 37.31 17.24
N PHE A 89 -19.97 36.23 16.57
CA PHE A 89 -21.05 35.40 17.11
C PHE A 89 -20.64 34.73 18.40
N LEU A 90 -19.40 34.23 18.47
CA LEU A 90 -18.92 33.59 19.69
C LEU A 90 -18.88 34.60 20.83
N LYS A 91 -18.43 35.83 20.56
CA LYS A 91 -18.38 36.85 21.59
C LYS A 91 -19.79 37.21 22.06
N ASN A 92 -20.74 37.35 21.13
CA ASN A 92 -22.12 37.62 21.52
C ASN A 92 -22.67 36.50 22.38
N LEU A 93 -22.40 35.25 22.02
CA LEU A 93 -22.88 34.12 22.80
C LEU A 93 -22.28 34.13 24.21
N GLU A 94 -20.97 34.33 24.30
CA GLU A 94 -20.32 34.35 25.61
C GLU A 94 -20.80 35.51 26.46
N ALA A 95 -21.17 36.64 25.83
CA ALA A 95 -21.68 37.77 26.59
C ALA A 95 -23.10 37.51 27.07
N ILE A 96 -23.93 36.88 26.24
CA ILE A 96 -25.30 36.57 26.63
C ILE A 96 -25.40 35.31 27.47
N ILE A 97 -24.29 34.62 27.70
CA ILE A 97 -24.29 33.40 28.51
C ILE A 97 -23.47 33.58 29.79
N ASP A 98 -23.33 34.81 30.26
CA ASP A 98 -22.59 35.08 31.48
C ASP A 98 -23.50 34.87 32.69
N PRO A 99 -22.95 34.91 33.91
CA PRO A 99 -23.78 34.68 35.10
C PRO A 99 -24.95 35.65 35.21
N ARG A 100 -24.74 36.93 34.88
CA ARG A 100 -25.80 37.92 34.96
C ARG A 100 -26.74 37.88 33.76
N THR A 101 -26.53 36.95 32.82
CA THR A 101 -27.40 36.90 31.64
C THR A 101 -28.81 36.50 32.02
N SER A 102 -28.98 35.78 33.12
CA SER A 102 -30.27 35.24 33.57
C SER A 102 -30.75 34.10 32.69
N PHE A 103 -30.00 33.73 31.66
CA PHE A 103 -30.39 32.63 30.79
C PHE A 103 -30.18 31.28 31.47
N GLN A 104 -29.22 31.19 32.39
CA GLN A 104 -28.94 29.93 33.05
C GLN A 104 -30.09 29.48 33.93
N ALA A 105 -30.66 30.41 34.71
CA ALA A 105 -31.80 30.06 35.55
C ALA A 105 -32.99 29.61 34.73
N SER A 106 -33.26 30.31 33.62
CA SER A 106 -34.37 29.92 32.75
C SER A 106 -34.13 28.53 32.15
N VAL A 107 -32.91 28.27 31.68
CA VAL A 107 -32.64 26.98 31.08
C VAL A 107 -32.72 25.87 32.11
N GLU A 108 -32.28 26.14 33.35
CA GLU A 108 -32.35 25.12 34.38
C GLU A 108 -33.79 24.83 34.78
N MET A 109 -34.60 25.87 34.95
CA MET A 109 -36.01 25.65 35.26
C MET A 109 -36.72 24.93 34.12
N ALA A 110 -36.32 25.20 32.87
CA ALA A 110 -36.93 24.51 31.75
C ALA A 110 -36.54 23.04 31.73
N VAL A 111 -35.24 22.74 31.92
CA VAL A 111 -34.80 21.36 31.95
C VAL A 111 -35.46 20.61 33.11
N ARG A 112 -35.73 21.30 34.21
CA ARG A 112 -36.47 20.68 35.30
C ARG A 112 -37.93 20.47 34.94
N SER A 113 -38.50 21.34 34.11
CA SER A 113 -39.89 21.22 33.72
C SER A 113 -40.12 20.07 32.74
N ARG A 114 -39.06 19.57 32.10
CA ARG A 114 -39.18 18.46 31.15
C ARG A 114 -40.10 18.84 29.98
N LYS A 115 -39.82 20.00 29.39
CA LYS A 115 -40.60 20.51 28.28
C LYS A 115 -39.71 20.77 27.08
N GLN A 116 -40.34 20.91 25.92
CA GLN A 116 -39.60 21.18 24.69
C GLN A 116 -39.14 22.63 24.66
N ILE A 117 -37.95 22.85 24.09
CA ILE A 117 -37.36 24.18 23.99
C ILE A 117 -36.71 24.31 22.61
N VAL A 118 -36.80 25.50 22.02
CA VAL A 118 -36.23 25.77 20.72
C VAL A 118 -35.57 27.14 20.74
N PHE A 119 -34.50 27.27 19.95
CA PHE A 119 -33.75 28.51 19.82
C PHE A 119 -33.87 28.97 18.36
N THR A 120 -34.39 30.19 18.17
CA THR A 120 -34.65 30.70 16.84
C THR A 120 -34.16 32.14 16.71
N GLY A 121 -34.00 32.58 15.47
CA GLY A 121 -33.56 33.93 15.18
C GLY A 121 -33.72 34.21 13.70
N HIS A 122 -33.98 35.47 13.39
CA HIS A 122 -34.34 35.83 12.02
C HIS A 122 -33.12 36.01 11.12
N SER A 123 -32.26 36.98 11.43
CA SER A 123 -31.15 37.27 10.54
C SER A 123 -29.83 36.76 11.11
N SER A 124 -29.47 37.23 12.31
CA SER A 124 -28.21 36.85 12.92
C SER A 124 -28.36 36.23 14.30
N GLY A 125 -29.34 36.67 15.10
CA GLY A 125 -29.60 35.99 16.37
C GLY A 125 -29.79 34.51 16.19
N GLY A 126 -30.51 34.11 15.14
CA GLY A 126 -30.66 32.69 14.86
C GLY A 126 -29.32 31.98 14.73
N ALA A 127 -28.36 32.61 14.06
CA ALA A 127 -27.00 32.08 14.04
C ALA A 127 -26.51 31.83 15.45
N THR A 128 -26.59 32.83 16.33
CA THR A 128 -26.27 32.63 17.73
C THR A 128 -27.07 31.50 18.35
N ALA A 129 -28.35 31.37 17.99
CA ALA A 129 -29.14 30.24 18.47
C ALA A 129 -28.41 28.92 18.23
N ILE A 130 -27.82 28.77 17.04
CA ILE A 130 -26.99 27.61 16.78
C ILE A 130 -25.90 27.49 17.84
N LEU A 131 -25.06 28.53 17.96
CA LEU A 131 -24.03 28.54 18.99
C LEU A 131 -24.59 28.26 20.37
N ALA A 132 -25.88 28.50 20.57
CA ALA A 132 -26.51 28.16 21.85
C ALA A 132 -26.93 26.70 21.87
N THR A 133 -27.64 26.25 20.83
CA THR A 133 -28.15 24.88 20.81
C THR A 133 -27.00 23.88 20.96
N VAL A 134 -25.91 24.08 20.22
CA VAL A 134 -24.74 23.22 20.38
C VAL A 134 -24.30 23.20 21.83
N TRP A 135 -24.20 24.38 22.44
CA TRP A 135 -23.88 24.45 23.86
C TRP A 135 -24.90 23.66 24.68
N TYR A 136 -26.19 23.86 24.39
CA TYR A 136 -27.23 23.11 25.09
C TYR A 136 -27.05 21.61 24.92
N LEU A 137 -26.41 21.19 23.81
CA LEU A 137 -26.15 19.78 23.58
C LEU A 137 -24.81 19.33 24.16
N GLU A 138 -23.89 20.26 24.43
CA GLU A 138 -22.58 19.92 24.96
C GLU A 138 -22.52 19.93 26.48
N LYS A 139 -23.59 20.36 27.15
CA LYS A 139 -23.62 20.42 28.60
C LYS A 139 -24.70 19.56 29.24
N TYR A 140 -25.83 19.34 28.56
CA TYR A 140 -26.93 18.57 29.12
C TYR A 140 -27.25 17.32 28.32
N PHE A 141 -27.40 17.44 26.99
CA PHE A 141 -27.82 16.29 26.19
C PHE A 141 -26.79 15.18 26.23
N ILE A 142 -25.56 15.47 25.77
CA ILE A 142 -24.54 14.44 25.67
C ILE A 142 -24.23 13.85 27.05
N ARG A 143 -24.13 14.71 28.07
CA ARG A 143 -23.74 14.26 29.40
C ARG A 143 -24.90 13.70 30.20
N ASN A 144 -26.14 14.08 29.88
CA ASN A 144 -27.33 13.67 30.64
C ASN A 144 -28.25 12.86 29.74
N PRO A 145 -27.98 11.56 29.57
CA PRO A 145 -28.91 10.70 28.84
C PRO A 145 -30.24 10.50 29.54
N ASN A 146 -30.34 10.92 30.82
CA ASN A 146 -31.60 10.80 31.53
C ASN A 146 -32.70 11.60 30.85
N VAL A 147 -32.36 12.73 30.24
CA VAL A 147 -33.36 13.59 29.65
C VAL A 147 -33.73 13.11 28.25
N TYR A 148 -34.96 13.41 27.84
CA TYR A 148 -35.41 13.27 26.46
C TYR A 148 -35.35 14.62 25.73
N LEU A 149 -34.33 15.41 26.01
CA LEU A 149 -34.24 16.80 25.56
C LEU A 149 -33.64 16.84 24.15
N GLU A 150 -34.48 16.52 23.17
CA GLU A 150 -34.08 16.72 21.78
C GLU A 150 -34.39 18.15 21.38
N PRO A 151 -33.39 19.03 21.38
CA PRO A 151 -33.65 20.45 21.06
C PRO A 151 -34.05 20.63 19.61
N ARG A 152 -34.56 21.82 19.32
CA ARG A 152 -34.99 22.18 17.97
C ARG A 152 -34.49 23.58 17.66
N CYS A 153 -33.67 23.70 16.62
CA CYS A 153 -33.13 24.98 16.18
C CYS A 153 -33.73 25.33 14.83
N VAL A 154 -34.28 26.53 14.72
CA VAL A 154 -34.94 26.99 13.51
C VAL A 154 -34.39 28.37 13.16
N THR A 155 -33.82 28.52 11.97
CA THR A 155 -33.29 29.77 11.49
C THR A 155 -33.95 30.14 10.17
N PHE A 156 -33.95 31.43 9.86
CA PHE A 156 -34.54 31.95 8.63
C PHE A 156 -33.46 32.72 7.87
N GLY A 157 -32.71 32.01 7.03
CA GLY A 157 -31.65 32.64 6.26
C GLY A 157 -30.53 33.17 7.12
N ALA A 158 -29.95 32.32 7.97
CA ALA A 158 -28.86 32.72 8.83
C ALA A 158 -27.52 32.42 8.15
N PRO A 159 -26.57 33.35 8.17
CA PRO A 159 -25.29 33.10 7.51
C PRO A 159 -24.57 31.90 8.12
N LEU A 160 -23.62 31.36 7.36
CA LEU A 160 -22.84 30.22 7.83
C LEU A 160 -22.07 30.59 9.08
N VAL A 161 -22.11 29.70 10.07
CA VAL A 161 -21.46 29.94 11.36
C VAL A 161 -20.58 28.75 11.72
N GLY A 162 -20.17 27.99 10.72
CA GLY A 162 -19.34 26.82 10.96
C GLY A 162 -18.57 26.43 9.72
N ASP A 163 -17.38 25.87 9.93
CA ASP A 163 -16.55 25.39 8.85
C ASP A 163 -16.82 23.91 8.60
N SER A 164 -15.97 23.28 7.79
CA SER A 164 -16.15 21.87 7.48
C SER A 164 -16.08 21.00 8.73
N ILE A 165 -15.11 21.30 9.62
CA ILE A 165 -14.98 20.51 10.84
C ILE A 165 -16.22 20.65 11.71
N PHE A 166 -16.85 21.83 11.70
CA PHE A 166 -18.06 22.02 12.50
C PHE A 166 -19.17 21.10 12.02
N SER A 167 -19.39 21.05 10.70
CA SER A 167 -20.41 20.16 10.16
C SER A 167 -20.05 18.70 10.39
N HIS A 168 -18.78 18.34 10.25
CA HIS A 168 -18.35 16.97 10.51
C HIS A 168 -18.66 16.57 11.95
N ALA A 169 -18.37 17.46 12.90
CA ALA A 169 -18.66 17.16 14.31
C ALA A 169 -20.16 17.06 14.54
N LEU A 170 -20.94 18.00 13.98
CA LEU A 170 -22.39 17.94 14.14
C LEU A 170 -22.97 16.65 13.58
N GLY A 171 -22.37 16.12 12.51
CA GLY A 171 -22.86 14.89 11.91
C GLY A 171 -22.43 13.65 12.66
N ARG A 172 -21.20 13.64 13.16
CA ARG A 172 -20.70 12.46 13.86
C ARG A 172 -21.47 12.18 15.16
N GLU A 173 -22.15 13.18 15.70
CA GLU A 173 -22.90 13.01 16.95
C GLU A 173 -24.40 12.83 16.72
N LYS A 174 -24.84 12.73 15.46
CA LYS A 174 -26.24 12.56 15.13
C LYS A 174 -27.08 13.77 15.52
N TRP A 175 -26.48 14.96 15.48
CA TRP A 175 -27.16 16.19 15.87
C TRP A 175 -27.57 17.05 14.68
N SER A 176 -27.10 16.73 13.48
CA SER A 176 -27.45 17.53 12.32
C SER A 176 -28.95 17.55 12.07
N ARG A 177 -29.65 16.48 12.46
CA ARG A 177 -31.09 16.41 12.26
C ARG A 177 -31.88 17.35 13.16
N PHE A 178 -31.22 17.97 14.14
CA PHE A 178 -31.88 18.88 15.07
C PHE A 178 -31.83 20.33 14.62
N PHE A 179 -31.54 20.59 13.35
CA PHE A 179 -31.43 21.94 12.83
C PHE A 179 -32.33 22.09 11.60
N VAL A 180 -32.84 23.30 11.41
CA VAL A 180 -33.63 23.63 10.23
C VAL A 180 -33.33 25.08 9.85
N ASN A 181 -33.16 25.32 8.56
CA ASN A 181 -32.80 26.64 8.06
C ASN A 181 -33.62 26.94 6.81
N PHE A 182 -34.64 27.80 6.97
CA PHE A 182 -35.45 28.24 5.84
C PHE A 182 -34.77 29.43 5.16
N VAL A 183 -34.66 29.36 3.84
CA VAL A 183 -34.03 30.42 3.06
C VAL A 183 -34.81 30.61 1.76
N SER A 184 -35.02 31.86 1.39
CA SER A 184 -35.69 32.18 0.14
C SER A 184 -34.74 31.97 -1.04
N ARG A 185 -35.26 32.15 -2.25
CA ARG A 185 -34.43 31.98 -3.44
C ARG A 185 -33.45 33.13 -3.60
N PHE A 186 -33.86 34.34 -3.26
CA PHE A 186 -33.03 35.53 -3.40
C PHE A 186 -32.81 36.13 -2.01
N ASP A 187 -31.72 35.73 -1.36
CA ASP A 187 -31.36 36.26 -0.05
C ASP A 187 -29.85 36.16 0.09
N ILE A 188 -29.16 37.29 -0.05
CA ILE A 188 -27.70 37.30 -0.01
C ILE A 188 -27.13 37.26 1.40
N VAL A 189 -27.99 37.36 2.42
CA VAL A 189 -27.48 37.36 3.79
C VAL A 189 -26.68 36.11 4.11
N PRO A 190 -27.17 34.89 3.88
CA PRO A 190 -26.36 33.70 4.19
C PRO A 190 -25.03 33.68 3.47
N ARG A 191 -24.96 34.24 2.26
CA ARG A 191 -23.73 34.23 1.47
C ARG A 191 -22.82 35.42 1.77
N ILE A 192 -23.28 36.39 2.54
CA ILE A 192 -22.45 37.55 2.84
C ILE A 192 -21.13 37.13 3.46
N MET A 193 -21.19 36.27 4.49
CA MET A 193 -19.98 35.83 5.17
C MET A 193 -19.03 35.05 4.25
N LEU A 194 -19.51 34.60 3.09
CA LEU A 194 -18.63 33.92 2.14
C LEU A 194 -17.78 34.89 1.32
N ALA A 195 -18.06 36.18 1.38
CA ALA A 195 -17.31 37.18 0.64
C ALA A 195 -16.07 37.61 1.41
N ARG A 196 -15.13 38.23 0.68
CA ARG A 196 -13.92 38.71 1.30
C ARG A 196 -14.21 39.94 2.15
N LYS A 197 -13.44 40.07 3.25
CA LYS A 197 -13.64 41.20 4.14
C LYS A 197 -13.26 42.51 3.48
N ALA A 198 -12.26 42.51 2.60
CA ALA A 198 -11.83 43.73 1.92
C ALA A 198 -12.63 44.01 0.66
N SER A 199 -13.04 42.97 -0.06
CA SER A 199 -13.80 43.17 -1.29
C SER A 199 -15.12 43.90 -1.02
N VAL A 200 -15.70 43.71 0.15
CA VAL A 200 -16.97 44.33 0.50
C VAL A 200 -16.84 45.17 1.78
N GLU A 201 -15.62 45.52 2.17
CA GLU A 201 -15.42 46.31 3.38
C GLU A 201 -16.11 47.67 3.29
N GLU A 202 -16.13 48.26 2.08
CA GLU A 202 -16.74 49.58 1.92
C GLU A 202 -18.26 49.48 1.84
N THR A 203 -18.77 48.72 0.87
CA THR A 203 -20.21 48.61 0.69
C THR A 203 -20.90 47.92 1.87
N LEU A 204 -20.14 47.26 2.74
CA LEU A 204 -20.76 46.57 3.87
C LEU A 204 -21.55 47.51 4.77
N PRO A 205 -21.09 48.72 5.08
CA PRO A 205 -21.88 49.59 5.96
C PRO A 205 -23.23 49.97 5.37
N HIS A 206 -23.25 50.46 4.13
CA HIS A 206 -24.51 50.84 3.50
C HIS A 206 -25.41 49.63 3.29
N VAL A 207 -24.82 48.48 2.96
CA VAL A 207 -25.61 47.26 2.79
C VAL A 207 -26.29 46.89 4.10
N LEU A 208 -25.53 46.88 5.19
CA LEU A 208 -26.12 46.55 6.49
C LEU A 208 -27.19 47.57 6.88
N ALA A 209 -26.95 48.85 6.62
CA ALA A 209 -27.93 49.88 6.93
C ALA A 209 -29.23 49.64 6.18
N GLN A 210 -29.14 49.42 4.87
CA GLN A 210 -30.34 49.17 4.07
C GLN A 210 -31.04 47.88 4.50
N LEU A 211 -30.28 46.88 4.92
CA LEU A 211 -30.87 45.62 5.36
C LEU A 211 -31.57 45.74 6.71
N ASP A 212 -31.32 46.80 7.45
CA ASP A 212 -31.93 46.97 8.76
C ASP A 212 -33.44 47.00 8.62
N PRO A 213 -34.17 46.09 9.29
CA PRO A 213 -35.64 46.12 9.15
C PRO A 213 -36.27 47.32 9.83
N ARG A 214 -35.76 47.71 11.00
CA ARG A 214 -36.34 48.85 11.71
C ARG A 214 -36.14 50.14 10.92
N LYS A 215 -34.90 50.41 10.52
CA LYS A 215 -34.56 51.62 9.76
C LYS A 215 -34.58 51.26 8.28
N SER A 216 -35.73 51.43 7.65
CA SER A 216 -35.91 51.13 6.24
C SER A 216 -35.85 52.38 5.36
N SER A 217 -35.61 53.55 5.94
CA SER A 217 -35.53 54.80 5.19
C SER A 217 -34.14 55.08 4.64
N VAL A 218 -33.26 54.08 4.62
CA VAL A 218 -31.91 54.28 4.11
C VAL A 218 -31.96 54.49 2.60
N GLN A 219 -31.15 55.41 2.11
CA GLN A 219 -31.09 55.71 0.68
C GLN A 219 -30.39 54.56 -0.03
N GLU A 220 -31.17 53.68 -0.65
CA GLU A 220 -30.63 52.52 -1.34
C GLU A 220 -29.89 52.96 -2.59
N SER A 221 -28.57 52.81 -2.58
CA SER A 221 -27.74 53.15 -3.73
C SER A 221 -27.67 51.94 -4.65
N GLU A 222 -28.28 52.06 -5.83
CA GLU A 222 -28.33 50.93 -6.76
C GLU A 222 -26.93 50.48 -7.15
N GLN A 223 -26.03 51.44 -7.41
CA GLN A 223 -24.68 51.08 -7.85
C GLN A 223 -23.94 50.28 -6.78
N ARG A 224 -23.95 50.78 -5.54
CA ARG A 224 -23.23 50.10 -4.47
C ARG A 224 -23.84 48.73 -4.18
N ILE A 225 -25.18 48.64 -4.14
CA ILE A 225 -25.82 47.36 -3.90
C ILE A 225 -25.45 46.37 -5.00
N THR A 226 -25.49 46.81 -6.26
CA THR A 226 -25.17 45.91 -7.36
C THR A 226 -23.73 45.46 -7.30
N GLU A 227 -22.80 46.37 -7.01
CA GLU A 227 -21.40 45.98 -6.94
C GLU A 227 -21.15 45.01 -5.78
N PHE A 228 -21.78 45.26 -4.64
CA PHE A 228 -21.62 44.36 -3.50
C PHE A 228 -22.17 42.97 -3.82
N TYR A 229 -23.36 42.92 -4.43
CA TYR A 229 -23.93 41.63 -4.81
C TYR A 229 -23.04 40.92 -5.81
N THR A 230 -22.49 41.65 -6.77
CA THR A 230 -21.61 41.04 -7.76
C THR A 230 -20.36 40.47 -7.10
N ARG A 231 -19.75 41.21 -6.18
CA ARG A 231 -18.56 40.72 -5.49
C ARG A 231 -18.88 39.47 -4.67
N VAL A 232 -20.00 39.49 -3.94
CA VAL A 232 -20.34 38.35 -3.10
C VAL A 232 -20.60 37.12 -3.98
N MET A 233 -21.36 37.29 -5.07
CA MET A 233 -21.63 36.16 -5.94
C MET A 233 -20.37 35.67 -6.64
N ARG A 234 -19.43 36.56 -6.95
CA ARG A 234 -18.19 36.14 -7.58
C ARG A 234 -17.36 35.30 -6.63
N ASP A 235 -17.21 35.75 -5.37
CA ASP A 235 -16.45 34.95 -4.41
C ASP A 235 -17.15 33.62 -4.14
N THR A 236 -18.48 33.63 -4.09
CA THR A 236 -19.22 32.37 -3.90
C THR A 236 -19.00 31.43 -5.08
N SER A 237 -18.98 31.97 -6.30
CA SER A 237 -18.72 31.13 -7.46
C SER A 237 -17.31 30.55 -7.42
N THR A 238 -16.33 31.36 -7.00
CA THR A 238 -14.97 30.85 -6.87
C THR A 238 -14.91 29.72 -5.87
N VAL A 239 -15.52 29.89 -4.69
CA VAL A 239 -15.47 28.85 -3.67
C VAL A 239 -16.21 27.61 -4.14
N ALA A 240 -17.31 27.79 -4.87
CA ALA A 240 -18.06 26.64 -5.37
C ALA A 240 -17.26 25.88 -6.42
N ASN A 241 -16.58 26.59 -7.31
CA ASN A 241 -15.73 25.92 -8.29
C ASN A 241 -14.60 25.17 -7.61
N GLN A 242 -13.98 25.78 -6.60
CA GLN A 242 -12.94 25.09 -5.85
C GLN A 242 -13.48 23.83 -5.20
N ALA A 243 -14.68 23.91 -4.62
CA ALA A 243 -15.26 22.74 -3.96
C ALA A 243 -15.56 21.64 -4.97
N VAL A 244 -16.15 21.98 -6.10
CA VAL A 244 -16.47 20.97 -7.10
C VAL A 244 -15.20 20.34 -7.65
N CYS A 245 -14.14 21.13 -7.81
CA CYS A 245 -12.86 20.59 -8.27
C CYS A 245 -12.29 19.62 -7.25
N GLU A 246 -12.19 20.05 -5.98
CA GLU A 246 -11.66 19.16 -4.95
C GLU A 246 -12.49 17.90 -4.81
N LEU A 247 -13.80 17.99 -5.07
CA LEU A 247 -14.64 16.80 -5.05
C LEU A 247 -14.34 15.89 -6.24
N THR A 248 -14.09 16.48 -7.41
CA THR A 248 -13.69 15.68 -8.56
C THR A 248 -12.37 14.99 -8.33
N GLY A 249 -11.45 15.64 -7.61
CA GLY A 249 -10.17 15.06 -7.29
C GLY A 249 -9.12 15.16 -8.37
N SER A 250 -9.47 15.62 -9.57
CA SER A 250 -8.53 15.72 -10.65
C SER A 250 -7.72 17.01 -10.57
N ALA A 251 -6.46 16.92 -11.01
CA ALA A 251 -5.55 18.07 -11.03
C ALA A 251 -5.31 18.59 -9.62
N GLU A 252 -4.89 17.70 -8.72
CA GLU A 252 -4.61 18.11 -7.35
C GLU A 252 -3.41 19.02 -7.27
N ALA A 253 -2.35 18.72 -8.03
CA ALA A 253 -1.15 19.55 -8.00
C ALA A 253 -1.45 20.96 -8.50
N PHE A 254 -2.08 21.07 -9.66
CA PHE A 254 -2.41 22.39 -10.20
C PHE A 254 -3.42 23.10 -9.30
N LEU A 255 -4.35 22.36 -8.72
CA LEU A 255 -5.31 22.98 -7.80
C LEU A 255 -4.62 23.60 -6.60
N GLU A 256 -3.68 22.85 -6.00
CA GLU A 256 -2.93 23.39 -4.85
C GLU A 256 -2.06 24.56 -5.27
N THR A 257 -1.43 24.48 -6.44
CA THR A 257 -0.61 25.59 -6.91
C THR A 257 -1.44 26.85 -7.09
N LEU A 258 -2.65 26.72 -7.63
CA LEU A 258 -3.52 27.88 -7.81
C LEU A 258 -4.01 28.40 -6.46
N SER A 259 -4.39 27.50 -5.55
CA SER A 259 -4.87 27.94 -4.24
C SER A 259 -3.78 28.63 -3.44
N SER A 260 -2.51 28.27 -3.68
CA SER A 260 -1.42 28.92 -2.97
C SER A 260 -1.44 30.43 -3.11
N PHE A 261 -1.95 30.92 -4.24
CA PHE A 261 -2.06 32.35 -4.49
C PHE A 261 -3.48 32.88 -4.39
N LEU A 262 -4.44 32.04 -4.02
CA LEU A 262 -5.83 32.44 -3.90
C LEU A 262 -6.29 32.28 -2.45
N GLU A 263 -7.41 32.93 -2.14
CA GLU A 263 -8.01 32.89 -0.81
C GLU A 263 -9.48 32.53 -0.92
N LEU A 264 -9.97 31.74 0.03
CA LEU A 264 -11.36 31.31 0.04
C LEU A 264 -11.83 31.18 1.47
N SER A 265 -13.06 31.62 1.71
CA SER A 265 -13.62 31.53 3.06
C SER A 265 -13.84 30.06 3.43
N PRO A 266 -13.44 29.64 4.63
CA PRO A 266 -13.60 28.23 5.03
C PRO A 266 -14.99 27.89 5.57
N TYR A 267 -15.94 28.83 5.54
CA TYR A 267 -17.27 28.55 6.05
C TYR A 267 -17.97 27.50 5.20
N ARG A 268 -18.88 26.76 5.84
CA ARG A 268 -19.63 25.71 5.17
C ARG A 268 -21.00 25.60 5.82
N PRO A 269 -22.03 25.23 5.08
CA PRO A 269 -23.36 25.09 5.68
C PRO A 269 -23.37 24.01 6.74
N ALA A 270 -24.13 24.25 7.81
CA ALA A 270 -24.25 23.32 8.93
C ALA A 270 -25.71 22.97 9.12
N GLY A 271 -26.03 21.67 9.04
CA GLY A 271 -27.40 21.22 9.21
C GLY A 271 -28.17 21.19 7.90
N THR A 272 -29.44 20.81 8.03
CA THR A 272 -30.33 20.71 6.87
C THR A 272 -30.83 22.10 6.49
N PHE A 273 -31.05 22.28 5.18
CA PHE A 273 -31.53 23.55 4.65
C PHE A 273 -32.79 23.31 3.84
N VAL A 274 -33.59 24.37 3.68
CA VAL A 274 -34.85 24.30 2.97
C VAL A 274 -35.01 25.60 2.18
N PHE A 275 -35.02 25.49 0.85
CA PHE A 275 -35.24 26.64 -0.02
C PHE A 275 -36.73 26.81 -0.30
N SER A 276 -37.17 28.05 -0.31
CA SER A 276 -38.58 28.40 -0.47
C SER A 276 -38.80 28.99 -1.87
N THR A 277 -39.70 28.36 -2.63
CA THR A 277 -40.05 28.86 -3.95
C THR A 277 -41.31 29.73 -3.85
N GLU A 278 -41.85 30.13 -4.99
CA GLU A 278 -43.08 30.92 -4.99
C GLU A 278 -44.28 30.07 -4.54
N LYS A 279 -44.26 28.77 -4.83
CA LYS A 279 -45.33 27.87 -4.41
C LYS A 279 -44.84 26.56 -3.83
N ARG A 280 -43.56 26.21 -3.93
CA ARG A 280 -43.04 24.95 -3.46
C ARG A 280 -41.86 25.16 -2.52
N LEU A 281 -41.59 24.15 -1.70
CA LEU A 281 -40.47 24.17 -0.76
C LEU A 281 -39.62 22.93 -1.00
N VAL A 282 -38.33 23.14 -1.22
CA VAL A 282 -37.38 22.05 -1.44
C VAL A 282 -36.49 21.92 -0.20
N ALA A 283 -36.05 20.70 0.07
CA ALA A 283 -35.22 20.42 1.23
C ALA A 283 -33.96 19.69 0.79
N VAL A 284 -32.83 20.02 1.42
CA VAL A 284 -31.55 19.39 1.15
C VAL A 284 -30.82 19.18 2.47
N ASN A 285 -30.16 18.04 2.61
CA ASN A 285 -29.43 17.70 3.82
C ASN A 285 -27.93 17.59 3.61
N ASN A 286 -27.46 17.54 2.36
CA ASN A 286 -26.03 17.44 2.10
C ASN A 286 -25.40 18.82 2.11
N SER A 287 -24.29 18.95 2.85
CA SER A 287 -23.64 20.26 2.98
C SER A 287 -23.07 20.72 1.64
N ASP A 288 -22.35 19.83 0.94
CA ASP A 288 -21.76 20.21 -0.33
C ASP A 288 -22.83 20.58 -1.36
N ALA A 289 -23.94 19.82 -1.39
CA ALA A 289 -25.02 20.15 -2.30
C ALA A 289 -25.64 21.50 -1.96
N ILE A 290 -25.81 21.79 -0.67
CA ILE A 290 -26.37 23.07 -0.27
C ILE A 290 -25.44 24.21 -0.71
N LEU A 291 -24.13 24.03 -0.50
CA LEU A 291 -23.18 25.06 -0.91
C LEU A 291 -23.21 25.28 -2.42
N GLN A 292 -23.26 24.18 -3.19
CA GLN A 292 -23.30 24.31 -4.64
C GLN A 292 -24.58 25.01 -5.09
N MET A 293 -25.70 24.71 -4.44
CA MET A 293 -26.97 25.31 -4.85
C MET A 293 -27.09 26.76 -4.41
N LEU A 294 -26.41 27.14 -3.34
CA LEU A 294 -26.50 28.52 -2.86
C LEU A 294 -26.08 29.52 -3.93
N PHE A 295 -25.21 29.12 -4.84
CA PHE A 295 -24.73 30.02 -5.89
C PHE A 295 -25.57 29.95 -7.16
N TYR A 296 -26.17 28.80 -7.45
CA TYR A 296 -26.91 28.62 -8.69
C TYR A 296 -28.38 28.99 -8.56
N THR A 297 -28.96 28.86 -7.37
CA THR A 297 -30.37 29.23 -7.20
C THR A 297 -30.59 30.72 -7.45
N SER A 298 -29.56 31.55 -7.24
CA SER A 298 -29.66 32.98 -7.43
C SER A 298 -28.88 33.45 -8.66
N GLN A 299 -28.55 32.54 -9.57
CA GLN A 299 -27.81 32.91 -10.76
C GLN A 299 -28.61 33.91 -11.60
N ALA A 300 -27.89 34.79 -12.30
CA ALA A 300 -28.54 35.79 -13.14
C ALA A 300 -29.33 35.12 -14.26
N SER A 301 -30.61 35.49 -14.37
CA SER A 301 -31.46 34.91 -15.41
C SER A 301 -31.28 35.62 -16.74
N ASP A 302 -31.30 36.96 -16.73
CA ASP A 302 -31.16 37.74 -17.95
C ASP A 302 -30.80 39.17 -17.55
N GLU A 303 -30.75 40.06 -18.55
CA GLU A 303 -30.41 41.46 -18.28
C GLU A 303 -31.41 42.08 -17.30
N GLN A 304 -32.70 41.99 -17.62
CA GLN A 304 -33.71 42.53 -16.72
C GLN A 304 -33.65 41.85 -15.36
N GLU A 305 -33.50 40.52 -15.34
CA GLU A 305 -33.38 39.81 -14.08
C GLU A 305 -32.08 40.16 -13.36
N TRP A 306 -30.98 40.27 -14.10
CA TRP A 306 -29.71 40.65 -13.49
C TRP A 306 -29.76 42.05 -12.90
N SER A 307 -30.65 42.91 -13.40
CA SER A 307 -30.79 44.25 -12.86
C SER A 307 -31.80 44.32 -11.73
N LEU A 308 -32.83 43.47 -11.74
CA LEU A 308 -33.83 43.46 -10.69
C LEU A 308 -33.46 42.60 -9.50
N ILE A 309 -32.42 41.76 -9.63
CA ILE A 309 -32.00 40.91 -8.51
C ILE A 309 -31.67 41.72 -7.26
N PRO A 310 -31.13 42.93 -7.35
CA PRO A 310 -30.86 43.68 -6.10
C PRO A 310 -32.12 43.96 -5.30
N PHE A 311 -33.19 44.41 -5.96
CA PHE A 311 -34.43 44.69 -5.24
C PHE A 311 -34.97 43.43 -4.56
N ARG A 312 -34.94 42.31 -5.27
CA ARG A 312 -35.43 41.06 -4.70
C ARG A 312 -34.56 40.62 -3.52
N SER A 313 -33.24 40.74 -3.66
CA SER A 313 -32.36 40.38 -2.56
C SER A 313 -32.58 41.27 -1.35
N ILE A 314 -32.97 42.52 -1.58
CA ILE A 314 -33.19 43.43 -0.46
C ILE A 314 -34.56 43.20 0.17
N ARG A 315 -35.55 42.75 -0.60
CA ARG A 315 -36.91 42.62 -0.08
C ARG A 315 -37.20 41.24 0.50
N ASP A 316 -36.64 40.18 -0.08
CA ASP A 316 -36.95 38.83 0.39
C ASP A 316 -36.49 38.62 1.83
N HIS A 317 -35.45 39.33 2.26
CA HIS A 317 -34.97 39.17 3.64
C HIS A 317 -36.06 39.53 4.63
N HIS A 318 -36.87 40.55 4.32
CA HIS A 318 -37.96 40.95 5.20
C HIS A 318 -39.28 40.28 4.82
N SER A 319 -39.39 39.75 3.60
CA SER A 319 -40.62 39.11 3.13
C SER A 319 -40.81 37.70 3.68
N TYR A 320 -40.08 37.33 4.74
CA TYR A 320 -40.24 36.00 5.30
C TYR A 320 -41.64 35.74 5.82
N GLU A 321 -42.39 36.80 6.16
CA GLU A 321 -43.76 36.61 6.61
C GLU A 321 -44.60 35.95 5.53
N GLU A 322 -44.35 36.27 4.26
CA GLU A 322 -45.10 35.67 3.17
C GLU A 322 -45.06 34.14 3.25
N LEU A 323 -43.86 33.56 3.26
CA LEU A 323 -43.77 32.11 3.31
C LEU A 323 -44.16 31.56 4.69
N VAL A 324 -43.87 32.30 5.76
CA VAL A 324 -44.25 31.79 7.08
C VAL A 324 -45.76 31.66 7.19
N GLN A 325 -46.51 32.47 6.43
CA GLN A 325 -47.96 32.37 6.44
C GLN A 325 -48.50 31.45 5.34
N SER A 326 -47.79 31.31 4.23
CA SER A 326 -48.24 30.48 3.13
C SER A 326 -47.76 29.03 3.22
N MET A 327 -46.97 28.69 4.24
CA MET A 327 -46.51 27.31 4.39
C MET A 327 -47.67 26.33 4.36
N GLY A 328 -48.88 26.77 4.73
CA GLY A 328 -50.02 25.87 4.69
C GLY A 328 -50.26 25.30 3.31
N LYS A 329 -50.11 26.12 2.28
CA LYS A 329 -50.31 25.71 0.89
C LYS A 329 -48.96 25.80 0.17
N LYS A 330 -48.34 24.66 -0.07
CA LYS A 330 -47.06 24.59 -0.77
C LYS A 330 -46.73 23.13 -1.02
N LEU A 331 -45.77 22.90 -1.92
CA LEU A 331 -45.34 21.56 -2.27
C LEU A 331 -44.04 21.22 -1.55
N PHE A 332 -43.97 20.02 -0.98
CA PHE A 332 -42.79 19.54 -0.27
C PHE A 332 -42.14 18.42 -1.07
N ASN A 333 -40.83 18.52 -1.25
CA ASN A 333 -40.09 17.50 -2.00
C ASN A 333 -38.72 17.34 -1.37
N HIS A 334 -38.35 16.11 -1.04
CA HIS A 334 -37.04 15.80 -0.50
C HIS A 334 -36.12 15.44 -1.67
N LEU A 335 -35.15 16.32 -1.95
CA LEU A 335 -34.26 16.09 -3.08
C LEU A 335 -33.51 14.77 -2.95
N ASP A 336 -33.32 14.27 -1.72
CA ASP A 336 -32.65 12.99 -1.54
C ASP A 336 -33.61 11.83 -1.77
N GLY A 337 -34.91 12.02 -1.53
CA GLY A 337 -35.88 10.99 -1.81
C GLY A 337 -35.90 10.60 -3.26
N GLU A 338 -36.31 11.53 -4.13
CA GLU A 338 -36.27 11.27 -5.56
C GLU A 338 -34.87 11.45 -6.11
N ASN A 339 -34.59 10.77 -7.22
CA ASN A 339 -33.27 10.81 -7.84
C ASN A 339 -33.21 11.73 -9.05
N SER A 340 -34.23 11.69 -9.92
CA SER A 340 -34.29 12.59 -11.07
C SER A 340 -34.77 13.95 -10.55
N ILE A 341 -33.85 14.67 -9.92
CA ILE A 341 -34.16 15.96 -9.32
C ILE A 341 -34.46 17.04 -10.36
N GLU A 342 -34.43 16.69 -11.65
CA GLU A 342 -34.67 17.67 -12.71
C GLU A 342 -35.96 18.43 -12.48
N SER A 343 -36.99 17.77 -11.93
CA SER A 343 -38.26 18.44 -11.67
C SER A 343 -38.05 19.72 -10.85
N THR A 344 -37.50 19.57 -9.65
CA THR A 344 -37.28 20.73 -8.78
C THR A 344 -36.18 21.63 -9.33
N LEU A 345 -35.15 21.07 -9.94
CA LEU A 345 -34.09 21.89 -10.50
C LEU A 345 -34.61 22.82 -11.58
N ASN A 346 -35.68 22.43 -12.28
CA ASN A 346 -36.26 23.29 -13.29
C ASN A 346 -37.32 24.22 -12.71
N ASP A 347 -38.15 23.71 -11.80
CA ASP A 347 -39.19 24.57 -11.23
C ASP A 347 -38.63 25.63 -10.31
N LEU A 348 -37.38 25.49 -9.84
CA LEU A 348 -36.77 26.52 -9.01
C LEU A 348 -36.02 27.55 -9.83
N GLY A 349 -35.28 27.14 -10.86
CA GLY A 349 -34.59 28.08 -11.71
C GLY A 349 -33.10 27.83 -11.87
N VAL A 350 -32.65 26.62 -11.58
CA VAL A 350 -31.24 26.28 -11.72
C VAL A 350 -31.03 25.64 -13.09
N SER A 351 -29.80 25.75 -13.59
CA SER A 351 -29.44 25.25 -14.90
C SER A 351 -28.79 23.87 -14.81
N THR A 352 -28.30 23.39 -15.95
CA THR A 352 -27.71 22.05 -16.00
C THR A 352 -26.44 21.96 -15.16
N ARG A 353 -25.75 23.09 -14.96
CA ARG A 353 -24.50 23.06 -14.20
C ARG A 353 -24.74 22.62 -12.76
N GLY A 354 -25.61 23.34 -12.05
CA GLY A 354 -25.93 22.95 -10.69
C GLY A 354 -26.54 21.58 -10.60
N ARG A 355 -27.34 21.21 -11.60
CA ARG A 355 -27.92 19.87 -11.65
C ARG A 355 -26.82 18.81 -11.65
N GLN A 356 -25.85 18.95 -12.57
CA GLN A 356 -24.76 17.99 -12.64
C GLN A 356 -23.92 18.00 -11.37
N TYR A 357 -23.72 19.18 -10.77
CA TYR A 357 -22.89 19.25 -9.58
C TYR A 357 -23.55 18.55 -8.40
N VAL A 358 -24.85 18.81 -8.19
CA VAL A 358 -25.57 18.13 -7.12
C VAL A 358 -25.67 16.63 -7.40
N GLN A 359 -25.80 16.25 -8.67
CA GLN A 359 -25.80 14.84 -9.02
C GLN A 359 -24.48 14.18 -8.62
N ALA A 360 -23.36 14.84 -8.94
CA ALA A 360 -22.04 14.34 -8.59
C ALA A 360 -21.89 14.23 -7.08
N ALA A 361 -22.40 15.21 -6.34
CA ALA A 361 -22.35 15.16 -4.88
C ALA A 361 -23.14 13.96 -4.37
N LEU A 362 -24.32 13.71 -4.94
CA LEU A 362 -25.11 12.56 -4.51
C LEU A 362 -24.41 11.25 -4.82
N GLU A 363 -23.79 11.14 -6.00
CA GLU A 363 -23.06 9.93 -6.33
C GLU A 363 -21.86 9.74 -5.42
N GLU A 364 -21.22 10.83 -5.00
CA GLU A 364 -20.11 10.71 -4.06
C GLU A 364 -20.59 10.22 -2.71
N GLU A 365 -21.72 10.74 -2.24
CA GLU A 365 -22.32 10.24 -1.00
C GLU A 365 -22.63 8.75 -1.11
N LYS A 366 -23.23 8.34 -2.23
CA LYS A 366 -23.56 6.94 -2.43
C LYS A 366 -22.30 6.08 -2.47
N LYS A 367 -21.23 6.60 -3.09
CA LYS A 367 -19.98 5.83 -3.17
C LYS A 367 -19.36 5.66 -1.79
N ARG A 368 -19.39 6.71 -0.97
CA ARG A 368 -18.85 6.57 0.39
C ARG A 368 -19.70 5.61 1.21
N VAL A 369 -21.02 5.63 1.03
CA VAL A 369 -21.88 4.68 1.73
C VAL A 369 -21.54 3.26 1.29
N GLU A 370 -21.34 3.05 -0.01
CA GLU A 370 -20.99 1.72 -0.49
C GLU A 370 -19.62 1.29 0.03
N ASN A 371 -18.68 2.23 0.17
CA ASN A 371 -17.39 1.90 0.74
C ASN A 371 -17.53 1.47 2.19
N GLN A 372 -18.35 2.17 2.96
CA GLN A 372 -18.62 1.76 4.33
C GLN A 372 -19.23 0.37 4.37
N LYS A 373 -20.19 0.10 3.49
CA LYS A 373 -20.82 -1.23 3.44
C LYS A 373 -19.80 -2.31 3.12
N LYS A 374 -18.91 -2.05 2.16
CA LYS A 374 -17.90 -3.03 1.80
C LYS A 374 -16.93 -3.27 2.96
N ILE A 375 -16.56 -2.21 3.68
CA ILE A 375 -15.68 -2.37 4.83
C ILE A 375 -16.35 -3.21 5.89
N ILE A 376 -17.64 -2.95 6.16
CA ILE A 376 -18.37 -3.75 7.14
C ILE A 376 -18.41 -5.21 6.71
N GLN A 377 -18.67 -5.47 5.43
CA GLN A 377 -18.74 -6.84 4.94
C GLN A 377 -17.38 -7.54 5.07
N VAL A 378 -16.30 -6.83 4.77
CA VAL A 378 -14.98 -7.45 4.84
C VAL A 378 -14.57 -7.67 6.30
N ILE A 379 -15.03 -6.84 7.22
CA ILE A 379 -14.71 -7.02 8.63
C ILE A 379 -15.64 -8.02 9.31
N GLU A 380 -16.77 -8.36 8.71
CA GLU A 380 -17.69 -9.33 9.28
C GLU A 380 -17.38 -10.77 8.85
N GLN A 381 -16.38 -10.96 8.00
CA GLN A 381 -16.05 -12.31 7.52
C GLN A 381 -15.34 -13.10 8.61
N GLU A 382 -15.70 -14.39 8.70
CA GLU A 382 -15.08 -15.25 9.71
C GLU A 382 -13.59 -15.44 9.44
N ARG A 383 -13.17 -15.36 8.17
CA ARG A 383 -11.77 -15.51 7.85
C ARG A 383 -10.92 -14.46 8.54
N PHE A 384 -11.50 -13.30 8.85
CA PHE A 384 -10.76 -12.25 9.52
C PHE A 384 -10.76 -12.45 11.03
N LEU A 385 -11.94 -12.71 11.62
CA LEU A 385 -12.03 -12.91 13.05
C LEU A 385 -11.28 -14.16 13.52
N LYS A 386 -11.04 -15.11 12.61
CA LYS A 386 -10.34 -16.33 13.02
C LYS A 386 -8.92 -16.03 13.45
N LYS A 387 -8.26 -15.07 12.78
CA LYS A 387 -6.90 -14.71 13.16
C LYS A 387 -6.86 -14.17 14.58
N LEU A 388 -7.77 -13.26 14.92
CA LEU A 388 -7.83 -12.72 16.27
C LEU A 388 -8.17 -13.80 17.29
N ALA A 389 -9.15 -14.66 16.96
CA ALA A 389 -9.51 -15.73 17.88
C ALA A 389 -8.32 -16.64 18.16
N TRP A 390 -7.54 -16.98 17.12
CA TRP A 390 -6.37 -17.81 17.32
C TRP A 390 -5.32 -17.09 18.17
N ILE A 391 -4.94 -15.88 17.77
CA ILE A 391 -3.95 -15.12 18.53
C ILE A 391 -4.37 -14.94 19.98
N GLU A 392 -5.68 -15.00 20.26
CA GLU A 392 -6.16 -14.79 21.62
C GLU A 392 -6.17 -16.08 22.44
N ASP A 393 -6.79 -17.14 21.94
CA ASP A 393 -7.02 -18.34 22.73
C ASP A 393 -6.16 -19.53 22.30
N GLU A 394 -5.11 -19.31 21.52
CA GLU A 394 -4.26 -20.41 21.09
C GLU A 394 -2.79 -20.11 21.38
N TYR A 395 -2.39 -18.85 21.24
CA TYR A 395 -1.00 -18.45 21.40
C TYR A 395 -0.69 -18.04 22.84
N LYS A 396 -1.56 -17.25 23.46
CA LYS A 396 -1.29 -16.79 24.81
C LYS A 396 -1.31 -17.92 25.83
N PRO A 397 -2.31 -18.81 25.83
CA PRO A 397 -2.33 -19.87 26.86
C PRO A 397 -1.10 -20.77 26.84
N LYS A 398 -0.63 -21.15 25.65
CA LYS A 398 0.54 -22.01 25.57
C LYS A 398 1.76 -21.33 26.17
N CYS A 399 2.04 -20.09 25.76
CA CYS A 399 3.17 -19.36 26.33
C CYS A 399 3.04 -19.23 27.84
N GLN A 400 1.84 -18.86 28.31
CA GLN A 400 1.63 -18.73 29.74
C GLN A 400 1.94 -20.04 30.46
N ALA A 401 1.49 -21.16 29.92
CA ALA A 401 1.83 -22.46 30.50
C ALA A 401 3.33 -22.71 30.44
N HIS A 402 4.01 -22.11 29.46
CA HIS A 402 5.46 -22.24 29.33
C HIS A 402 6.23 -21.42 30.35
N LYS A 403 5.55 -20.83 31.33
CA LYS A 403 6.19 -20.05 32.39
C LYS A 403 6.84 -18.79 31.82
N ASN A 404 6.16 -18.11 30.91
CA ASN A 404 6.65 -16.87 30.34
C ASN A 404 5.56 -16.26 29.47
N GLY A 405 5.52 -14.93 29.43
CA GLY A 405 4.53 -14.26 28.63
C GLY A 405 4.83 -14.37 27.14
N TYR A 406 3.78 -14.19 26.33
CA TYR A 406 3.94 -14.25 24.88
C TYR A 406 4.82 -13.13 24.36
N TYR A 407 4.96 -12.03 25.09
CA TYR A 407 5.82 -10.93 24.65
C TYR A 407 7.28 -11.39 24.53
N ASP A 408 7.80 -11.98 25.60
CA ASP A 408 9.19 -12.46 25.57
C ASP A 408 9.38 -13.56 24.53
N SER A 409 8.42 -14.50 24.46
CA SER A 409 8.53 -15.57 23.48
C SER A 409 8.55 -15.01 22.06
N PHE A 410 7.79 -13.94 21.81
CA PHE A 410 7.83 -13.31 20.49
C PHE A 410 9.15 -12.59 20.27
N LYS A 411 9.70 -11.97 21.31
CA LYS A 411 11.00 -11.32 21.18
C LYS A 411 12.07 -12.33 20.77
N VAL A 412 12.22 -13.40 21.53
CA VAL A 412 13.16 -14.48 21.18
C VAL A 412 12.36 -15.50 20.38
N SER A 413 12.28 -15.28 19.07
CA SER A 413 11.52 -16.14 18.18
C SER A 413 12.33 -17.40 17.89
N ASN A 414 11.95 -18.50 18.54
CA ASN A 414 12.64 -19.78 18.34
C ASN A 414 11.69 -20.93 18.05
N GLU A 415 10.38 -20.67 17.93
CA GLU A 415 9.40 -21.70 17.65
C GLU A 415 8.64 -21.35 16.38
N GLU A 416 8.07 -22.38 15.74
CA GLU A 416 7.36 -22.18 14.49
C GLU A 416 6.13 -21.30 14.67
N ASN A 417 5.48 -21.37 15.84
CA ASN A 417 4.28 -20.58 16.07
C ASN A 417 4.56 -19.08 15.95
N ASP A 418 5.81 -18.67 16.21
CA ASP A 418 6.15 -17.25 16.12
C ASP A 418 6.00 -16.74 14.69
N PHE A 419 6.32 -17.57 13.70
CA PHE A 419 6.17 -17.17 12.32
C PHE A 419 4.70 -16.90 11.99
N LYS A 420 3.81 -17.82 12.38
CA LYS A 420 2.39 -17.61 12.14
C LYS A 420 1.88 -16.39 12.89
N ALA A 421 2.35 -16.18 14.12
CA ALA A 421 1.94 -15.01 14.88
C ALA A 421 2.34 -13.73 14.18
N ASN A 422 3.58 -13.68 13.67
CA ASN A 422 4.04 -12.49 12.97
C ASN A 422 3.27 -12.27 11.68
N VAL A 423 2.96 -13.35 10.96
CA VAL A 423 2.19 -13.23 9.72
C VAL A 423 0.80 -12.67 10.01
N LYS A 424 0.13 -13.22 11.03
CA LYS A 424 -1.19 -12.74 11.39
C LYS A 424 -1.15 -11.28 11.83
N ARG A 425 -0.13 -10.91 12.62
CA ARG A 425 0.00 -9.53 13.06
C ARG A 425 0.18 -8.60 11.86
N ALA A 426 1.04 -8.99 10.91
CA ALA A 426 1.25 -8.16 9.74
C ALA A 426 -0.02 -8.00 8.93
N GLU A 427 -0.77 -9.09 8.73
CA GLU A 427 -2.01 -9.01 7.97
C GLU A 427 -3.02 -8.10 8.65
N LEU A 428 -3.19 -8.27 9.97
CA LEU A 428 -4.14 -7.44 10.70
C LEU A 428 -3.74 -5.98 10.65
N ALA A 429 -2.45 -5.68 10.84
CA ALA A 429 -1.98 -4.31 10.77
C ALA A 429 -2.23 -3.72 9.39
N GLY A 430 -1.96 -4.50 8.34
CA GLY A 430 -2.22 -4.01 6.99
C GLY A 430 -3.68 -3.68 6.76
N VAL A 431 -4.57 -4.58 7.19
CA VAL A 431 -6.00 -4.35 7.00
C VAL A 431 -6.44 -3.10 7.76
N PHE A 432 -6.00 -2.98 9.02
CA PHE A 432 -6.43 -1.85 9.84
C PHE A 432 -5.90 -0.53 9.29
N ASP A 433 -4.64 -0.52 8.83
CA ASP A 433 -4.09 0.70 8.26
C ASP A 433 -4.73 1.04 6.92
N GLU A 434 -5.13 0.03 6.14
CA GLU A 434 -5.88 0.30 4.93
C GLU A 434 -7.21 0.96 5.24
N VAL A 435 -7.93 0.42 6.24
CA VAL A 435 -9.19 1.05 6.65
C VAL A 435 -8.94 2.47 7.14
N LEU A 436 -7.87 2.68 7.90
CA LEU A 436 -7.55 4.01 8.39
C LEU A 436 -7.28 4.98 7.26
N GLY A 437 -6.52 4.55 6.25
CA GLY A 437 -6.25 5.41 5.12
C GLY A 437 -7.48 5.71 4.31
N LEU A 438 -8.38 4.71 4.18
CA LEU A 438 -9.63 4.95 3.48
C LEU A 438 -10.49 5.96 4.23
N MET A 439 -10.46 5.92 5.56
CA MET A 439 -11.25 6.84 6.37
C MET A 439 -10.60 8.21 6.50
N LYS A 440 -9.30 8.33 6.26
CA LYS A 440 -8.61 9.59 6.45
C LYS A 440 -8.88 10.57 5.31
N LYS A 441 -9.06 10.07 4.08
CA LYS A 441 -9.31 10.91 2.93
C LYS A 441 -10.75 11.39 2.83
N CYS A 442 -11.52 11.25 3.91
CA CYS A 442 -12.92 11.68 3.92
C CYS A 442 -13.73 10.93 2.86
N GLN A 443 -13.69 9.60 2.95
CA GLN A 443 -14.41 8.74 2.03
C GLN A 443 -15.44 7.85 2.72
N LEU A 444 -15.59 7.96 4.04
CA LEU A 444 -16.56 7.18 4.77
C LEU A 444 -17.56 8.10 5.48
N PRO A 445 -18.77 7.63 5.72
CA PRO A 445 -19.76 8.46 6.42
C PRO A 445 -19.25 8.91 7.77
N ASP A 446 -19.69 10.10 8.19
CA ASP A 446 -19.25 10.66 9.46
C ASP A 446 -19.66 9.75 10.62
N GLU A 447 -20.83 9.11 10.52
CA GLU A 447 -21.30 8.24 11.59
C GLU A 447 -20.42 7.02 11.78
N PHE A 448 -19.64 6.64 10.76
CA PHE A 448 -18.81 5.44 10.88
C PHE A 448 -17.90 5.52 12.10
N GLU A 449 -17.15 6.60 12.25
CA GLU A 449 -16.24 6.73 13.39
C GLU A 449 -16.98 6.76 14.71
N GLY A 450 -18.30 6.98 14.70
CA GLY A 450 -19.08 7.01 15.92
C GLY A 450 -19.68 5.69 16.34
N ASP A 451 -19.61 4.67 15.48
CA ASP A 451 -20.17 3.37 15.81
C ASP A 451 -19.49 2.80 17.05
N ILE A 452 -20.23 1.97 17.78
CA ILE A 452 -19.70 1.35 18.99
C ILE A 452 -19.06 -0.01 18.69
N ASP A 453 -19.63 -0.77 17.76
CA ASP A 453 -19.05 -2.06 17.41
C ASP A 453 -17.65 -1.90 16.83
N TRP A 454 -17.48 -0.93 15.93
CA TRP A 454 -16.15 -0.69 15.36
C TRP A 454 -15.17 -0.23 16.44
N ILE A 455 -15.63 0.60 17.36
CA ILE A 455 -14.75 1.07 18.44
C ILE A 455 -14.30 -0.11 19.29
N LYS A 456 -15.23 -1.00 19.65
CA LYS A 456 -14.86 -2.15 20.46
C LYS A 456 -13.92 -3.08 19.71
N LEU A 457 -14.18 -3.30 18.42
CA LEU A 457 -13.29 -4.15 17.64
C LEU A 457 -11.88 -3.55 17.57
N ALA A 458 -11.77 -2.25 17.33
CA ALA A 458 -10.47 -1.62 17.28
C ALA A 458 -9.76 -1.69 18.62
N THR A 459 -10.49 -1.47 19.71
CA THR A 459 -9.88 -1.55 21.04
C THR A 459 -9.36 -2.96 21.31
N ARG A 460 -10.13 -3.98 20.96
CA ARG A 460 -9.68 -5.35 21.16
C ARG A 460 -8.45 -5.65 20.31
N TYR A 461 -8.48 -5.27 19.03
CA TYR A 461 -7.33 -5.50 18.17
C TYR A 461 -6.09 -4.83 18.71
N ARG A 462 -6.23 -3.59 19.18
CA ARG A 462 -5.10 -2.88 19.77
C ARG A 462 -4.57 -3.63 20.99
N ARG A 463 -5.43 -3.85 21.99
CA ARG A 463 -5.01 -4.52 23.21
C ARG A 463 -4.36 -5.87 22.91
N LEU A 464 -4.72 -6.50 21.80
CA LEU A 464 -4.16 -7.81 21.49
C LEU A 464 -2.87 -7.76 20.70
N VAL A 465 -2.71 -6.77 19.82
CA VAL A 465 -1.59 -6.74 18.89
C VAL A 465 -0.48 -5.81 19.34
N GLU A 466 -0.82 -4.64 19.88
CA GLU A 466 0.21 -3.64 20.21
C GLU A 466 1.40 -4.20 20.95
N PRO A 467 1.23 -5.10 21.94
CA PRO A 467 2.42 -5.70 22.56
C PRO A 467 3.30 -6.44 21.56
N LEU A 468 2.69 -7.15 20.60
CA LEU A 468 3.47 -7.84 19.58
C LEU A 468 4.22 -6.84 18.71
N ASP A 469 3.59 -5.72 18.35
CA ASP A 469 4.27 -4.70 17.58
C ASP A 469 5.44 -4.12 18.35
N ILE A 470 5.26 -3.85 19.64
CA ILE A 470 6.35 -3.33 20.45
C ILE A 470 7.49 -4.32 20.52
N ALA A 471 7.17 -5.61 20.70
CA ALA A 471 8.21 -6.63 20.74
C ALA A 471 8.98 -6.68 19.42
N ASN A 472 8.26 -6.68 18.30
CA ASN A 472 8.92 -6.72 17.00
C ASN A 472 9.76 -5.46 16.77
N TYR A 473 9.35 -4.34 17.33
CA TYR A 473 10.12 -3.10 17.17
C TYR A 473 11.39 -3.13 18.01
N HIS A 474 11.31 -3.63 19.24
CA HIS A 474 12.46 -3.66 20.13
C HIS A 474 13.33 -4.89 19.96
N ARG A 475 12.79 -5.98 19.40
CA ARG A 475 13.56 -7.21 19.24
C ARG A 475 14.60 -7.14 18.13
N HIS A 476 14.51 -6.16 17.24
CA HIS A 476 15.46 -6.02 16.14
C HIS A 476 16.23 -4.71 16.18
N LEU A 477 16.21 -4.00 17.32
CA LEU A 477 16.98 -2.77 17.49
C LEU A 477 16.55 -1.69 16.50
N LYS A 478 15.25 -1.63 16.19
CA LYS A 478 14.75 -0.60 15.30
C LYS A 478 14.79 0.78 15.95
N ASN A 479 14.66 0.84 17.27
CA ASN A 479 14.69 2.12 17.97
C ASN A 479 16.04 2.81 17.82
N GLU A 480 17.13 2.03 17.79
CA GLU A 480 18.45 2.63 17.66
C GLU A 480 18.57 3.44 16.37
N ASP A 481 17.92 2.98 15.30
CA ASP A 481 17.98 3.66 14.02
C ASP A 481 16.86 4.67 13.82
N THR A 482 15.73 4.48 14.49
CA THR A 482 14.60 5.39 14.35
C THR A 482 14.27 6.18 15.60
N GLY A 483 14.83 5.82 16.76
CA GLY A 483 14.58 6.53 17.98
C GLY A 483 13.57 5.82 18.86
N PRO A 484 13.15 6.47 19.95
CA PRO A 484 12.17 5.85 20.85
C PRO A 484 10.89 5.49 20.10
N TYR A 485 10.22 4.45 20.60
CA TYR A 485 8.99 3.98 19.95
C TYR A 485 7.84 4.95 20.16
N MET A 486 7.80 5.64 21.30
CA MET A 486 6.70 6.52 21.62
C MET A 486 6.74 7.84 20.85
N LYS A 487 7.73 8.06 20.00
CA LYS A 487 7.87 9.31 19.26
C LYS A 487 7.66 9.14 17.77
N ARG A 488 8.42 8.25 17.12
CA ARG A 488 8.32 8.06 15.68
C ARG A 488 8.26 6.58 15.32
N GLY A 489 7.73 5.75 16.23
CA GLY A 489 7.64 4.33 15.97
C GLY A 489 6.23 3.78 16.07
N ARG A 490 5.37 4.47 16.81
CA ARG A 490 4.01 3.98 17.02
C ARG A 490 3.18 4.19 15.76
N PRO A 491 2.47 3.18 15.28
CA PRO A 491 1.62 3.36 14.10
C PRO A 491 0.49 4.34 14.39
N THR A 492 -0.03 4.95 13.32
CA THR A 492 -1.10 5.93 13.49
C THR A 492 -2.42 5.27 13.86
N ARG A 493 -2.64 4.02 13.42
CA ARG A 493 -3.90 3.35 13.71
C ARG A 493 -4.12 3.20 15.21
N TYR A 494 -3.07 2.82 15.94
CA TYR A 494 -3.21 2.65 17.39
C TYR A 494 -3.57 3.97 18.06
N ILE A 495 -2.99 5.08 17.60
CA ILE A 495 -3.31 6.37 18.19
C ILE A 495 -4.78 6.71 17.98
N TYR A 496 -5.29 6.50 16.77
CA TYR A 496 -6.70 6.79 16.50
C TYR A 496 -7.61 5.89 17.33
N ALA A 497 -7.26 4.60 17.45
CA ALA A 497 -8.07 3.70 18.25
C ALA A 497 -8.09 4.13 19.71
N GLN A 498 -6.93 4.49 20.27
CA GLN A 498 -6.87 4.94 21.65
C GLN A 498 -7.68 6.22 21.85
N ARG A 499 -7.58 7.17 20.92
CA ARG A 499 -8.34 8.40 21.04
C ARG A 499 -9.83 8.12 21.00
N GLY A 500 -10.27 7.27 20.05
CA GLY A 500 -11.67 6.94 19.98
C GLY A 500 -12.18 6.26 21.24
N TYR A 501 -11.40 5.34 21.80
CA TYR A 501 -11.81 4.67 23.02
C TYR A 501 -11.90 5.65 24.18
N GLU A 502 -10.88 6.50 24.34
CA GLU A 502 -10.90 7.48 25.43
C GLU A 502 -12.05 8.45 25.28
N HIS A 503 -12.46 8.76 24.05
CA HIS A 503 -13.58 9.67 23.85
C HIS A 503 -14.92 8.99 24.08
N TYR A 504 -15.02 7.70 23.75
CA TYR A 504 -16.29 6.99 23.91
C TYR A 504 -16.66 6.85 25.39
N ILE A 505 -15.70 6.47 26.23
CA ILE A 505 -15.98 6.27 27.65
C ILE A 505 -16.29 7.58 28.37
N LEU A 506 -16.02 8.72 27.76
CA LEU A 506 -16.29 10.01 28.38
C LEU A 506 -17.31 10.81 27.58
N GLU A 543 0.56 6.78 29.45
CA GLU A 543 -0.73 7.24 28.96
C GLU A 543 -1.75 6.11 28.89
N CYS A 544 -1.52 5.18 27.97
CA CYS A 544 -2.40 4.02 27.79
C CYS A 544 -1.64 2.76 28.19
N GLY A 545 -2.34 1.83 28.83
CA GLY A 545 -1.73 0.60 29.29
C GLY A 545 -1.06 -0.21 28.20
N SER A 546 -1.51 -0.06 26.95
CA SER A 546 -0.93 -0.81 25.85
C SER A 546 0.56 -0.51 25.72
N CYS A 547 0.92 0.77 25.76
CA CYS A 547 2.31 1.18 25.68
C CYS A 547 3.09 0.92 26.97
N PHE A 548 2.46 0.24 27.94
CA PHE A 548 3.15 -0.09 29.18
C PHE A 548 4.52 -0.71 28.91
N TRP A 549 4.53 -1.81 28.15
CA TRP A 549 5.79 -2.46 27.80
C TRP A 549 6.79 -1.46 27.24
N ALA A 550 6.33 -0.55 26.38
CA ALA A 550 7.22 0.46 25.82
C ALA A 550 8.00 1.17 26.91
N GLU A 551 7.29 1.67 27.94
CA GLU A 551 7.97 2.32 29.05
C GLU A 551 8.98 1.38 29.69
N VAL A 552 8.60 0.12 29.91
CA VAL A 552 9.51 -0.85 30.51
C VAL A 552 10.77 -1.02 29.69
N GLU A 553 10.72 -0.70 28.39
CA GLU A 553 11.90 -0.82 27.55
C GLU A 553 12.86 0.34 27.71
N GLU A 554 12.39 1.49 28.22
CA GLU A 554 13.26 2.65 28.36
C GLU A 554 13.98 2.64 29.71
N LEU A 555 13.23 2.47 30.81
CA LEU A 555 13.84 2.52 32.13
C LEU A 555 14.85 1.39 32.33
N LYS A 556 14.70 0.28 31.61
CA LYS A 556 15.60 -0.84 31.78
C LYS A 556 17.03 -0.44 31.43
N GLY A 557 17.95 -0.67 32.37
CA GLY A 557 19.35 -0.40 32.17
C GLY A 557 19.83 0.90 32.77
N LYS A 558 19.00 1.95 32.74
CA LYS A 558 19.40 3.24 33.26
C LYS A 558 19.32 3.27 34.78
N PRO A 559 20.05 4.19 35.43
CA PRO A 559 20.01 4.28 36.89
C PRO A 559 18.59 4.44 37.42
N TYR A 560 18.40 4.15 38.71
CA TYR A 560 17.07 4.22 39.30
C TYR A 560 16.67 5.64 39.66
N GLU A 561 17.61 6.41 40.21
CA GLU A 561 17.28 7.76 40.65
C GLU A 561 16.86 8.64 39.49
N GLU A 562 17.66 8.65 38.40
CA GLU A 562 17.37 9.52 37.27
C GLU A 562 16.01 9.24 36.66
N VAL A 563 15.39 8.10 36.98
CA VAL A 563 14.07 7.74 36.48
C VAL A 563 13.06 7.53 37.60
N GLU A 564 13.48 7.70 38.87
CA GLU A 564 12.62 7.40 40.01
C GLU A 564 11.20 7.92 39.81
N VAL A 565 11.05 9.24 39.67
CA VAL A 565 9.73 9.83 39.49
C VAL A 565 8.96 9.08 38.42
N ARG A 566 9.54 8.96 37.22
CA ARG A 566 8.88 8.24 36.14
C ARG A 566 8.38 6.88 36.63
N VAL A 567 9.29 6.07 37.18
CA VAL A 567 8.90 4.77 37.69
C VAL A 567 7.68 4.89 38.59
N LYS A 568 7.75 5.79 39.57
CA LYS A 568 6.63 6.02 40.47
C LYS A 568 5.33 6.15 39.67
N THR A 569 5.31 7.08 38.71
CA THR A 569 4.11 7.27 37.89
C THR A 569 3.58 5.93 37.40
N LEU A 570 4.44 5.15 36.74
CA LEU A 570 4.03 3.83 36.26
C LEU A 570 3.40 3.02 37.40
N GLU A 571 4.13 2.88 38.50
CA GLU A 571 3.64 2.07 39.62
C GLU A 571 2.23 2.45 40.02
N GLY A 572 1.84 3.71 39.77
CA GLY A 572 0.47 4.11 40.02
C GLY A 572 -0.46 3.65 38.92
N MET A 573 -0.22 4.13 37.70
CA MET A 573 -1.14 3.86 36.59
C MET A 573 -1.38 2.35 36.44
N LEU A 574 -0.31 1.59 36.28
CA LEU A 574 -0.40 0.14 36.14
C LEU A 574 -1.41 -0.43 37.13
N GLY A 575 -1.37 0.03 38.37
CA GLY A 575 -2.32 -0.41 39.37
C GLY A 575 -3.74 -0.37 38.85
N GLU A 576 -4.25 0.83 38.58
CA GLU A 576 -5.61 0.95 38.08
C GLU A 576 -5.79 0.19 36.77
N TRP A 577 -4.72 0.07 35.98
CA TRP A 577 -4.82 -0.69 34.75
C TRP A 577 -5.24 -2.14 35.03
N ILE A 578 -4.68 -2.74 36.08
CA ILE A 578 -5.04 -4.11 36.41
C ILE A 578 -6.53 -4.21 36.71
N THR A 579 -7.16 -3.12 37.15
CA THR A 579 -8.58 -3.11 37.43
C THR A 579 -9.42 -2.89 36.17
N ASP A 580 -8.85 -2.30 35.13
CA ASP A 580 -9.58 -2.00 33.90
C ASP A 580 -9.30 -3.01 32.79
N GLY A 581 -8.60 -4.11 33.10
CA GLY A 581 -8.29 -5.11 32.11
C GLY A 581 -7.35 -4.67 31.01
N GLU A 582 -6.83 -3.45 31.07
CA GLU A 582 -5.89 -3.00 30.04
C GLU A 582 -4.64 -3.86 30.00
N VAL A 583 -4.25 -4.45 31.13
CA VAL A 583 -3.07 -5.31 31.21
C VAL A 583 -3.38 -6.43 32.17
N ASP A 584 -3.31 -7.68 31.69
CA ASP A 584 -3.59 -8.83 32.52
C ASP A 584 -2.41 -9.12 33.45
N ASP A 585 -2.69 -9.26 34.74
CA ASP A 585 -1.63 -9.49 35.71
C ASP A 585 -0.94 -10.83 35.48
N LYS A 586 -1.65 -11.80 34.89
CA LYS A 586 -1.07 -13.12 34.67
C LYS A 586 0.09 -13.11 33.68
N GLU A 587 0.32 -11.99 32.99
CA GLU A 587 1.39 -11.88 32.00
C GLU A 587 2.61 -11.17 32.56
N ILE A 588 2.43 -9.94 33.06
CA ILE A 588 3.57 -9.15 33.52
C ILE A 588 4.24 -9.81 34.72
N PHE A 589 3.45 -10.30 35.67
CA PHE A 589 3.98 -10.87 36.89
C PHE A 589 4.50 -12.29 36.71
N LEU A 590 4.65 -12.76 35.48
CA LEU A 590 5.16 -14.09 35.24
C LEU A 590 6.62 -14.20 35.67
N GLU A 591 7.16 -15.42 35.59
CA GLU A 591 8.54 -15.66 36.02
C GLU A 591 9.53 -15.07 35.03
N GLY A 592 9.52 -15.55 33.78
CA GLY A 592 10.48 -15.13 32.80
C GLY A 592 10.22 -13.79 32.14
N SER A 593 9.17 -13.09 32.54
CA SER A 593 8.88 -11.78 31.95
C SER A 593 9.93 -10.76 32.38
N THR A 594 10.37 -9.95 31.41
CA THR A 594 11.42 -8.97 31.69
C THR A 594 11.00 -7.98 32.76
N PHE A 595 9.69 -7.74 32.89
CA PHE A 595 9.22 -6.78 33.88
C PHE A 595 9.60 -7.22 35.30
N ARG A 596 9.40 -8.49 35.61
CA ARG A 596 9.75 -8.98 36.94
C ARG A 596 11.25 -8.84 37.21
N LYS A 597 12.08 -9.19 36.22
CA LYS A 597 13.52 -9.04 36.38
C LYS A 597 13.87 -7.58 36.65
N TRP A 598 13.35 -6.67 35.84
CA TRP A 598 13.66 -5.24 36.02
C TRP A 598 13.22 -4.76 37.39
N TRP A 599 12.03 -5.16 37.83
CA TRP A 599 11.54 -4.73 39.13
C TRP A 599 12.37 -5.32 40.27
N ILE A 600 12.91 -6.53 40.07
CA ILE A 600 13.74 -7.13 41.11
C ILE A 600 15.10 -6.44 41.19
N THR A 601 15.67 -6.08 40.04
CA THR A 601 16.97 -5.42 40.03
C THR A 601 16.92 -4.02 40.63
N LEU A 602 15.74 -3.47 40.87
CA LEU A 602 15.62 -2.14 41.44
C LEU A 602 16.18 -2.12 42.85
N PRO A 603 16.40 -0.93 43.42
CA PRO A 603 16.92 -0.84 44.78
C PRO A 603 15.96 -1.45 45.79
N LYS A 604 16.42 -1.48 47.05
CA LYS A 604 15.62 -2.08 48.12
C LYS A 604 14.53 -1.14 48.61
N ASN A 605 14.84 0.14 48.75
CA ASN A 605 13.85 1.10 49.28
C ASN A 605 12.66 1.22 48.35
N HIS A 606 12.89 1.15 47.03
CA HIS A 606 11.80 1.23 46.08
C HIS A 606 10.81 0.10 46.28
N LYS A 607 11.31 -1.13 46.35
CA LYS A 607 10.43 -2.26 46.62
C LYS A 607 9.83 -2.18 48.01
N SER A 608 10.51 -1.48 48.93
CA SER A 608 10.00 -1.34 50.29
C SER A 608 8.77 -0.46 50.33
N HIS A 609 8.82 0.70 49.66
CA HIS A 609 7.74 1.67 49.71
C HIS A 609 6.86 1.63 48.47
N SER A 610 6.90 0.53 47.70
CA SER A 610 6.01 0.49 46.56
C SER A 610 4.85 -0.47 46.80
N PRO A 611 3.67 -0.16 46.28
CA PRO A 611 2.52 -1.04 46.52
C PRO A 611 2.63 -2.39 45.84
N LEU A 612 3.56 -2.57 44.90
CA LEU A 612 3.73 -3.82 44.18
C LEU A 612 4.55 -4.84 44.95
N ARG A 613 4.72 -4.66 46.27
CA ARG A 613 5.50 -5.60 47.06
C ARG A 613 4.80 -6.95 47.19
N ASP A 614 3.48 -6.95 47.23
CA ASP A 614 2.74 -8.21 47.42
C ASP A 614 2.95 -9.15 46.24
N TYR A 615 2.89 -8.63 45.02
CA TYR A 615 3.02 -9.49 43.85
C TYR A 615 4.38 -10.17 43.76
N MET A 616 5.38 -9.68 44.50
CA MET A 616 6.70 -10.28 44.48
C MET A 616 7.33 -10.27 45.87
N SER B 5 -16.57 13.37 -15.33
CA SER B 5 -16.56 14.11 -16.59
C SER B 5 -15.37 15.06 -16.66
N SER B 6 -14.95 15.38 -17.89
CA SER B 6 -13.83 16.27 -18.09
C SER B 6 -14.17 17.73 -17.82
N LEU B 7 -15.47 18.05 -17.70
CA LEU B 7 -15.86 19.42 -17.41
C LEU B 7 -15.17 19.96 -16.17
N LYS B 8 -14.83 19.09 -15.22
CA LYS B 8 -14.10 19.53 -14.03
C LYS B 8 -12.92 20.41 -14.41
N GLY B 9 -12.21 20.07 -15.48
CA GLY B 9 -11.17 20.93 -16.00
C GLY B 9 -11.67 22.35 -16.21
N SER B 10 -12.61 22.52 -17.14
CA SER B 10 -13.25 23.81 -17.31
C SER B 10 -13.66 24.41 -15.97
N ALA B 11 -14.08 23.54 -15.04
CA ALA B 11 -14.42 24.00 -13.69
C ALA B 11 -13.31 24.86 -13.12
N LEU B 12 -12.13 24.28 -12.92
CA LEU B 12 -11.02 25.09 -12.41
C LEU B 12 -10.64 26.18 -13.40
N GLY B 13 -10.89 25.96 -14.70
CA GLY B 13 -10.75 27.04 -15.65
C GLY B 13 -11.46 28.29 -15.18
N LYS B 14 -12.73 28.14 -14.78
CA LYS B 14 -13.47 29.26 -14.22
C LYS B 14 -12.63 30.01 -13.19
N LEU B 15 -12.11 29.28 -12.20
CA LEU B 15 -11.33 29.95 -11.16
C LEU B 15 -10.10 30.64 -11.76
N VAL B 16 -9.39 29.95 -12.67
CA VAL B 16 -8.21 30.55 -13.28
C VAL B 16 -8.55 31.71 -14.20
N VAL B 17 -9.84 31.88 -14.53
CA VAL B 17 -10.28 33.07 -15.25
C VAL B 17 -11.00 34.06 -14.34
N THR B 18 -11.31 33.68 -13.10
CA THR B 18 -11.96 34.60 -12.18
C THR B 18 -10.96 35.57 -11.56
N SER B 19 -9.77 35.09 -11.21
CA SER B 19 -8.75 35.95 -10.63
C SER B 19 -8.04 36.74 -11.72
N GLY B 20 -7.53 37.91 -11.33
CA GLY B 20 -6.89 38.80 -12.28
C GLY B 20 -5.43 38.46 -12.56
N LEU B 21 -5.06 37.20 -12.37
CA LEU B 21 -3.69 36.77 -12.62
C LEU B 21 -3.34 36.89 -14.10
N LEU B 22 -4.09 36.18 -14.95
CA LEU B 22 -3.80 36.22 -16.38
C LEU B 22 -4.06 37.60 -16.96
N HIS B 23 -5.12 38.27 -16.51
CA HIS B 23 -5.42 39.60 -17.02
C HIS B 23 -4.30 40.58 -16.69
N SER B 24 -3.85 40.57 -15.43
CA SER B 24 -2.77 41.46 -15.03
C SER B 24 -1.48 41.12 -15.76
N SER B 25 -1.19 39.84 -15.93
CA SER B 25 0.01 39.44 -16.66
C SER B 25 -0.02 39.94 -18.10
N TRP B 26 -1.16 39.77 -18.78
CA TRP B 26 -1.27 40.23 -20.15
C TRP B 26 -1.20 41.75 -20.24
N SER B 27 -1.79 42.45 -19.27
CA SER B 27 -1.70 43.91 -19.27
C SER B 27 -0.26 44.37 -19.10
N LYS B 28 0.47 43.75 -18.19
CA LYS B 28 1.88 44.11 -18.00
C LYS B 28 2.70 43.80 -19.25
N ILE B 29 2.42 42.66 -19.89
CA ILE B 29 3.14 42.30 -21.10
C ILE B 29 2.88 43.32 -22.20
N LEU B 30 1.61 43.71 -22.38
CA LEU B 30 1.29 44.70 -23.40
C LEU B 30 1.94 46.05 -23.08
N GLU B 31 1.94 46.44 -21.81
CA GLU B 31 2.58 47.70 -21.43
C GLU B 31 4.07 47.68 -21.72
N ILE B 32 4.73 46.55 -21.41
CA ILE B 32 6.17 46.44 -21.67
C ILE B 32 6.44 46.44 -23.17
N HIS B 33 5.57 45.79 -23.95
CA HIS B 33 5.76 45.75 -25.39
C HIS B 33 5.36 47.06 -26.06
N ASN B 34 4.16 47.55 -25.76
CA ASN B 34 3.67 48.79 -26.34
C ASN B 34 4.49 49.98 -25.86
N GLY B 54 16.29 41.11 -27.78
CA GLY B 54 16.77 41.74 -26.58
C GLY B 54 16.21 41.12 -25.31
N LEU B 55 17.05 40.38 -24.59
CA LEU B 55 16.64 39.72 -23.35
C LEU B 55 16.60 40.76 -22.24
N GLU B 56 15.51 41.53 -22.24
CA GLU B 56 15.27 42.57 -21.22
C GLU B 56 14.20 42.06 -20.28
N PHE B 57 14.62 41.36 -19.23
CA PHE B 57 13.71 40.78 -18.25
C PHE B 57 13.19 41.90 -17.35
N GLN B 58 12.06 42.48 -17.76
CA GLN B 58 11.45 43.56 -17.00
C GLN B 58 10.65 42.99 -15.84
N ILE B 59 11.06 43.34 -14.61
CA ILE B 59 10.38 42.88 -13.41
C ILE B 59 9.33 43.90 -13.03
N HIS B 60 8.06 43.47 -12.99
CA HIS B 60 6.94 44.36 -12.68
C HIS B 60 6.26 43.96 -11.37
N ARG B 61 6.98 43.28 -10.48
CA ARG B 61 6.43 42.89 -9.19
C ARG B 61 6.07 44.13 -8.38
N GLU B 62 4.78 44.39 -8.19
CA GLU B 62 4.36 45.61 -7.51
C GLU B 62 4.40 45.43 -5.99
N GLU B 63 3.57 44.53 -5.45
CA GLU B 63 3.52 44.31 -4.01
C GLU B 63 3.85 42.87 -3.63
N LYS B 64 3.15 41.89 -4.19
CA LYS B 64 3.35 40.49 -3.82
C LYS B 64 3.78 39.64 -5.01
N PHE B 65 3.05 39.69 -6.12
CA PHE B 65 3.38 38.87 -7.27
C PHE B 65 4.75 39.21 -7.82
N THR B 66 5.28 38.32 -8.65
CA THR B 66 6.58 38.49 -9.28
C THR B 66 6.42 38.57 -10.80
N LEU B 67 5.43 39.32 -11.26
CA LEU B 67 5.18 39.44 -12.69
C LEU B 67 6.41 39.99 -13.40
N VAL B 68 7.01 39.16 -14.25
CA VAL B 68 8.21 39.54 -15.01
C VAL B 68 8.11 38.88 -16.38
N VAL B 69 8.06 39.70 -17.43
CA VAL B 69 7.96 39.18 -18.79
C VAL B 69 9.36 38.86 -19.30
N PHE B 70 9.45 37.82 -20.12
CA PHE B 70 10.71 37.38 -20.69
C PHE B 70 10.90 38.03 -22.06
N SER B 71 11.96 38.82 -22.19
CA SER B 71 12.24 39.51 -23.45
C SER B 71 13.42 38.84 -24.18
N ALA B 112 16.43 29.04 -30.65
CA ALA B 112 16.10 27.95 -29.75
C ALA B 112 17.06 27.92 -28.55
N PHE B 113 17.85 26.86 -28.45
CA PHE B 113 18.79 26.75 -27.34
C PHE B 113 19.81 27.88 -27.35
N ASN B 114 20.10 28.44 -28.53
CA ASN B 114 21.05 29.54 -28.61
C ASN B 114 20.53 30.76 -27.85
N LEU B 115 19.23 31.03 -27.94
CA LEU B 115 18.66 32.16 -27.21
C LEU B 115 18.81 31.98 -25.71
N PHE B 116 18.56 30.77 -25.21
CA PHE B 116 18.74 30.52 -23.78
C PHE B 116 20.20 30.63 -23.37
N THR B 117 21.10 30.08 -24.19
CA THR B 117 22.53 30.20 -23.88
C THR B 117 22.96 31.66 -23.81
N SER B 118 22.44 32.49 -24.73
CA SER B 118 22.78 33.91 -24.71
C SER B 118 22.21 34.59 -23.48
N ALA B 119 20.92 34.37 -23.20
CA ALA B 119 20.29 34.99 -22.05
C ALA B 119 20.88 34.52 -20.72
N SER B 120 21.58 33.38 -20.72
CA SER B 120 22.21 32.90 -19.49
C SER B 120 23.07 33.97 -18.84
N THR B 121 23.66 34.86 -19.63
CA THR B 121 24.48 35.92 -19.07
C THR B 121 23.72 36.72 -18.02
N SER B 122 22.53 37.23 -18.38
CA SER B 122 21.73 37.98 -17.43
C SER B 122 20.99 37.06 -16.46
N LEU B 123 20.71 35.83 -16.88
CA LEU B 123 20.02 34.90 -15.98
C LEU B 123 20.88 34.54 -14.77
N THR B 124 22.20 34.49 -14.95
CA THR B 124 23.08 34.21 -13.81
C THR B 124 22.91 35.22 -12.70
N TYR B 125 22.71 36.50 -13.07
CA TYR B 125 22.49 37.53 -12.06
C TYR B 125 21.04 37.55 -11.58
N LEU B 126 20.09 37.32 -12.49
CA LEU B 126 18.68 37.32 -12.11
C LEU B 126 18.33 36.17 -11.19
N LYS B 127 19.13 35.10 -11.17
CA LYS B 127 18.86 33.98 -10.27
C LYS B 127 18.90 34.40 -8.82
N SER B 128 19.73 35.39 -8.48
CA SER B 128 19.78 35.86 -7.10
C SER B 128 18.44 36.44 -6.68
N GLU B 129 17.90 37.37 -7.47
CA GLU B 129 16.59 37.94 -7.17
C GLU B 129 15.49 36.88 -7.22
N LEU B 130 15.61 35.92 -8.14
CA LEU B 130 14.62 34.85 -8.21
C LEU B 130 14.58 34.04 -6.91
N LEU B 131 15.76 33.64 -6.43
CA LEU B 131 15.82 32.88 -5.18
C LEU B 131 15.36 33.73 -4.00
N GLN B 132 15.69 35.03 -4.01
CA GLN B 132 15.22 35.90 -2.95
C GLN B 132 13.70 35.96 -2.91
N THR B 133 13.08 36.18 -4.07
CA THR B 133 11.61 36.21 -4.13
C THR B 133 11.01 34.88 -3.72
N LEU B 134 11.64 33.76 -4.13
CA LEU B 134 11.14 32.45 -3.76
C LEU B 134 11.16 32.28 -2.24
N LYS B 135 12.30 32.60 -1.61
CA LYS B 135 12.39 32.49 -0.16
C LYS B 135 11.44 33.45 0.54
N SER B 136 11.12 34.57 -0.11
CA SER B 136 10.19 35.53 0.48
C SER B 136 8.76 35.04 0.51
N GLU B 137 8.46 33.92 -0.15
CA GLU B 137 7.13 33.32 -0.20
C GLU B 137 6.16 34.09 -1.09
N LYS B 138 6.64 35.10 -1.80
CA LYS B 138 5.77 35.86 -2.68
C LYS B 138 5.47 35.10 -3.96
N PRO B 139 4.29 35.30 -4.56
CA PRO B 139 3.96 34.59 -5.80
C PRO B 139 4.92 34.99 -6.92
N VAL B 140 5.46 33.98 -7.60
CA VAL B 140 6.41 34.18 -8.69
C VAL B 140 5.75 33.69 -9.98
N ILE B 141 5.61 34.60 -10.94
CA ILE B 141 5.05 34.28 -12.25
C ILE B 141 6.07 34.64 -13.32
N ILE B 142 6.21 33.76 -14.31
CA ILE B 142 7.19 33.94 -15.38
C ILE B 142 6.53 33.55 -16.69
N THR B 143 6.34 34.53 -17.58
CA THR B 143 5.71 34.30 -18.87
C THR B 143 6.41 35.15 -19.91
N GLY B 144 5.89 35.13 -21.14
CA GLY B 144 6.49 35.89 -22.21
C GLY B 144 5.71 35.71 -23.50
N ALA B 145 6.36 36.10 -24.59
CA ALA B 145 5.75 36.05 -25.92
C ALA B 145 6.00 34.66 -26.54
N ALA B 146 5.74 34.51 -27.83
CA ALA B 146 5.94 33.22 -28.49
C ALA B 146 7.34 32.69 -28.25
N LEU B 147 8.36 33.57 -28.33
CA LEU B 147 9.72 33.21 -27.97
C LEU B 147 10.08 33.59 -26.54
N GLY B 148 9.63 34.75 -26.06
CA GLY B 148 9.83 35.08 -24.67
C GLY B 148 9.16 34.07 -23.74
N GLY B 149 8.00 33.54 -24.15
CA GLY B 149 7.36 32.52 -23.36
C GLY B 149 8.18 31.25 -23.25
N SER B 150 8.75 30.80 -24.37
CA SER B 150 9.60 29.61 -24.33
C SER B 150 10.86 29.86 -23.51
N VAL B 151 11.46 31.04 -23.65
CA VAL B 151 12.62 31.37 -22.84
C VAL B 151 12.28 31.38 -21.35
N ALA B 152 11.12 31.93 -20.98
CA ALA B 152 10.70 31.94 -19.59
C ALA B 152 10.42 30.52 -19.09
N SER B 153 9.83 29.67 -19.93
CA SER B 153 9.61 28.29 -19.55
C SER B 153 10.94 27.59 -19.27
N LEU B 154 11.92 27.79 -20.16
CA LEU B 154 13.24 27.19 -19.93
C LEU B 154 13.88 27.70 -18.66
N TYR B 155 13.81 29.02 -18.43
CA TYR B 155 14.41 29.61 -17.23
C TYR B 155 13.77 29.04 -15.97
N THR B 156 12.44 28.96 -15.96
CA THR B 156 11.75 28.46 -14.77
C THR B 156 12.02 26.97 -14.55
N LEU B 157 12.10 26.20 -15.63
CA LEU B 157 12.43 24.79 -15.51
C LEU B 157 13.82 24.62 -14.90
N TRP B 158 14.81 25.37 -15.40
CA TRP B 158 16.15 25.29 -14.84
C TRP B 158 16.17 25.72 -13.37
N LEU B 159 15.45 26.80 -13.04
CA LEU B 159 15.41 27.27 -11.66
C LEU B 159 14.83 26.19 -10.74
N LEU B 160 13.69 25.60 -11.15
CA LEU B 160 13.09 24.56 -10.33
C LEU B 160 13.99 23.33 -10.23
N GLU B 161 14.69 22.99 -11.30
CA GLU B 161 15.66 21.90 -11.22
C GLU B 161 16.75 22.21 -10.21
N THR B 162 17.12 23.48 -10.10
CA THR B 162 18.05 23.92 -9.06
C THR B 162 17.36 24.34 -7.78
N ILE B 163 16.06 24.62 -7.83
CA ILE B 163 15.30 25.06 -6.66
C ILE B 163 14.87 23.85 -5.84
N GLU B 164 14.40 24.11 -4.60
CA GLU B 164 13.96 23.04 -3.71
C GLU B 164 12.44 22.99 -3.69
N PRO B 165 11.83 21.80 -3.76
CA PRO B 165 10.37 21.72 -3.74
C PRO B 165 9.75 22.21 -2.45
N THR B 166 10.53 22.35 -1.38
CA THR B 166 9.99 22.80 -0.10
C THR B 166 9.31 24.15 -0.23
N LEU B 167 10.03 25.14 -0.76
CA LEU B 167 9.47 26.47 -0.93
C LEU B 167 8.35 26.45 -1.97
N LYS B 168 7.62 27.57 -2.04
CA LYS B 168 6.52 27.69 -2.98
C LYS B 168 7.02 27.53 -4.41
N ARG B 169 6.51 26.52 -5.11
CA ARG B 169 6.94 26.27 -6.47
C ARG B 169 6.41 27.36 -7.41
N PRO B 170 7.15 27.71 -8.44
CA PRO B 170 6.70 28.74 -9.38
C PRO B 170 5.75 28.16 -10.43
N LEU B 171 5.14 29.06 -11.19
CA LEU B 171 4.25 28.71 -12.28
C LEU B 171 4.64 29.51 -13.51
N CYS B 172 4.78 28.83 -14.64
CA CYS B 172 5.20 29.45 -15.91
C CYS B 172 4.06 29.32 -16.91
N ILE B 173 3.50 30.46 -17.32
CA ILE B 173 2.41 30.50 -18.30
C ILE B 173 2.97 30.96 -19.63
N THR B 174 2.62 30.23 -20.68
CA THR B 174 3.01 30.57 -22.04
C THR B 174 1.84 31.22 -22.77
N PHE B 175 2.06 32.40 -23.33
CA PHE B 175 1.04 33.16 -24.06
C PHE B 175 1.17 32.82 -25.53
N GLY B 176 0.63 31.68 -25.93
CA GLY B 176 0.71 31.22 -27.30
C GLY B 176 2.13 31.19 -27.80
N SER B 177 3.03 30.58 -27.02
CA SER B 177 4.44 30.53 -27.36
C SER B 177 4.82 29.11 -27.75
N PRO B 178 5.08 28.84 -29.03
CA PRO B 178 5.50 27.49 -29.41
C PRO B 178 6.87 27.15 -28.84
N LEU B 179 7.00 25.91 -28.36
CA LEU B 179 8.23 25.44 -27.77
C LEU B 179 8.49 24.01 -28.22
N ILE B 180 9.66 23.74 -28.78
CA ILE B 180 10.02 22.42 -29.25
C ILE B 180 10.34 21.53 -28.06
N GLY B 181 9.43 20.64 -27.71
CA GLY B 181 9.62 19.74 -26.59
C GLY B 181 10.05 18.35 -27.00
N ASP B 182 11.30 18.00 -26.70
CA ASP B 182 11.80 16.68 -27.05
C ASP B 182 11.00 15.59 -26.35
N ALA B 183 10.71 14.51 -27.09
CA ALA B 183 9.95 13.41 -26.51
C ALA B 183 10.65 12.84 -25.29
N SER B 184 11.99 12.82 -25.28
CA SER B 184 12.72 12.30 -24.13
C SER B 184 12.43 13.14 -22.89
N LEU B 185 12.48 14.47 -23.03
CA LEU B 185 12.20 15.34 -21.89
C LEU B 185 10.77 15.15 -21.39
N GLN B 186 9.81 15.03 -22.31
CA GLN B 186 8.43 14.82 -21.91
C GLN B 186 8.27 13.51 -21.15
N GLN B 187 8.91 12.44 -21.64
CA GLN B 187 8.82 11.15 -20.96
C GLN B 187 9.51 11.17 -19.60
N ILE B 188 10.58 11.95 -19.47
CA ILE B 188 11.29 12.03 -18.19
C ILE B 188 10.37 12.57 -17.11
N LEU B 189 9.70 13.67 -17.39
CA LEU B 189 8.76 14.30 -16.46
C LEU B 189 7.31 14.06 -16.88
N GLU B 190 7.03 12.86 -17.40
CA GLU B 190 5.69 12.56 -17.89
C GLU B 190 4.64 12.77 -16.80
N ASN B 191 4.73 12.01 -15.71
CA ASN B 191 3.77 12.08 -14.62
C ASN B 191 4.36 12.73 -13.37
N SER B 192 5.45 13.48 -13.52
CA SER B 192 6.06 14.14 -12.38
C SER B 192 5.37 15.47 -12.10
N VAL B 193 5.63 16.00 -10.90
CA VAL B 193 5.03 17.27 -10.50
C VAL B 193 5.57 18.45 -11.31
N ARG B 194 6.60 18.24 -12.11
CA ARG B 194 7.18 19.34 -12.89
C ARG B 194 6.13 20.00 -13.77
N ASN B 195 5.34 19.20 -14.50
CA ASN B 195 4.31 19.76 -15.37
C ASN B 195 3.34 20.65 -14.60
N SER B 196 3.21 20.45 -13.29
CA SER B 196 2.31 21.27 -12.49
C SER B 196 2.71 22.74 -12.51
N CYS B 197 3.93 23.06 -12.91
CA CYS B 197 4.41 24.44 -12.95
C CYS B 197 4.22 25.08 -14.32
N PHE B 198 4.01 24.29 -15.36
CA PHE B 198 3.90 24.80 -16.72
C PHE B 198 2.45 24.77 -17.19
N LEU B 199 2.00 25.88 -17.79
CA LEU B 199 0.69 25.95 -18.40
C LEU B 199 0.79 26.78 -19.67
N HIS B 200 -0.07 26.50 -20.64
CA HIS B 200 -0.01 27.13 -21.94
C HIS B 200 -1.37 27.69 -22.34
N VAL B 201 -1.34 28.65 -23.26
CA VAL B 201 -2.54 29.22 -23.85
C VAL B 201 -2.61 28.76 -25.31
N VAL B 202 -3.74 28.16 -25.68
CA VAL B 202 -3.97 27.70 -27.05
C VAL B 202 -5.43 27.93 -27.38
N SER B 203 -5.70 28.77 -28.38
CA SER B 203 -7.07 29.02 -28.79
C SER B 203 -7.58 27.87 -29.65
N ALA B 204 -8.88 27.56 -29.49
CA ALA B 204 -9.48 26.47 -30.25
C ALA B 204 -9.31 26.67 -31.74
N GLN B 205 -9.29 27.92 -32.21
CA GLN B 205 -9.15 28.19 -33.64
C GLN B 205 -7.79 27.74 -34.15
N THR B 206 -6.73 28.30 -33.60
CA THR B 206 -5.38 27.98 -34.04
C THR B 206 -4.91 26.67 -33.43
N ARG B 207 -4.10 25.93 -34.19
CA ARG B 207 -3.53 24.66 -33.77
C ARG B 207 -2.01 24.72 -33.90
N ILE B 208 -1.35 23.66 -33.43
CA ILE B 208 0.11 23.56 -33.48
C ILE B 208 0.46 22.12 -33.86
N LYS B 209 0.91 21.92 -35.09
CA LYS B 209 1.31 20.60 -35.58
C LYS B 209 2.83 20.51 -35.54
N MET B 210 3.34 19.61 -34.70
CA MET B 210 4.78 19.41 -34.56
C MET B 210 5.09 17.93 -34.48
N ASP B 211 6.27 17.57 -34.97
CA ASP B 211 6.73 16.18 -34.97
C ASP B 211 7.86 15.93 -33.98
N PHE B 212 8.94 16.72 -34.06
CA PHE B 212 10.04 16.56 -33.11
C PHE B 212 9.64 17.06 -31.72
N PHE B 213 8.96 18.20 -31.66
CA PHE B 213 8.50 18.74 -30.39
C PHE B 213 7.36 17.90 -29.82
N LYS B 214 7.16 18.01 -28.52
CA LYS B 214 6.10 17.30 -27.82
C LYS B 214 5.47 18.22 -26.79
N PRO B 215 4.19 18.05 -26.50
CA PRO B 215 3.52 18.91 -25.52
C PRO B 215 3.97 18.56 -24.10
N PHE B 216 4.36 19.59 -23.35
CA PHE B 216 4.80 19.44 -21.98
C PHE B 216 3.95 20.35 -21.08
N GLY B 217 3.46 19.80 -19.98
CA GLY B 217 2.63 20.55 -19.06
C GLY B 217 1.17 20.52 -19.45
N THR B 218 0.39 21.34 -18.76
CA THR B 218 -1.04 21.44 -19.00
C THR B 218 -1.34 22.52 -20.02
N PHE B 219 -2.43 22.32 -20.77
CA PHE B 219 -2.86 23.24 -21.81
C PHE B 219 -4.28 23.68 -21.54
N LEU B 220 -4.53 24.98 -21.77
CA LEU B 220 -5.85 25.58 -21.58
C LEU B 220 -6.39 25.95 -22.96
N ILE B 221 -7.34 25.14 -23.45
CA ILE B 221 -7.91 25.36 -24.77
C ILE B 221 -9.18 26.18 -24.63
N CYS B 222 -9.30 27.23 -25.43
CA CYS B 222 -10.46 28.11 -25.37
C CYS B 222 -11.61 27.49 -26.15
N PHE B 223 -12.66 28.26 -26.38
CA PHE B 223 -13.83 27.82 -27.12
C PHE B 223 -14.61 29.06 -27.56
N ASP B 224 -15.81 28.84 -28.10
CA ASP B 224 -16.66 29.97 -28.48
C ASP B 224 -16.94 30.85 -27.27
N SER B 225 -17.09 30.26 -26.10
CA SER B 225 -17.31 31.03 -24.87
C SER B 225 -16.76 30.20 -23.71
N GLY B 226 -15.67 30.67 -23.12
CA GLY B 226 -15.04 29.98 -22.02
C GLY B 226 -13.75 29.30 -22.41
N CYS B 227 -13.29 28.43 -21.51
CA CYS B 227 -12.04 27.69 -21.72
C CYS B 227 -12.07 26.44 -20.86
N VAL B 228 -11.16 25.52 -21.16
CA VAL B 228 -11.06 24.26 -20.42
C VAL B 228 -9.59 23.86 -20.33
N CYS B 229 -9.16 23.48 -19.14
CA CYS B 229 -7.78 23.08 -18.88
C CYS B 229 -7.68 21.56 -18.84
N ILE B 230 -6.59 21.03 -19.41
CA ILE B 230 -6.32 19.60 -19.40
C ILE B 230 -4.82 19.40 -19.29
N GLU B 231 -4.41 18.16 -18.99
CA GLU B 231 -2.99 17.85 -18.91
C GLU B 231 -2.67 16.48 -19.51
N ASP B 232 -3.60 15.83 -20.19
CA ASP B 232 -3.33 14.55 -20.83
C ASP B 232 -2.48 14.78 -22.07
N HIS B 233 -1.27 14.23 -22.06
CA HIS B 233 -0.34 14.43 -23.18
C HIS B 233 -0.94 13.95 -24.49
N VAL B 234 -1.42 12.69 -24.51
CA VAL B 234 -2.03 12.15 -25.72
C VAL B 234 -3.26 12.95 -26.11
N ALA B 235 -4.10 13.29 -25.12
CA ALA B 235 -5.31 14.06 -25.41
C ALA B 235 -4.96 15.46 -25.90
N VAL B 236 -3.97 16.10 -25.29
CA VAL B 236 -3.57 17.44 -25.72
C VAL B 236 -3.03 17.39 -27.14
N THR B 237 -2.25 16.37 -27.47
CA THR B 237 -1.72 16.24 -28.82
C THR B 237 -2.85 16.02 -29.83
N GLU B 238 -3.79 15.13 -29.50
CA GLU B 238 -4.91 14.88 -30.40
C GLU B 238 -5.73 16.15 -30.61
N LEU B 239 -5.90 16.95 -29.56
CA LEU B 239 -6.67 18.19 -29.68
C LEU B 239 -5.94 19.20 -30.56
N LEU B 240 -4.69 19.53 -30.19
CA LEU B 240 -3.89 20.49 -30.93
C LEU B 240 -3.14 19.85 -32.09
N ASN B 241 -3.54 18.65 -32.53
CA ASN B 241 -2.86 17.99 -33.64
C ASN B 241 -2.93 18.81 -34.93
N GLY B 242 -3.91 19.69 -35.05
CA GLY B 242 -4.05 20.50 -36.24
C GLY B 242 -2.79 21.27 -36.59
N VAL B 243 -2.63 21.59 -37.88
CA VAL B 243 -1.44 22.32 -38.31
C VAL B 243 -1.42 23.70 -37.66
N HIS B 244 -0.22 24.29 -37.60
CA HIS B 244 -0.05 25.60 -37.00
C HIS B 244 -0.57 26.69 -37.94
N ASP B 245 -1.23 27.69 -37.38
CA ASP B 245 -1.78 28.81 -38.14
C ASP B 245 -0.92 30.04 -37.93
N SER B 246 -0.48 30.65 -39.03
CA SER B 246 0.36 31.84 -38.93
C SER B 246 -0.39 32.97 -38.22
N GLY B 247 -1.65 33.20 -38.59
CA GLY B 247 -2.43 34.24 -37.97
C GLY B 247 -2.68 33.99 -36.49
N LEU B 248 -2.24 34.92 -35.65
CA LEU B 248 -2.40 34.82 -34.20
C LEU B 248 -3.36 35.92 -33.74
N VAL B 249 -4.55 35.50 -33.27
CA VAL B 249 -5.53 36.46 -32.81
C VAL B 249 -4.98 37.22 -31.61
N ASP B 250 -5.47 38.45 -31.44
CA ASP B 250 -5.03 39.30 -30.32
C ASP B 250 -5.41 38.65 -28.99
N TYR B 251 -4.41 38.39 -28.16
CA TYR B 251 -4.68 37.79 -26.85
C TYR B 251 -5.65 38.63 -26.03
N SER B 252 -5.64 39.95 -26.23
CA SER B 252 -6.60 40.81 -25.53
C SER B 252 -8.03 40.47 -25.93
N GLN B 253 -8.26 40.23 -27.23
CA GLN B 253 -9.59 39.84 -27.68
C GLN B 253 -10.00 38.50 -27.08
N VAL B 254 -9.06 37.56 -26.97
CA VAL B 254 -9.37 36.27 -26.38
C VAL B 254 -9.73 36.43 -24.91
N LEU B 255 -8.99 37.26 -24.19
CA LEU B 255 -9.30 37.51 -22.78
C LEU B 255 -10.66 38.17 -22.62
N ASN B 256 -10.98 39.11 -23.50
CA ASN B 256 -12.29 39.77 -23.43
C ASN B 256 -13.41 38.77 -23.71
N ARG B 257 -13.23 37.91 -24.70
CA ARG B 257 -14.24 36.89 -25.00
C ARG B 257 -14.39 35.92 -23.82
N LEU B 258 -13.29 35.55 -23.19
CA LEU B 258 -13.38 34.66 -22.03
C LEU B 258 -14.11 35.32 -20.88
N ASP B 259 -13.83 36.60 -20.63
CA ASP B 259 -14.54 37.32 -19.58
C ASP B 259 -16.03 37.42 -19.89
N GLN B 260 -16.38 37.71 -21.14
CA GLN B 260 -17.78 37.78 -21.52
C GLN B 260 -18.47 36.43 -21.32
N SER B 261 -17.80 35.34 -21.72
CA SER B 261 -18.36 34.00 -21.53
C SER B 261 -18.56 33.71 -20.04
N MET B 262 -17.57 34.03 -19.22
CA MET B 262 -17.72 33.86 -17.78
C MET B 262 -18.92 34.64 -17.26
N LEU B 263 -19.11 35.87 -17.74
CA LEU B 263 -20.29 36.64 -17.37
C LEU B 263 -21.56 36.06 -17.98
N SER B 264 -21.45 35.23 -19.00
CA SER B 264 -22.61 34.64 -19.64
C SER B 264 -23.32 33.70 -18.66
N LEU B 265 -24.50 33.21 -19.09
CA LEU B 265 -25.29 32.34 -18.24
C LEU B 265 -24.80 30.90 -18.30
N ALA B 266 -24.82 30.30 -19.49
CA ALA B 266 -24.42 28.92 -19.68
C ALA B 266 -23.38 28.82 -20.79
N ASP B 267 -22.72 27.66 -20.85
CA ASP B 267 -21.71 27.39 -21.86
C ASP B 267 -21.84 25.94 -22.32
N SER B 268 -21.60 25.72 -23.61
CA SER B 268 -21.71 24.39 -24.19
C SER B 268 -20.37 23.65 -24.09
N ARG B 269 -20.44 22.33 -24.24
CA ARG B 269 -19.27 21.46 -24.18
C ARG B 269 -18.84 21.07 -25.59
N LEU B 270 -17.52 21.13 -25.84
CA LEU B 270 -16.98 20.77 -27.14
C LEU B 270 -16.05 19.57 -27.10
N ILE B 271 -15.57 19.18 -25.94
CA ILE B 271 -14.65 18.03 -25.86
C ILE B 271 -15.41 16.75 -26.21
N PRO B 272 -14.86 15.91 -27.09
CA PRO B 272 -15.57 14.66 -27.44
C PRO B 272 -15.60 13.68 -26.28
N GLU B 273 -16.17 12.50 -26.51
CA GLU B 273 -16.24 11.49 -25.46
C GLU B 273 -14.95 10.69 -25.32
N ASP B 274 -14.19 10.56 -26.41
CA ASP B 274 -12.96 9.76 -26.37
C ASP B 274 -11.94 10.39 -25.42
N VAL B 275 -11.87 11.72 -25.39
CA VAL B 275 -10.91 12.40 -24.52
C VAL B 275 -11.19 12.06 -23.07
N ILE B 276 -12.44 12.22 -22.64
CA ILE B 276 -12.79 11.93 -21.26
C ILE B 276 -12.64 10.45 -20.97
N LYS B 277 -12.94 9.60 -21.95
CA LYS B 277 -12.75 8.16 -21.77
C LYS B 277 -11.29 7.85 -21.46
N GLY B 278 -10.38 8.35 -22.30
CA GLY B 278 -8.97 8.10 -22.06
C GLY B 278 -8.47 8.70 -20.75
N ILE B 279 -8.96 9.90 -20.41
CA ILE B 279 -8.55 10.53 -19.17
C ILE B 279 -8.97 9.70 -17.97
N GLU B 280 -10.23 9.25 -17.96
CA GLU B 280 -10.70 8.42 -16.85
C GLU B 280 -9.97 7.10 -16.80
N LYS B 281 -9.67 6.52 -17.97
CA LYS B 281 -8.91 5.27 -17.98
C LYS B 281 -7.53 5.46 -17.36
N ARG B 282 -6.84 6.53 -17.74
CA ARG B 282 -5.51 6.77 -17.19
C ARG B 282 -5.58 7.03 -15.68
N ALA B 283 -6.56 7.82 -15.24
CA ALA B 283 -6.69 8.11 -13.81
C ALA B 283 -6.97 6.83 -13.02
N GLU B 284 -7.88 6.00 -13.53
CA GLU B 284 -8.21 4.77 -12.83
C GLU B 284 -7.02 3.81 -12.80
N MET B 285 -6.26 3.72 -13.90
CA MET B 285 -5.11 2.83 -13.91
C MET B 285 -4.03 3.32 -12.95
N LYS B 286 -3.83 4.64 -12.88
CA LYS B 286 -2.83 5.17 -11.95
C LYS B 286 -3.26 4.96 -10.51
N ASN B 287 -4.55 5.16 -10.21
CA ASN B 287 -5.04 4.88 -8.86
C ASN B 287 -4.91 3.41 -8.51
N LEU B 288 -5.16 2.53 -9.49
CA LEU B 288 -5.00 1.10 -9.25
C LEU B 288 -3.54 0.75 -8.95
N ARG B 289 -2.60 1.31 -9.72
CA ARG B 289 -1.19 1.10 -9.42
C ARG B 289 -0.84 1.60 -8.02
N PHE B 290 -1.33 2.80 -7.68
CA PHE B 290 -1.07 3.37 -6.36
C PHE B 290 -1.52 2.43 -5.25
N ASP B 291 -2.81 2.08 -5.24
CA ASP B 291 -3.35 1.23 -4.19
C ASP B 291 -2.75 -0.17 -4.23
N MET B 292 -2.43 -0.68 -5.42
CA MET B 292 -1.83 -2.01 -5.52
C MET B 292 -0.45 -2.05 -4.90
N MET B 293 0.37 -1.03 -5.14
CA MET B 293 1.67 -0.96 -4.48
C MET B 293 1.50 -0.80 -2.97
N PHE B 294 0.58 0.08 -2.56
CA PHE B 294 0.32 0.26 -1.13
C PHE B 294 -0.01 -1.05 -0.45
N LYS B 295 -0.84 -1.88 -1.09
CA LYS B 295 -1.25 -3.13 -0.46
C LYS B 295 -0.17 -4.20 -0.56
N LYS B 296 0.53 -4.26 -1.70
CA LYS B 296 1.61 -5.22 -1.87
C LYS B 296 2.79 -4.95 -0.95
N LEU B 297 2.88 -3.75 -0.37
CA LEU B 297 3.91 -3.53 0.65
C LEU B 297 3.84 -4.59 1.74
N ASN B 298 2.62 -4.98 2.15
CA ASN B 298 2.47 -5.95 3.23
C ASN B 298 2.94 -7.33 2.79
N ASP B 299 2.59 -7.75 1.57
CA ASP B 299 3.07 -9.03 1.07
C ASP B 299 4.58 -9.02 0.92
N MET B 300 5.17 -7.86 0.60
CA MET B 300 6.62 -7.77 0.53
C MET B 300 7.25 -7.94 1.90
N LYS B 301 6.64 -7.34 2.94
CA LYS B 301 7.10 -7.58 4.30
C LYS B 301 7.00 -9.05 4.67
N ILE B 302 5.89 -9.70 4.30
CA ILE B 302 5.73 -11.12 4.58
C ILE B 302 6.81 -11.93 3.88
N SER B 303 7.16 -11.57 2.64
CA SER B 303 8.21 -12.27 1.93
C SER B 303 9.59 -12.02 2.53
N MET B 304 9.83 -10.83 3.08
CA MET B 304 11.05 -10.53 3.79
C MET B 304 11.16 -11.31 5.09
N ALA B 305 10.04 -11.63 5.72
CA ALA B 305 10.04 -12.53 6.87
C ALA B 305 10.66 -13.89 6.56
N TYR B 306 10.38 -14.45 5.38
CA TYR B 306 11.01 -15.68 4.94
C TYR B 306 12.52 -15.57 4.80
N ILE B 307 13.00 -14.46 4.24
CA ILE B 307 14.44 -14.24 4.16
C ILE B 307 15.05 -14.11 5.56
N GLU B 308 14.31 -13.47 6.47
CA GLU B 308 14.77 -13.39 7.85
C GLU B 308 14.95 -14.79 8.45
N TRP B 309 13.94 -15.64 8.31
CA TRP B 309 14.03 -16.99 8.85
C TRP B 309 15.15 -17.79 8.18
N TYR B 310 15.33 -17.61 6.87
CA TYR B 310 16.41 -18.30 6.17
C TYR B 310 17.77 -17.87 6.69
N LYS B 311 17.95 -16.56 6.89
CA LYS B 311 19.21 -16.06 7.45
C LYS B 311 19.43 -16.61 8.85
N LYS B 312 18.37 -16.69 9.66
CA LYS B 312 18.51 -17.27 10.99
C LYS B 312 18.98 -18.71 10.91
N LYS B 313 18.35 -19.50 10.03
CA LYS B 313 18.73 -20.90 9.90
C LYS B 313 20.17 -21.05 9.44
N CYS B 314 20.60 -20.21 8.48
CA CYS B 314 21.99 -20.28 8.03
C CYS B 314 22.95 -19.91 9.15
N LYS B 315 22.61 -18.88 9.93
CA LYS B 315 23.46 -18.51 11.06
C LYS B 315 23.56 -19.65 12.06
N GLU B 316 22.47 -20.39 12.25
CA GLU B 316 22.51 -21.53 13.17
C GLU B 316 23.52 -22.57 12.73
N VAL B 317 23.80 -22.64 11.41
CA VAL B 317 24.74 -23.63 10.89
C VAL B 317 26.19 -23.20 11.01
N LYS B 318 26.45 -22.02 11.59
CA LYS B 318 27.81 -21.49 11.74
C LYS B 318 28.39 -21.04 10.40
N ILE B 319 27.52 -20.56 9.50
CA ILE B 319 27.94 -20.07 8.20
C ILE B 319 27.03 -18.91 7.81
N GLY B 320 27.64 -17.77 7.48
CA GLY B 320 26.88 -16.61 7.08
C GLY B 320 25.96 -16.88 5.91
N TYR B 321 24.81 -16.21 5.87
CA TYR B 321 23.87 -16.43 4.78
C TYR B 321 24.41 -15.92 3.46
N TYR B 322 25.28 -14.92 3.50
CA TYR B 322 25.86 -14.39 2.26
C TYR B 322 26.69 -15.45 1.55
N ASP B 323 27.64 -16.07 2.27
CA ASP B 323 28.46 -17.10 1.67
C ASP B 323 27.64 -18.32 1.29
N ARG B 324 26.62 -18.65 2.08
CA ARG B 324 25.76 -19.78 1.74
C ARG B 324 25.05 -19.52 0.42
N PHE B 325 24.47 -18.33 0.26
CA PHE B 325 23.80 -17.98 -0.99
C PHE B 325 24.78 -17.97 -2.16
N LYS B 326 25.99 -17.48 -1.93
CA LYS B 326 27.00 -17.48 -2.99
C LYS B 326 27.32 -18.90 -3.43
N THR B 327 27.58 -19.79 -2.47
CA THR B 327 27.89 -21.18 -2.81
C THR B 327 26.72 -21.83 -3.52
N GLN B 328 25.49 -21.56 -3.09
CA GLN B 328 24.33 -22.13 -3.75
C GLN B 328 24.22 -21.65 -5.18
N LEU B 329 24.44 -20.36 -5.42
CA LEU B 329 24.46 -19.85 -6.79
C LEU B 329 25.58 -20.49 -7.60
N ALA B 330 26.68 -20.85 -6.95
CA ALA B 330 27.78 -21.50 -7.65
C ALA B 330 27.48 -22.98 -7.94
N PHE B 331 26.89 -23.68 -6.97
CA PHE B 331 26.54 -25.09 -7.13
C PHE B 331 25.22 -25.36 -6.44
N PRO B 332 24.11 -25.20 -7.14
CA PRO B 332 22.80 -25.45 -6.53
C PRO B 332 22.69 -26.89 -6.04
N SER B 333 22.29 -27.04 -4.77
CA SER B 333 22.16 -28.36 -4.18
C SER B 333 20.92 -28.50 -3.30
N LYS B 334 20.05 -27.50 -3.25
CA LYS B 334 18.87 -27.57 -2.41
C LYS B 334 17.75 -26.77 -3.06
N GLU B 335 16.53 -26.95 -2.55
CA GLU B 335 15.35 -26.31 -3.11
C GLU B 335 15.02 -25.00 -2.42
N PHE B 336 15.23 -24.91 -1.11
CA PHE B 336 14.90 -23.69 -0.38
C PHE B 336 15.72 -22.51 -0.90
N ASP B 337 17.01 -22.72 -1.17
CA ASP B 337 17.85 -21.65 -1.68
C ASP B 337 17.38 -21.18 -3.05
N ILE B 338 17.03 -22.12 -3.93
CA ILE B 338 16.53 -21.75 -5.26
C ILE B 338 15.24 -20.96 -5.13
N ASN B 339 14.33 -21.40 -4.25
CA ASN B 339 13.07 -20.70 -4.07
C ASN B 339 13.29 -19.30 -3.52
N ILE B 340 14.25 -19.14 -2.60
CA ILE B 340 14.52 -17.83 -2.03
C ILE B 340 15.15 -16.91 -3.06
N LYS B 341 15.97 -17.47 -3.95
CA LYS B 341 16.68 -16.64 -4.93
C LYS B 341 15.81 -16.29 -6.12
N ASN B 342 14.81 -17.13 -6.44
CA ASN B 342 14.01 -16.92 -7.64
C ASN B 342 12.57 -16.48 -7.37
N HIS B 343 12.10 -16.59 -6.13
CA HIS B 343 10.73 -16.25 -5.79
C HIS B 343 10.61 -14.98 -4.96
N HIS B 344 11.38 -14.88 -3.87
CA HIS B 344 11.25 -13.73 -2.98
C HIS B 344 12.11 -12.56 -3.45
N LYS B 345 13.40 -12.79 -3.67
CA LYS B 345 14.30 -11.71 -4.04
C LYS B 345 13.86 -11.04 -5.34
N SER B 346 13.52 -11.84 -6.36
CA SER B 346 13.15 -11.27 -7.66
C SER B 346 11.89 -10.43 -7.56
N GLU B 347 11.01 -10.73 -6.61
CA GLU B 347 9.78 -9.96 -6.46
C GLU B 347 10.03 -8.66 -5.69
N LEU B 348 10.77 -8.74 -4.59
CA LEU B 348 11.08 -7.54 -3.82
C LEU B 348 11.89 -6.55 -4.64
N ASN B 349 12.86 -7.05 -5.41
CA ASN B 349 13.66 -6.16 -6.24
C ASN B 349 12.79 -5.39 -7.22
N ARG B 350 11.90 -6.09 -7.93
CA ARG B 350 11.04 -5.43 -8.90
C ARG B 350 10.09 -4.45 -8.22
N PHE B 351 9.51 -4.84 -7.08
CA PHE B 351 8.59 -3.97 -6.38
C PHE B 351 9.28 -2.68 -5.96
N TRP B 352 10.45 -2.79 -5.34
CA TRP B 352 11.16 -1.59 -4.89
C TRP B 352 11.67 -0.76 -6.06
N LYS B 353 12.06 -1.40 -7.15
CA LYS B 353 12.46 -0.65 -8.35
C LYS B 353 11.29 0.18 -8.88
N SER B 354 10.12 -0.46 -9.03
CA SER B 354 8.95 0.27 -9.49
C SER B 354 8.60 1.41 -8.53
N VAL B 355 8.70 1.15 -7.22
CA VAL B 355 8.39 2.18 -6.24
C VAL B 355 9.32 3.39 -6.42
N VAL B 356 10.62 3.14 -6.45
CA VAL B 356 11.59 4.22 -6.56
C VAL B 356 11.47 4.94 -7.90
N GLU B 357 11.04 4.23 -8.94
CA GLU B 357 10.92 4.84 -10.26
C GLU B 357 9.66 5.69 -10.39
N GLU B 358 8.56 5.28 -9.78
CA GLU B 358 7.32 6.04 -9.92
C GLU B 358 7.20 7.16 -8.89
N VAL B 359 7.68 6.93 -7.66
CA VAL B 359 7.57 7.97 -6.64
C VAL B 359 8.49 9.14 -6.96
N GLU B 360 9.62 8.89 -7.63
CA GLU B 360 10.55 9.97 -7.95
C GLU B 360 9.89 11.01 -8.85
N ARG B 361 8.95 10.61 -9.69
CA ARG B 361 8.28 11.56 -10.57
C ARG B 361 7.35 12.47 -9.77
N ARG B 362 6.36 11.89 -9.11
CA ARG B 362 5.42 12.65 -8.27
C ARG B 362 5.52 12.13 -6.85
N PRO B 363 6.18 12.85 -5.95
CA PRO B 363 6.32 12.36 -4.56
C PRO B 363 4.97 12.15 -3.91
N GLN B 364 4.98 11.35 -2.84
CA GLN B 364 3.74 11.05 -2.13
C GLN B 364 3.21 12.27 -1.41
N SER B 365 4.10 13.09 -0.85
CA SER B 365 3.71 14.31 -0.15
C SER B 365 4.73 15.40 -0.46
N ASP B 366 4.29 16.65 -0.35
CA ASP B 366 5.20 17.77 -0.53
C ASP B 366 6.10 17.91 0.69
N ALA B 367 7.38 18.17 0.44
CA ALA B 367 8.43 18.31 1.44
C ALA B 367 8.82 16.97 2.04
N SER B 368 8.15 15.88 1.66
CA SER B 368 8.48 14.53 2.14
C SER B 368 8.42 13.60 0.94
N ILE B 369 9.59 13.17 0.46
CA ILE B 369 9.64 12.33 -0.74
C ILE B 369 8.75 11.10 -0.60
N LEU B 370 8.60 10.59 0.63
CA LEU B 370 7.74 9.44 0.87
C LEU B 370 7.49 9.31 2.36
N LYS B 371 6.38 8.67 2.71
CA LYS B 371 6.02 8.48 4.10
C LYS B 371 7.06 7.59 4.79
N ARG B 372 7.14 7.74 6.12
CA ARG B 372 8.11 6.96 6.88
C ARG B 372 7.84 5.47 6.77
N ARG B 373 6.57 5.09 6.70
CA ARG B 373 6.22 3.67 6.57
C ARG B 373 6.96 3.02 5.41
N PHE B 374 7.15 3.76 4.31
CA PHE B 374 7.86 3.24 3.15
C PHE B 374 9.37 3.39 3.27
N LEU B 375 9.87 4.54 3.73
CA LEU B 375 11.30 4.78 3.78
C LEU B 375 11.99 3.86 4.78
N PHE B 376 11.42 3.73 5.98
CA PHE B 376 12.03 2.88 7.00
C PHE B 376 12.06 1.43 6.55
N SER B 377 11.01 0.98 5.86
CA SER B 377 10.99 -0.39 5.37
C SER B 377 11.99 -0.59 4.24
N GLY B 378 12.10 0.39 3.32
CA GLY B 378 13.05 0.28 2.24
C GLY B 378 14.49 0.27 2.74
N ASN B 379 14.76 1.01 3.82
CA ASN B 379 16.10 1.00 4.39
C ASN B 379 16.49 -0.41 4.82
N ASN B 380 15.61 -1.08 5.56
CA ASN B 380 15.90 -2.45 5.98
C ASN B 380 15.98 -3.39 4.78
N TYR B 381 15.08 -3.24 3.80
CA TYR B 381 15.13 -4.06 2.61
C TYR B 381 16.50 -3.96 1.95
N ARG B 382 17.00 -2.74 1.77
CA ARG B 382 18.31 -2.54 1.19
C ARG B 382 19.39 -3.20 2.05
N ARG B 383 19.47 -2.78 3.31
CA ARG B 383 20.51 -3.30 4.20
C ARG B 383 20.52 -4.82 4.28
N MET B 384 19.40 -5.47 3.95
CA MET B 384 19.31 -6.93 4.04
C MET B 384 19.46 -7.64 2.71
N ILE B 385 19.21 -6.96 1.58
CA ILE B 385 19.21 -7.60 0.27
C ILE B 385 20.46 -7.25 -0.54
N GLU B 386 21.00 -6.05 -0.35
CA GLU B 386 22.14 -5.60 -1.15
C GLU B 386 23.29 -6.60 -1.15
N PRO B 387 23.56 -7.27 -0.03
CA PRO B 387 24.62 -8.29 -0.04
C PRO B 387 24.42 -9.36 -1.11
N LEU B 388 23.18 -9.78 -1.35
CA LEU B 388 22.94 -10.79 -2.37
C LEU B 388 23.27 -10.25 -3.76
N ASP B 389 22.88 -9.02 -4.05
CA ASP B 389 23.24 -8.41 -5.33
C ASP B 389 24.75 -8.27 -5.47
N ILE B 390 25.43 -7.92 -4.38
CA ILE B 390 26.89 -7.81 -4.42
C ILE B 390 27.51 -9.15 -4.74
N ALA B 391 27.01 -10.22 -4.10
CA ALA B 391 27.52 -11.56 -4.37
C ALA B 391 27.30 -11.94 -5.84
N GLU B 392 26.10 -11.68 -6.35
CA GLU B 392 25.81 -12.00 -7.74
C GLU B 392 26.70 -11.20 -8.70
N TYR B 393 27.00 -9.95 -8.36
CA TYR B 393 27.83 -9.12 -9.22
C TYR B 393 29.28 -9.58 -9.20
N TYR B 394 29.78 -9.96 -8.03
CA TYR B 394 31.16 -10.40 -7.90
C TYR B 394 31.36 -11.85 -8.28
N LEU B 395 30.28 -12.60 -8.53
CA LEU B 395 30.40 -13.97 -8.99
C LEU B 395 30.63 -14.09 -10.49
N GLU B 396 30.39 -13.01 -11.25
CA GLU B 396 30.59 -13.02 -12.69
C GLU B 396 31.96 -12.52 -13.11
N GLY B 397 32.74 -11.96 -12.18
CA GLY B 397 34.07 -11.47 -12.48
C GLY B 397 34.20 -9.95 -12.46
N ARG B 398 33.10 -9.22 -12.56
CA ARG B 398 33.16 -7.77 -12.55
C ARG B 398 33.61 -7.26 -11.19
N LYS B 399 34.23 -6.09 -11.18
CA LYS B 399 34.77 -5.47 -9.98
C LYS B 399 34.22 -4.06 -9.82
N GLU B 400 34.54 -3.46 -8.67
CA GLU B 400 34.14 -2.09 -8.37
C GLU B 400 32.61 -1.94 -8.41
N TYR B 401 31.95 -2.69 -7.52
CA TYR B 401 30.49 -2.65 -7.46
C TYR B 401 30.00 -1.31 -6.93
N ARG B 402 30.72 -0.73 -5.96
CA ARG B 402 30.27 0.50 -5.34
C ARG B 402 30.15 1.63 -6.36
N THR B 403 31.14 1.76 -7.24
CA THR B 403 31.19 2.87 -8.19
C THR B 403 30.77 2.45 -9.60
N THR B 404 31.21 1.28 -10.06
CA THR B 404 30.98 0.91 -11.45
C THR B 404 29.58 0.33 -11.66
N GLY B 405 29.16 -0.61 -10.81
CA GLY B 405 27.94 -1.34 -11.07
C GLY B 405 26.92 -1.35 -9.96
N ARG B 406 26.77 -0.24 -9.25
CA ARG B 406 25.74 -0.12 -8.22
C ARG B 406 24.44 0.38 -8.83
N SER B 407 23.34 -0.24 -8.44
CA SER B 407 22.02 0.12 -8.96
C SER B 407 21.64 1.54 -8.55
N HIS B 408 20.53 2.04 -9.08
CA HIS B 408 20.10 3.40 -8.79
C HIS B 408 19.17 3.49 -7.60
N HIS B 409 18.24 2.54 -7.46
CA HIS B 409 17.27 2.60 -6.37
C HIS B 409 17.95 2.42 -5.01
N TYR B 410 18.98 1.57 -4.94
CA TYR B 410 19.72 1.43 -3.69
C TYR B 410 20.31 2.76 -3.25
N VAL B 411 21.02 3.44 -4.17
CA VAL B 411 21.64 4.72 -3.84
C VAL B 411 20.57 5.75 -3.48
N MET B 412 19.45 5.74 -4.20
CA MET B 412 18.38 6.69 -3.91
C MET B 412 17.82 6.49 -2.50
N LEU B 413 17.55 5.24 -2.14
CA LEU B 413 17.04 4.96 -0.80
C LEU B 413 18.06 5.33 0.27
N GLU B 414 19.34 5.02 0.03
CA GLU B 414 20.37 5.38 1.00
C GLU B 414 20.44 6.88 1.19
N LYS B 415 20.42 7.64 0.10
CA LYS B 415 20.50 9.09 0.19
C LYS B 415 19.27 9.66 0.91
N TRP B 416 18.08 9.15 0.58
CA TRP B 416 16.87 9.63 1.24
C TRP B 416 16.92 9.36 2.74
N PHE B 417 17.34 8.16 3.13
CA PHE B 417 17.43 7.85 4.55
C PHE B 417 18.47 8.72 5.25
N GLY B 418 19.62 8.93 4.61
CA GLY B 418 20.64 9.78 5.20
C GLY B 418 20.18 11.21 5.36
N MET B 419 19.38 11.70 4.42
CA MET B 419 18.85 13.06 4.51
C MET B 419 17.74 13.18 5.54
N GLU B 420 16.97 12.11 5.73
CA GLU B 420 15.84 12.17 6.66
C GLU B 420 16.28 11.96 8.11
N SER B 421 16.96 10.84 8.38
CA SER B 421 17.33 10.48 9.75
C SER B 421 18.27 11.48 10.41
N ILE B 422 18.76 12.48 9.67
CA ILE B 422 19.66 13.47 10.26
C ILE B 422 18.98 14.21 11.40
N LEU B 423 17.68 14.44 11.30
CA LEU B 423 16.94 15.12 12.35
C LEU B 423 16.67 14.24 13.56
N ILE B 424 16.86 12.92 13.43
CA ILE B 424 16.57 12.01 14.53
C ILE B 424 17.56 12.26 15.67
N GLU B 425 17.12 11.95 16.89
CA GLU B 425 17.92 12.10 18.09
C GLU B 425 18.19 10.73 18.72
N LYS B 426 18.50 9.74 17.89
CA LYS B 426 18.72 8.39 18.36
C LYS B 426 19.90 8.35 19.34
N GLU B 427 19.95 7.26 20.11
CA GLU B 427 21.03 7.04 21.06
C GLU B 427 21.20 5.55 21.26
N ARG B 428 22.45 5.10 21.27
CA ARG B 428 22.78 3.67 21.40
C ARG B 428 23.55 3.44 22.69
N CYS B 429 23.31 2.29 23.31
CA CYS B 429 23.97 1.90 24.55
C CYS B 429 25.16 0.98 24.24
N LYS B 430 26.02 0.82 25.25
CA LYS B 430 27.20 -0.01 25.15
C LYS B 430 27.00 -1.39 25.77
N LYS B 431 25.75 -1.84 25.90
CA LYS B 431 25.46 -3.14 26.49
C LYS B 431 24.50 -4.00 25.68
N ARG B 432 23.69 -3.41 24.80
CA ARG B 432 22.75 -4.20 24.03
C ARG B 432 23.47 -5.22 23.15
N ASP B 433 22.79 -6.33 22.89
CA ASP B 433 23.34 -7.37 22.04
C ASP B 433 23.23 -6.98 20.57
N LEU B 434 24.22 -7.40 19.79
CA LEU B 434 24.28 -7.09 18.36
C LEU B 434 24.07 -8.33 17.50
N SER B 435 23.52 -9.40 18.07
CA SER B 435 23.29 -10.62 17.30
C SER B 435 22.28 -10.39 16.18
N ASP B 436 21.37 -9.44 16.36
CA ASP B 436 20.34 -9.14 15.36
C ASP B 436 20.60 -7.84 14.62
N LEU B 437 21.79 -7.27 14.73
CA LEU B 437 22.11 -6.02 14.07
C LEU B 437 22.35 -6.26 12.58
N LEU B 438 22.12 -5.20 11.79
CA LEU B 438 22.32 -5.23 10.35
C LEU B 438 23.39 -4.22 9.98
N THR B 439 24.35 -4.63 9.15
CA THR B 439 25.42 -3.75 8.74
C THR B 439 24.87 -2.49 8.09
N PHE B 440 25.38 -1.33 8.52
CA PHE B 440 24.93 -0.06 7.95
C PHE B 440 25.47 0.12 6.54
N ASP B 441 26.77 -0.09 6.36
CA ASP B 441 27.41 0.01 5.05
C ASP B 441 27.11 -1.26 4.27
N SER B 442 26.00 -1.24 3.54
CA SER B 442 25.57 -2.43 2.80
C SER B 442 26.64 -2.90 1.83
N CYS B 443 27.41 -1.98 1.26
CA CYS B 443 28.47 -2.34 0.32
C CYS B 443 29.69 -2.94 0.99
N PHE B 444 29.68 -3.08 2.33
CA PHE B 444 30.82 -3.61 3.05
C PHE B 444 31.36 -4.88 2.39
N TRP B 445 30.52 -5.90 2.28
CA TRP B 445 30.93 -7.16 1.67
C TRP B 445 31.66 -6.92 0.36
N ALA B 446 31.10 -6.06 -0.50
CA ALA B 446 31.74 -5.77 -1.78
C ALA B 446 33.21 -5.42 -1.59
N GLU B 447 33.49 -4.44 -0.73
CA GLU B 447 34.87 -4.07 -0.44
C GLU B 447 35.72 -5.31 -0.17
N VAL B 448 35.27 -6.15 0.76
CA VAL B 448 36.01 -7.37 1.09
C VAL B 448 36.38 -8.12 -0.18
N GLU B 449 35.37 -8.41 -1.02
CA GLU B 449 35.63 -9.10 -2.27
C GLU B 449 36.79 -8.48 -3.02
N ASP B 450 36.73 -7.16 -3.23
CA ASP B 450 37.82 -6.48 -3.92
C ASP B 450 39.16 -6.81 -3.29
N SER B 451 39.28 -6.63 -1.98
CA SER B 451 40.53 -6.95 -1.30
C SER B 451 41.00 -8.35 -1.66
N LEU B 452 40.08 -9.33 -1.63
CA LEU B 452 40.44 -10.69 -1.97
C LEU B 452 41.19 -10.74 -3.30
N ILE B 453 40.64 -10.10 -4.34
CA ILE B 453 41.30 -10.09 -5.63
C ILE B 453 42.74 -9.62 -5.47
N VAL B 454 42.93 -8.48 -4.80
CA VAL B 454 44.28 -7.95 -4.60
C VAL B 454 45.17 -9.01 -3.99
N ILE B 455 44.66 -9.71 -2.96
CA ILE B 455 45.44 -10.78 -2.33
C ILE B 455 45.94 -11.75 -3.38
N ASN B 456 45.04 -12.22 -4.24
CA ASN B 456 45.44 -13.12 -5.31
C ASN B 456 46.53 -12.48 -6.17
N GLN B 457 46.32 -11.23 -6.57
CA GLN B 457 47.30 -10.54 -7.40
C GLN B 457 48.66 -10.43 -6.73
N LEU B 458 48.72 -10.64 -5.42
CA LEU B 458 49.99 -10.62 -4.70
C LEU B 458 50.59 -12.00 -4.48
N ASN B 459 49.79 -13.07 -4.62
CA ASN B 459 50.28 -14.43 -4.42
C ASN B 459 50.56 -15.14 -5.74
N THR B 460 49.56 -15.20 -6.63
CA THR B 460 49.75 -15.88 -7.89
C THR B 460 50.67 -15.10 -8.82
N THR B 461 50.49 -13.79 -8.90
CA THR B 461 51.31 -12.98 -9.78
C THR B 461 52.77 -13.03 -9.34
N VAL B 462 53.67 -13.17 -10.32
CA VAL B 462 55.10 -13.22 -10.07
C VAL B 462 55.79 -12.19 -10.94
N GLY B 463 56.97 -11.75 -10.48
CA GLY B 463 57.73 -10.75 -11.20
C GLY B 463 56.96 -9.47 -11.45
N MET B 464 56.28 -8.96 -10.44
CA MET B 464 55.49 -7.73 -10.57
C MET B 464 56.34 -6.52 -10.23
N ARG B 465 55.99 -5.40 -10.85
CA ARG B 465 56.72 -4.16 -10.61
C ARG B 465 56.46 -3.63 -9.21
N ASP B 466 57.44 -2.91 -8.67
CA ASP B 466 57.30 -2.38 -7.31
C ASP B 466 56.20 -1.35 -7.20
N ASP B 467 55.87 -0.65 -8.28
CA ASP B 467 54.81 0.36 -8.22
C ASP B 467 53.47 -0.27 -7.93
N VAL B 468 53.08 -1.29 -8.71
CA VAL B 468 51.83 -1.99 -8.45
C VAL B 468 51.86 -2.68 -7.10
N ARG B 469 53.04 -3.17 -6.69
CA ARG B 469 53.15 -3.79 -5.38
C ARG B 469 52.80 -2.80 -4.26
N GLU B 470 53.41 -1.61 -4.30
CA GLU B 470 53.11 -0.60 -3.29
C GLU B 470 51.68 -0.11 -3.38
N VAL B 471 51.12 -0.04 -4.60
CA VAL B 471 49.72 0.37 -4.75
C VAL B 471 48.81 -0.63 -4.06
N LEU B 472 49.04 -1.93 -4.30
CA LEU B 472 48.23 -2.96 -3.66
C LEU B 472 48.42 -2.96 -2.16
N THR B 473 49.65 -2.72 -1.69
CA THR B 473 49.89 -2.64 -0.25
C THR B 473 49.12 -1.49 0.37
N ARG B 474 49.11 -0.32 -0.29
CA ARG B 474 48.36 0.81 0.21
C ARG B 474 46.86 0.52 0.22
N LYS B 475 46.36 -0.13 -0.84
CA LYS B 475 44.96 -0.51 -0.87
C LYS B 475 44.61 -1.44 0.30
N LEU B 476 45.47 -2.43 0.55
CA LEU B 476 45.22 -3.35 1.66
C LEU B 476 45.24 -2.64 2.99
N VAL B 477 46.20 -1.73 3.19
CA VAL B 477 46.30 -1.03 4.46
C VAL B 477 45.09 -0.12 4.67
N GLU B 478 44.63 0.54 3.60
CA GLU B 478 43.45 1.40 3.73
C GLU B 478 42.20 0.59 4.00
N PHE B 479 42.07 -0.58 3.36
CA PHE B 479 40.93 -1.44 3.66
C PHE B 479 40.96 -1.92 5.11
N GLU B 480 42.15 -2.28 5.60
CA GLU B 480 42.27 -2.70 6.99
C GLU B 480 41.89 -1.57 7.94
N GLY B 481 42.36 -0.35 7.66
CA GLY B 481 41.97 0.77 8.48
C GLY B 481 40.48 1.02 8.47
N TYR B 482 39.86 0.93 7.29
CA TYR B 482 38.42 1.13 7.18
C TYR B 482 37.66 0.08 7.97
N VAL B 483 38.08 -1.19 7.88
CA VAL B 483 37.39 -2.25 8.60
C VAL B 483 37.56 -2.08 10.10
N TRP B 484 38.77 -1.69 10.54
CA TRP B 484 38.98 -1.45 11.96
C TRP B 484 38.12 -0.30 12.46
N GLU B 485 38.01 0.77 11.67
CA GLU B 485 37.16 1.89 12.07
C GLU B 485 35.69 1.47 12.15
N ILE B 486 35.21 0.72 11.17
CA ILE B 486 33.82 0.30 11.18
C ILE B 486 33.55 -0.66 12.34
N ILE B 487 34.55 -1.45 12.74
CA ILE B 487 34.37 -2.36 13.85
C ILE B 487 34.37 -1.61 15.17
N THR B 488 35.23 -0.59 15.29
CA THR B 488 35.30 0.17 16.53
C THR B 488 33.97 0.82 16.87
N LYS B 489 33.27 1.34 15.86
CA LYS B 489 31.99 2.01 16.07
C LYS B 489 30.84 1.03 16.30
N ARG B 490 31.09 -0.28 16.23
CA ARG B 490 30.06 -1.29 16.44
C ARG B 490 28.91 -1.10 15.44
N GLU B 491 29.25 -1.24 14.16
CA GLU B 491 28.28 -1.08 13.07
C GLU B 491 28.33 -2.25 12.11
N VAL B 492 28.69 -3.43 12.59
CA VAL B 492 28.77 -4.63 11.77
C VAL B 492 28.30 -5.82 12.60
N SER B 493 27.42 -6.63 12.03
CA SER B 493 26.91 -7.80 12.74
C SER B 493 28.03 -8.80 12.99
N PRO B 494 28.00 -9.50 14.13
CA PRO B 494 29.05 -10.48 14.42
C PRO B 494 29.08 -11.65 13.46
N GLU B 495 28.10 -11.78 12.57
CA GLU B 495 28.09 -12.90 11.64
C GLU B 495 29.33 -12.93 10.77
N ILE B 496 29.96 -11.77 10.54
CA ILE B 496 31.18 -11.74 9.73
C ILE B 496 32.27 -12.57 10.37
N PHE B 497 32.25 -12.71 11.69
CA PHE B 497 33.25 -13.49 12.41
C PHE B 497 32.96 -14.99 12.42
N LEU B 498 31.99 -15.44 11.63
CA LEU B 498 31.68 -16.86 11.58
C LEU B 498 32.89 -17.65 11.06
N GLU B 499 32.88 -18.95 11.33
CA GLU B 499 34.03 -19.79 11.02
C GLU B 499 34.27 -19.86 9.52
N GLU B 500 33.31 -20.40 8.78
CA GLU B 500 33.47 -20.67 7.36
C GLU B 500 33.06 -19.49 6.48
N SER B 501 33.04 -18.28 7.04
CA SER B 501 32.70 -17.10 6.25
C SER B 501 33.91 -16.60 5.48
N SER B 502 33.64 -15.84 4.41
CA SER B 502 34.72 -15.32 3.59
C SER B 502 35.62 -14.38 4.37
N PHE B 503 35.11 -13.77 5.45
CA PHE B 503 35.93 -12.86 6.24
C PHE B 503 37.10 -13.59 6.88
N MET B 504 36.86 -14.81 7.38
CA MET B 504 37.96 -15.58 7.96
C MET B 504 38.99 -15.97 6.92
N LYS B 505 38.55 -16.27 5.69
CA LYS B 505 39.49 -16.57 4.62
C LYS B 505 40.34 -15.35 4.29
N TRP B 506 39.71 -14.18 4.19
CA TRP B 506 40.47 -12.96 3.94
C TRP B 506 41.45 -12.68 5.07
N TRP B 507 41.03 -12.93 6.32
CA TRP B 507 41.94 -12.71 7.45
C TRP B 507 43.12 -13.67 7.40
N LYS B 508 42.88 -14.93 7.04
CA LYS B 508 43.97 -15.88 6.90
C LYS B 508 44.94 -15.45 5.81
N GLU B 509 44.40 -14.99 4.68
CA GLU B 509 45.26 -14.51 3.59
C GLU B 509 46.09 -13.32 4.03
N TYR B 510 45.46 -12.36 4.71
CA TYR B 510 46.18 -11.18 5.17
C TYR B 510 47.25 -11.54 6.19
N LYS B 511 46.97 -12.53 7.05
CA LYS B 511 47.97 -12.96 8.02
C LYS B 511 49.14 -13.66 7.32
N LYS B 512 48.85 -14.48 6.33
CA LYS B 512 49.93 -15.14 5.59
C LYS B 512 50.78 -14.14 4.81
N ILE B 513 50.16 -13.07 4.31
CA ILE B 513 50.90 -12.07 3.53
C ILE B 513 51.52 -10.97 4.39
N LYS B 514 51.15 -10.88 5.67
CA LYS B 514 51.64 -9.81 6.52
C LYS B 514 53.11 -10.02 6.89
N GLY B 515 53.41 -11.12 7.57
CA GLY B 515 54.76 -11.38 8.02
C GLY B 515 55.01 -10.92 9.43
N PHE B 516 55.62 -9.74 9.59
CA PHE B 516 55.93 -9.19 10.89
C PHE B 516 55.16 -7.92 11.23
N ASN B 517 54.54 -7.27 10.25
CA ASN B 517 53.79 -6.06 10.51
C ASN B 517 52.60 -6.36 11.42
N SER B 518 52.32 -5.44 12.34
CA SER B 518 51.24 -5.60 13.30
C SER B 518 50.54 -4.27 13.50
N SER B 519 49.22 -4.32 13.65
CA SER B 519 48.41 -3.13 13.87
C SER B 519 47.33 -3.47 14.90
N TYR B 520 46.35 -2.57 15.04
CA TYR B 520 45.27 -2.81 15.99
C TYR B 520 44.44 -4.02 15.59
N LEU B 521 44.07 -4.11 14.31
CA LEU B 521 43.24 -5.23 13.86
C LEU B 521 43.98 -6.55 14.02
N THR B 522 45.28 -6.57 13.73
CA THR B 522 46.05 -7.80 13.86
C THR B 522 46.02 -8.31 15.30
N GLU B 523 46.31 -7.44 16.26
CA GLU B 523 46.29 -7.85 17.66
C GLU B 523 44.88 -8.25 18.10
N PHE B 524 43.87 -7.50 17.65
CA PHE B 524 42.50 -7.83 18.03
C PHE B 524 42.10 -9.21 17.52
N MET B 525 42.51 -9.56 16.30
CA MET B 525 42.18 -10.87 15.76
C MET B 525 42.98 -11.98 16.44
N ASN B 526 44.27 -11.73 16.69
CA ASN B 526 45.11 -12.75 17.31
C ASN B 526 44.72 -13.00 18.76
N THR B 527 44.29 -11.95 19.47
CA THR B 527 43.93 -12.11 20.88
C THR B 527 42.61 -12.84 21.08
N ARG B 528 41.87 -13.13 20.00
CA ARG B 528 40.60 -13.82 20.05
C ARG B 528 39.48 -12.98 20.66
N LYS B 529 39.69 -11.67 20.82
CA LYS B 529 38.67 -10.83 21.42
C LYS B 529 37.41 -10.77 20.59
N TYR B 530 37.48 -11.07 19.29
CA TYR B 530 36.30 -11.03 18.44
C TYR B 530 35.20 -11.96 18.94
N GLU B 531 35.54 -12.99 19.70
CA GLU B 531 34.52 -13.87 20.26
C GLU B 531 33.57 -13.11 21.18
N SER B 532 34.09 -12.12 21.91
CA SER B 532 33.29 -11.31 22.82
C SER B 532 32.93 -9.95 22.21
N TYR B 533 32.73 -9.91 20.90
CA TYR B 533 32.44 -8.64 20.23
C TYR B 533 31.01 -8.18 20.49
N GLY B 534 30.03 -8.98 20.12
CA GLY B 534 28.64 -8.60 20.28
C GLY B 534 27.91 -9.37 21.35
N LYS B 535 28.56 -10.38 21.93
CA LYS B 535 27.90 -11.17 22.97
C LYS B 535 27.54 -10.31 24.18
N SER B 536 28.31 -9.27 24.45
CA SER B 536 28.03 -8.38 25.58
C SER B 536 28.95 -7.17 25.56
N LEU C 12 -5.22 -53.62 12.29
CA LEU C 12 -4.60 -52.96 11.15
C LEU C 12 -4.75 -53.79 9.89
N PRO C 13 -5.29 -53.18 8.83
CA PRO C 13 -5.48 -53.92 7.57
C PRO C 13 -4.17 -54.50 7.06
N HIS C 14 -4.26 -55.71 6.48
CA HIS C 14 -3.06 -56.34 5.94
C HIS C 14 -2.47 -55.54 4.80
N ASN C 15 -3.32 -54.92 3.97
CA ASN C 15 -2.82 -54.09 2.88
C ASN C 15 -2.02 -52.91 3.42
N LEU C 16 -2.52 -52.25 4.46
CA LEU C 16 -1.79 -51.13 5.05
C LEU C 16 -0.47 -51.60 5.66
N ARG C 17 -0.48 -52.76 6.30
CA ARG C 17 0.75 -53.29 6.88
C ARG C 17 1.78 -53.58 5.80
N GLU C 18 1.36 -54.16 4.68
CA GLU C 18 2.27 -54.41 3.57
C GLU C 18 2.80 -53.12 2.99
N CYS C 19 1.93 -52.12 2.81
CA CYS C 19 2.37 -50.84 2.29
C CYS C 19 3.38 -50.20 3.22
N PHE C 20 3.18 -50.31 4.53
CA PHE C 20 4.11 -49.72 5.48
C PHE C 20 5.45 -50.46 5.47
N LEU C 21 5.42 -51.80 5.42
CA LEU C 21 6.66 -52.56 5.36
C LEU C 21 7.42 -52.27 4.07
N ASP C 22 6.71 -51.97 2.99
CA ASP C 22 7.38 -51.59 1.75
C ASP C 22 7.98 -50.21 1.84
N MET C 23 7.21 -49.25 2.36
CA MET C 23 7.72 -47.89 2.55
C MET C 23 8.93 -47.87 3.47
N ALA C 24 9.03 -48.84 4.38
CA ALA C 24 10.16 -48.91 5.30
C ALA C 24 11.47 -49.16 4.58
N SER C 25 11.40 -49.36 3.25
CA SER C 25 12.62 -49.63 2.49
C SER C 25 13.55 -48.42 2.50
N PHE C 26 12.99 -47.22 2.50
CA PHE C 26 13.81 -46.01 2.51
C PHE C 26 14.63 -45.92 3.78
N LEU C 27 15.70 -45.14 3.73
CA LEU C 27 16.56 -44.95 4.88
C LEU C 27 15.98 -43.91 5.83
N GLU C 28 16.55 -43.85 7.03
CA GLU C 28 16.09 -42.93 8.05
C GLU C 28 16.69 -41.55 7.86
N ASP C 29 15.96 -40.53 8.32
CA ASP C 29 16.41 -39.14 8.25
C ASP C 29 16.55 -38.69 6.79
N GLN C 30 15.51 -38.97 6.00
CA GLN C 30 15.50 -38.60 4.58
C GLN C 30 14.13 -38.02 4.24
N ARG C 31 14.13 -36.82 3.68
CA ARG C 31 12.90 -36.17 3.25
C ARG C 31 12.45 -36.77 1.93
N ILE C 32 11.30 -37.44 1.92
CA ILE C 32 10.79 -38.12 0.74
C ILE C 32 9.62 -37.33 0.19
N ILE C 33 9.42 -37.45 -1.12
CA ILE C 33 8.30 -36.81 -1.82
C ILE C 33 7.21 -37.84 -2.04
N ALA C 34 5.95 -37.40 -1.98
CA ALA C 34 4.84 -38.32 -2.15
C ALA C 34 4.87 -39.00 -3.51
N SER C 35 5.26 -38.27 -4.55
CA SER C 35 5.31 -38.84 -5.89
C SER C 35 6.26 -40.03 -5.94
N THR C 36 7.37 -39.95 -5.21
CA THR C 36 8.33 -41.05 -5.21
C THR C 36 7.69 -42.35 -4.73
N ILE C 37 7.09 -42.33 -3.54
CA ILE C 37 6.47 -43.53 -2.99
C ILE C 37 5.27 -43.95 -3.82
N ILE C 38 4.54 -42.99 -4.40
CA ILE C 38 3.39 -43.33 -5.23
C ILE C 38 3.85 -44.13 -6.44
N ASP C 39 4.87 -43.64 -7.15
CA ASP C 39 5.42 -44.39 -8.28
C ASP C 39 6.04 -45.70 -7.82
N LEU C 40 6.56 -45.75 -6.59
CA LEU C 40 7.15 -46.97 -6.07
C LEU C 40 6.10 -48.07 -5.94
N TRP C 41 5.05 -47.82 -5.17
CA TRP C 41 4.00 -48.81 -4.95
C TRP C 41 2.83 -48.66 -5.92
N SER C 42 3.06 -48.05 -7.08
CA SER C 42 1.99 -47.94 -8.08
C SER C 42 1.55 -49.32 -8.55
N ALA C 43 2.46 -50.08 -9.15
CA ALA C 43 2.12 -51.42 -9.62
C ALA C 43 1.79 -52.38 -8.49
N SER C 44 2.05 -51.99 -7.23
CA SER C 44 1.76 -52.89 -6.11
C SER C 44 0.27 -52.94 -5.84
N TYR C 45 -0.38 -51.78 -5.71
CA TYR C 45 -1.80 -51.70 -5.36
C TYR C 45 -2.51 -50.71 -6.28
N GLY C 46 -2.24 -50.81 -7.58
CA GLY C 46 -2.92 -49.98 -8.54
C GLY C 46 -2.63 -48.50 -8.35
N LYS C 47 -3.59 -47.67 -8.76
CA LYS C 47 -3.46 -46.21 -8.71
C LYS C 47 -4.24 -45.60 -7.55
N GLU C 48 -4.27 -46.28 -6.40
CA GLU C 48 -4.96 -45.81 -5.21
C GLU C 48 -3.99 -45.65 -4.05
N GLY C 49 -2.81 -45.08 -4.33
CA GLY C 49 -1.82 -44.91 -3.28
C GLY C 49 -2.10 -43.74 -2.35
N MET C 50 -2.70 -42.68 -2.87
CA MET C 50 -2.99 -41.51 -2.03
C MET C 50 -3.93 -41.87 -0.89
N ASN C 51 -4.92 -42.71 -1.16
CA ASN C 51 -5.86 -43.12 -0.12
C ASN C 51 -5.13 -43.84 1.01
N ASN C 52 -4.30 -44.83 0.65
CA ASN C 52 -3.56 -45.56 1.67
C ASN C 52 -2.60 -44.65 2.43
N LEU C 53 -1.97 -43.70 1.72
CA LEU C 53 -1.06 -42.78 2.38
C LEU C 53 -1.81 -41.92 3.40
N GLN C 54 -2.96 -41.38 3.01
CA GLN C 54 -3.74 -40.57 3.95
C GLN C 54 -4.24 -41.40 5.12
N ASP C 55 -4.62 -42.66 4.86
CA ASP C 55 -5.06 -43.52 5.95
C ASP C 55 -3.93 -43.79 6.94
N LEU C 56 -2.73 -44.07 6.44
CA LEU C 56 -1.60 -44.29 7.32
C LEU C 56 -1.23 -43.03 8.08
N ALA C 57 -1.35 -41.87 7.44
CA ALA C 57 -1.04 -40.61 8.12
C ALA C 57 -2.05 -40.33 9.22
N SER C 58 -3.33 -40.66 8.99
CA SER C 58 -4.34 -40.42 10.01
C SER C 58 -4.07 -41.23 11.27
N ARG C 59 -3.53 -42.44 11.13
CA ARG C 59 -3.22 -43.30 12.26
C ARG C 59 -1.96 -42.86 13.01
N ASN C 60 -1.38 -41.72 12.64
CA ASN C 60 -0.18 -41.17 13.28
C ASN C 60 1.08 -41.95 12.91
N LEU C 61 0.99 -42.90 11.98
CA LEU C 61 2.17 -43.67 11.61
C LEU C 61 3.15 -42.83 10.81
N LEU C 62 2.65 -41.94 9.95
CA LEU C 62 3.48 -41.08 9.13
C LEU C 62 3.01 -39.64 9.25
N LYS C 63 3.93 -38.72 8.98
CA LYS C 63 3.66 -37.29 9.04
C LYS C 63 3.71 -36.70 7.64
N LEU C 64 2.70 -35.90 7.29
CA LEU C 64 2.62 -35.25 5.99
C LEU C 64 2.77 -33.75 6.15
N LEU C 65 3.41 -33.13 5.16
CA LEU C 65 3.61 -31.69 5.19
C LEU C 65 3.42 -31.10 3.79
N PRO C 66 2.44 -30.22 3.61
CA PRO C 66 2.27 -29.58 2.30
C PRO C 66 3.36 -28.57 2.01
N ILE C 67 4.19 -28.84 1.00
CA ILE C 67 5.28 -27.95 0.63
C ILE C 67 4.94 -27.27 -0.69
N GLY C 68 4.33 -26.09 -0.63
CA GLY C 68 3.94 -25.38 -1.82
C GLY C 68 2.45 -25.12 -1.89
N ARG C 69 1.82 -25.56 -2.98
CA ARG C 69 0.38 -25.36 -3.15
C ARG C 69 -0.38 -26.27 -2.18
N ASN C 70 -1.39 -25.70 -1.52
CA ASN C 70 -2.17 -26.47 -0.56
C ASN C 70 -3.11 -27.46 -1.25
N GLU C 71 -3.43 -27.24 -2.52
CA GLU C 71 -4.33 -28.13 -3.23
C GLU C 71 -3.75 -29.54 -3.30
N TYR C 72 -4.43 -30.49 -2.67
CA TYR C 72 -3.99 -31.89 -2.66
C TYR C 72 -4.92 -32.83 -3.41
N GLU C 73 -6.22 -32.55 -3.45
CA GLU C 73 -7.15 -33.41 -4.15
C GLU C 73 -6.97 -33.35 -5.66
N ASP C 74 -6.34 -32.28 -6.18
CA ASP C 74 -6.14 -32.15 -7.62
C ASP C 74 -5.10 -33.11 -8.17
N GLY C 75 -4.52 -33.96 -7.34
CA GLY C 75 -3.53 -34.90 -7.79
C GLY C 75 -2.10 -34.38 -7.83
N PHE C 76 -1.87 -33.17 -7.34
CA PHE C 76 -0.53 -32.60 -7.33
C PHE C 76 0.32 -33.26 -6.25
N TYR C 77 1.08 -34.29 -6.63
CA TYR C 77 1.91 -35.04 -5.69
C TYR C 77 3.32 -34.48 -5.60
N ASN C 78 3.52 -33.20 -5.94
CA ASN C 78 4.83 -32.57 -5.88
C ASN C 78 4.97 -31.59 -4.73
N GLU C 79 3.95 -31.47 -3.87
CA GLU C 79 3.95 -30.55 -2.75
C GLU C 79 3.48 -31.25 -1.48
N LEU C 80 4.01 -32.45 -1.24
CA LEU C 80 3.61 -33.24 -0.07
C LEU C 80 4.84 -34.04 0.38
N LEU C 81 5.52 -33.54 1.40
CA LEU C 81 6.66 -34.25 1.99
C LEU C 81 6.17 -35.23 3.05
N VAL C 82 6.81 -36.40 3.09
CA VAL C 82 6.45 -37.45 4.04
C VAL C 82 7.66 -37.67 4.96
N LYS C 83 7.41 -37.61 6.27
CA LYS C 83 8.46 -37.81 7.26
C LYS C 83 7.99 -38.83 8.29
N GLN C 84 8.94 -39.63 8.76
CA GLN C 84 8.66 -40.68 9.74
C GLN C 84 9.54 -40.49 10.97
N ASP C 85 9.24 -41.29 12.00
CA ASP C 85 10.01 -41.27 13.24
C ASP C 85 11.03 -42.40 13.22
N ASN C 86 12.18 -42.16 13.88
CA ASN C 86 13.23 -43.17 13.92
C ASN C 86 12.74 -44.46 14.56
N VAL C 87 11.89 -44.34 15.59
CA VAL C 87 11.39 -45.53 16.27
C VAL C 87 10.53 -46.35 15.34
N LEU C 88 9.67 -45.70 14.56
CA LEU C 88 8.81 -46.42 13.62
C LEU C 88 9.64 -47.13 12.56
N ARG C 89 10.64 -46.44 12.01
CA ARG C 89 11.48 -47.07 10.99
C ARG C 89 12.25 -48.25 11.57
N GLU C 90 12.76 -48.11 12.80
CA GLU C 90 13.48 -49.21 13.43
C GLU C 90 12.56 -50.41 13.66
N PHE C 91 11.34 -50.16 14.13
CA PHE C 91 10.39 -51.24 14.35
C PHE C 91 10.05 -51.92 13.03
N ALA C 92 9.86 -51.15 11.96
CA ALA C 92 9.55 -51.74 10.66
C ALA C 92 10.70 -52.59 10.15
N ILE C 93 11.93 -52.09 10.30
CA ILE C 93 13.09 -52.86 9.87
C ILE C 93 13.22 -54.14 10.67
N ASN C 94 12.96 -54.07 11.98
CA ASN C 94 13.03 -55.28 12.81
C ASN C 94 11.98 -56.28 12.39
N GLN C 95 10.75 -55.82 12.14
CA GLN C 95 9.70 -56.72 11.70
C GLN C 95 10.03 -57.36 10.35
N CYS C 96 10.58 -56.58 9.44
CA CYS C 96 10.98 -57.12 8.14
C CYS C 96 12.07 -58.17 8.29
N LEU C 97 13.08 -57.90 9.12
CA LEU C 97 14.14 -58.86 9.34
C LEU C 97 13.60 -60.14 9.98
N LYS C 98 12.66 -60.00 10.92
CA LYS C 98 12.08 -61.17 11.56
C LYS C 98 11.29 -62.00 10.56
N GLU C 99 10.47 -61.35 9.72
CA GLU C 99 9.71 -62.08 8.71
C GLU C 99 10.63 -62.84 7.76
N SER C 100 11.71 -62.19 7.31
CA SER C 100 12.65 -62.85 6.41
C SER C 100 13.40 -63.95 7.15
N SER C 101 13.49 -65.12 6.53
CA SER C 101 14.19 -66.26 7.12
C SER C 101 15.38 -66.75 6.31
N SER C 102 15.44 -66.46 5.01
CA SER C 102 16.54 -66.89 4.16
C SER C 102 16.87 -65.78 3.18
N ILE C 103 17.92 -66.00 2.39
CA ILE C 103 18.33 -65.00 1.39
C ILE C 103 17.23 -64.81 0.35
N PHE C 104 16.87 -65.88 -0.35
CA PHE C 104 15.84 -65.80 -1.37
C PHE C 104 14.43 -65.85 -0.80
N GLU C 105 14.26 -66.39 0.41
CA GLU C 105 12.93 -66.46 1.01
C GLU C 105 12.38 -65.07 1.33
N ARG C 106 13.25 -64.15 1.74
CA ARG C 106 12.81 -62.81 2.10
C ARG C 106 12.18 -62.12 0.89
N LYS C 107 10.96 -61.60 1.09
CA LYS C 107 10.27 -60.90 0.01
C LYS C 107 10.76 -59.46 -0.12
N ARG C 108 11.19 -58.84 0.98
CA ARG C 108 11.73 -57.48 0.97
C ARG C 108 13.10 -57.51 1.62
N LEU C 109 14.15 -57.35 0.82
CA LEU C 109 15.52 -57.41 1.30
C LEU C 109 16.25 -56.13 0.89
N ASN C 110 16.91 -55.50 1.85
CA ASN C 110 17.68 -54.29 1.62
C ASN C 110 19.15 -54.56 1.92
N LEU C 111 20.03 -54.10 1.02
CA LEU C 111 21.45 -54.31 1.15
C LEU C 111 22.18 -52.97 1.24
N GLU C 112 23.32 -52.98 1.92
CA GLU C 112 24.13 -51.77 2.07
C GLU C 112 25.60 -52.20 2.08
N ILE C 113 26.25 -52.11 0.92
CA ILE C 113 27.65 -52.52 0.77
C ILE C 113 28.49 -51.29 1.13
N GLN C 114 28.78 -51.13 2.40
CA GLN C 114 29.59 -50.02 2.87
C GLN C 114 31.07 -50.31 2.69
N ASP C 115 31.86 -49.24 2.57
CA ASP C 115 33.30 -49.35 2.38
C ASP C 115 33.65 -50.16 1.15
N ASN C 116 32.79 -50.12 0.12
CA ASN C 116 33.01 -50.85 -1.12
C ASN C 116 33.16 -52.36 -0.87
N LYS C 117 32.48 -52.86 0.16
CA LYS C 117 32.51 -54.27 0.52
C LYS C 117 31.14 -54.87 0.30
N PHE C 118 31.06 -55.88 -0.57
CA PHE C 118 29.79 -56.52 -0.85
C PHE C 118 29.26 -57.23 0.39
N PRO C 119 27.98 -57.62 0.38
CA PRO C 119 27.42 -58.30 1.55
C PRO C 119 28.11 -59.63 1.79
N ASN C 120 28.20 -60.00 3.08
CA ASN C 120 28.85 -61.26 3.44
C ASN C 120 28.21 -62.44 2.72
N TRP C 121 26.88 -62.46 2.63
CA TRP C 121 26.19 -63.55 1.95
C TRP C 121 26.62 -63.63 0.49
N CYS C 122 26.47 -62.53 -0.25
CA CYS C 122 26.84 -62.49 -1.65
C CYS C 122 28.34 -62.27 -1.87
N LEU C 123 29.12 -62.12 -0.80
CA LEU C 123 30.55 -61.91 -0.96
C LEU C 123 31.23 -63.13 -1.55
N ASN C 124 31.01 -64.29 -0.96
CA ASN C 124 31.61 -65.55 -1.40
C ASN C 124 30.52 -66.54 -1.81
N PRO C 125 29.70 -66.18 -2.79
CA PRO C 125 28.61 -67.08 -3.22
C PRO C 125 29.06 -68.07 -4.27
N LYS C 126 28.63 -69.32 -4.13
CA LYS C 126 28.99 -70.38 -5.08
C LYS C 126 27.92 -70.54 -6.16
N GLN C 127 26.67 -70.67 -5.76
CA GLN C 127 25.57 -70.83 -6.70
C GLN C 127 25.11 -69.48 -7.23
N PRO C 128 24.29 -69.48 -8.28
CA PRO C 128 23.82 -68.20 -8.84
C PRO C 128 22.95 -67.43 -7.86
N ILE C 129 23.45 -66.28 -7.42
CA ILE C 129 22.75 -65.47 -6.43
C ILE C 129 21.51 -64.85 -7.10
N VAL C 130 20.33 -65.38 -6.78
CA VAL C 130 19.07 -64.87 -7.29
C VAL C 130 18.04 -64.95 -6.18
N ILE C 131 17.46 -63.81 -5.82
CA ILE C 131 16.51 -63.72 -4.73
C ILE C 131 15.16 -63.34 -5.31
N ASN C 132 14.10 -64.04 -4.88
CA ASN C 132 12.74 -63.75 -5.33
C ASN C 132 12.05 -62.83 -4.33
N ALA C 133 12.55 -61.60 -4.29
CA ALA C 133 12.04 -60.57 -3.40
C ALA C 133 11.26 -59.53 -4.21
N SER C 134 10.03 -59.24 -3.77
CA SER C 134 9.21 -58.29 -4.49
C SER C 134 9.84 -56.90 -4.50
N LEU C 135 10.48 -56.52 -3.40
CA LEU C 135 11.10 -55.20 -3.28
C LEU C 135 12.54 -55.38 -2.82
N PHE C 136 13.48 -54.92 -3.65
CA PHE C 136 14.90 -55.00 -3.34
C PHE C 136 15.47 -53.58 -3.26
N SER C 137 16.25 -53.32 -2.22
CA SER C 137 16.83 -52.00 -2.00
C SER C 137 18.32 -52.15 -1.76
N ILE C 138 19.12 -51.38 -2.50
CA ILE C 138 20.57 -51.40 -2.40
C ILE C 138 21.05 -49.98 -2.13
N SER C 139 21.84 -49.80 -1.07
CA SER C 139 22.37 -48.50 -0.69
C SER C 139 23.89 -48.58 -0.68
N THR C 140 24.52 -47.76 -1.52
CA THR C 140 25.98 -47.72 -1.64
C THR C 140 26.47 -46.32 -1.31
N ASP C 141 27.51 -46.24 -0.49
CA ASP C 141 28.07 -44.95 -0.11
C ASP C 141 28.94 -44.40 -1.24
N ASP C 142 29.22 -43.10 -1.15
CA ASP C 142 30.05 -42.46 -2.17
C ASP C 142 31.46 -43.03 -2.19
N SER C 143 31.95 -43.50 -1.04
CA SER C 143 33.30 -44.07 -1.00
C SER C 143 33.39 -45.36 -1.80
N PHE C 144 32.38 -46.22 -1.68
CA PHE C 144 32.38 -47.48 -2.41
C PHE C 144 32.38 -47.22 -3.91
N ALA C 145 33.13 -48.04 -4.65
CA ALA C 145 33.21 -47.91 -6.10
C ALA C 145 31.91 -48.27 -6.79
N SER C 146 30.98 -48.92 -6.09
CA SER C 146 29.69 -49.31 -6.67
C SER C 146 29.88 -50.33 -7.81
N SER C 147 30.90 -51.16 -7.69
CA SER C 147 31.15 -52.18 -8.71
C SER C 147 30.02 -53.20 -8.74
N TRP C 148 29.77 -53.74 -9.94
CA TRP C 148 28.72 -54.73 -10.11
C TRP C 148 29.21 -56.11 -9.68
N PHE C 149 28.25 -56.99 -9.41
CA PHE C 149 28.53 -58.36 -8.99
C PHE C 149 27.64 -59.32 -9.79
N GLU C 150 27.83 -60.61 -9.56
CA GLU C 150 27.05 -61.64 -10.23
C GLU C 150 25.81 -61.96 -9.41
N MET C 151 24.65 -61.69 -9.97
CA MET C 151 23.37 -61.93 -9.31
C MET C 151 22.26 -61.70 -10.32
N ASP C 152 21.02 -61.90 -9.87
CA ASP C 152 19.86 -61.70 -10.72
C ASP C 152 18.61 -61.73 -9.86
N CYS C 153 17.64 -60.88 -10.20
CA CYS C 153 16.38 -60.81 -9.46
C CYS C 153 15.34 -61.63 -10.19
N PRO C 154 14.98 -62.82 -9.71
CA PRO C 154 13.99 -63.62 -10.45
C PRO C 154 12.58 -63.06 -10.36
N ASN C 155 12.17 -62.61 -9.17
CA ASN C 155 10.82 -62.09 -8.95
C ASN C 155 10.92 -60.79 -8.14
N VAL C 156 10.91 -59.66 -8.83
CA VAL C 156 10.97 -58.35 -8.20
C VAL C 156 10.24 -57.35 -9.08
N GLU C 157 9.38 -56.53 -8.46
CA GLU C 157 8.58 -55.56 -9.18
C GLU C 157 9.19 -54.17 -9.19
N ALA C 158 9.69 -53.70 -8.05
CA ALA C 158 10.28 -52.38 -7.93
C ALA C 158 11.70 -52.49 -7.38
N LEU C 159 12.54 -51.52 -7.76
CA LEU C 159 13.93 -51.48 -7.32
C LEU C 159 14.32 -50.04 -7.05
N VAL C 160 14.91 -49.80 -5.88
CA VAL C 160 15.36 -48.46 -5.50
C VAL C 160 16.86 -48.51 -5.25
N LEU C 161 17.53 -47.41 -5.56
CA LEU C 161 18.98 -47.30 -5.41
C LEU C 161 19.32 -45.96 -4.75
N ASN C 162 19.99 -46.03 -3.61
CA ASN C 162 20.44 -44.84 -2.89
C ASN C 162 21.95 -44.72 -3.11
N ILE C 163 22.35 -43.82 -4.00
CA ILE C 163 23.75 -43.64 -4.37
C ILE C 163 24.21 -42.27 -3.92
N SER C 164 25.52 -42.16 -3.67
CA SER C 164 26.12 -40.90 -3.26
C SER C 164 27.42 -40.56 -3.99
N SER C 165 27.98 -41.47 -4.77
CA SER C 165 29.23 -41.20 -5.47
C SER C 165 29.00 -40.24 -6.62
N SER C 166 30.06 -39.49 -6.96
CA SER C 166 29.98 -38.56 -8.09
C SER C 166 29.77 -39.30 -9.41
N ASN C 167 30.37 -40.48 -9.55
CA ASN C 167 30.21 -41.31 -10.74
C ASN C 167 29.60 -42.63 -10.33
N TYR C 168 28.63 -43.10 -11.13
CA TYR C 168 27.93 -44.34 -10.82
C TYR C 168 27.53 -45.02 -12.12
N ALA C 169 27.73 -46.33 -12.19
CA ALA C 169 27.36 -47.14 -13.33
C ALA C 169 26.42 -48.25 -12.86
N LEU C 170 25.20 -48.24 -13.36
CA LEU C 170 24.23 -49.25 -12.96
C LEU C 170 24.74 -50.64 -13.34
N PRO C 171 24.64 -51.62 -12.45
CA PRO C 171 25.15 -52.96 -12.76
C PRO C 171 24.40 -53.58 -13.93
N ASN C 172 24.96 -54.68 -14.45
CA ASN C 172 24.38 -55.32 -15.63
C ASN C 172 23.33 -56.36 -15.25
N PHE C 173 23.43 -56.96 -14.06
CA PHE C 173 22.47 -57.99 -13.69
C PHE C 173 21.04 -57.48 -13.65
N ILE C 174 20.83 -56.16 -13.66
CA ILE C 174 19.48 -55.61 -13.72
C ILE C 174 18.76 -56.10 -14.98
N ALA C 175 19.52 -56.33 -16.05
CA ALA C 175 18.91 -56.84 -17.28
C ALA C 175 18.35 -58.25 -17.08
N THR C 176 18.94 -59.03 -16.17
CA THR C 176 18.45 -60.37 -15.92
C THR C 176 17.01 -60.35 -15.40
N MET C 177 16.65 -59.32 -14.65
CA MET C 177 15.30 -59.21 -14.11
C MET C 177 14.28 -59.14 -15.25
N LYS C 178 13.10 -59.70 -15.00
CA LYS C 178 12.02 -59.69 -15.98
C LYS C 178 10.68 -59.27 -15.41
N GLU C 179 10.52 -59.23 -14.09
CA GLU C 179 9.27 -58.82 -13.46
C GLU C 179 9.31 -57.37 -12.97
N LEU C 180 10.45 -56.70 -13.10
CA LEU C 180 10.56 -55.33 -12.63
C LEU C 180 9.62 -54.42 -13.42
N LYS C 181 9.00 -53.48 -12.73
CA LYS C 181 8.07 -52.53 -13.34
C LYS C 181 8.48 -51.08 -13.18
N VAL C 182 9.13 -50.71 -12.08
CA VAL C 182 9.55 -49.33 -11.85
C VAL C 182 10.84 -49.35 -11.04
N VAL C 183 11.71 -48.39 -11.33
CA VAL C 183 13.00 -48.24 -10.66
C VAL C 183 13.13 -46.82 -10.18
N ILE C 184 13.68 -46.65 -8.98
CA ILE C 184 13.89 -45.34 -8.36
C ILE C 184 15.37 -45.20 -8.04
N ILE C 185 15.98 -44.13 -8.55
CA ILE C 185 17.40 -43.86 -8.35
C ILE C 185 17.51 -42.56 -7.56
N ILE C 186 17.78 -42.68 -6.27
CA ILE C 186 17.93 -41.53 -5.39
C ILE C 186 19.41 -41.31 -5.10
N ASN C 187 19.87 -40.08 -5.26
CA ASN C 187 21.26 -39.72 -5.06
C ASN C 187 21.37 -38.77 -3.87
N HIS C 188 22.26 -39.10 -2.94
CA HIS C 188 22.52 -38.27 -1.76
C HIS C 188 23.96 -37.76 -1.86
N GLY C 189 24.12 -36.65 -2.55
CA GLY C 189 25.44 -36.05 -2.71
C GLY C 189 25.33 -34.57 -2.98
N LEU C 190 26.36 -33.83 -2.57
CA LEU C 190 26.34 -32.39 -2.76
C LEU C 190 26.41 -31.98 -4.22
N GLU C 191 26.92 -32.85 -5.09
CA GLU C 191 27.02 -32.54 -6.51
C GLU C 191 26.29 -33.61 -7.32
N PRO C 192 25.76 -33.24 -8.49
CA PRO C 192 25.03 -34.22 -9.29
C PRO C 192 25.92 -35.40 -9.68
N ALA C 193 25.35 -36.60 -9.63
CA ALA C 193 26.07 -37.80 -9.98
C ALA C 193 26.01 -38.05 -11.48
N LYS C 194 26.92 -38.90 -11.96
CA LYS C 194 27.02 -39.25 -13.36
C LYS C 194 26.57 -40.69 -13.54
N LEU C 195 25.56 -40.91 -14.38
CA LEU C 195 25.02 -42.23 -14.64
C LEU C 195 25.48 -42.73 -16.01
N THR C 196 25.63 -44.05 -16.12
CA THR C 196 26.05 -44.68 -17.36
C THR C 196 25.49 -46.08 -17.42
N ASN C 197 25.57 -46.68 -18.62
CA ASN C 197 25.08 -48.04 -18.85
C ASN C 197 23.56 -48.11 -18.73
N LEU C 198 22.88 -47.08 -19.25
CA LEU C 198 21.42 -47.06 -19.20
C LEU C 198 20.78 -48.06 -20.15
N SER C 199 21.56 -48.59 -21.10
CA SER C 199 21.00 -49.56 -22.05
C SER C 199 20.40 -50.76 -21.35
N CYS C 200 20.86 -51.07 -20.13
CA CYS C 200 20.31 -52.20 -19.39
C CYS C 200 18.82 -52.03 -19.10
N LEU C 201 18.30 -50.81 -19.14
CA LEU C 201 16.89 -50.56 -18.85
C LEU C 201 16.01 -50.61 -20.10
N SER C 202 16.58 -50.49 -21.29
CA SER C 202 15.79 -50.49 -22.51
C SER C 202 15.28 -51.88 -22.86
N SER C 203 15.90 -52.94 -22.34
CA SER C 203 15.49 -54.29 -22.69
C SER C 203 14.32 -54.78 -21.84
N LEU C 204 14.22 -54.32 -20.61
CA LEU C 204 13.16 -54.76 -19.71
C LEU C 204 11.80 -54.34 -20.25
N PRO C 205 10.98 -55.28 -20.70
CA PRO C 205 9.65 -54.95 -21.22
C PRO C 205 8.55 -54.84 -20.18
N ASN C 206 8.87 -54.96 -18.89
CA ASN C 206 7.88 -54.90 -17.83
C ASN C 206 7.99 -53.61 -17.01
N LEU C 207 8.87 -52.69 -17.40
CA LEU C 207 9.04 -51.44 -16.69
C LEU C 207 7.94 -50.46 -17.09
N LYS C 208 7.40 -49.74 -16.11
CA LYS C 208 6.32 -48.80 -16.34
C LYS C 208 6.71 -47.36 -16.01
N ARG C 209 7.25 -47.12 -14.82
CA ARG C 209 7.61 -45.78 -14.39
C ARG C 209 9.12 -45.70 -14.14
N ILE C 210 9.67 -44.52 -14.41
CA ILE C 210 11.09 -44.24 -14.19
C ILE C 210 11.21 -42.90 -13.47
N ARG C 211 12.11 -42.81 -12.50
CA ARG C 211 12.29 -41.60 -11.72
C ARG C 211 13.77 -41.37 -11.49
N PHE C 212 14.21 -40.12 -11.68
CA PHE C 212 15.58 -39.71 -11.45
C PHE C 212 15.60 -38.44 -10.62
N GLU C 213 16.51 -38.39 -9.64
CA GLU C 213 16.61 -37.23 -8.76
C GLU C 213 18.08 -36.94 -8.50
N LYS C 214 18.46 -35.67 -8.63
CA LYS C 214 19.83 -35.21 -8.36
C LYS C 214 20.84 -36.10 -9.10
N VAL C 215 20.74 -36.09 -10.43
CA VAL C 215 21.63 -36.88 -11.28
C VAL C 215 21.90 -36.11 -12.56
N SER C 216 23.03 -36.42 -13.19
CA SER C 216 23.40 -35.83 -14.47
C SER C 216 23.03 -36.81 -15.58
N ILE C 217 22.10 -36.39 -16.45
CA ILE C 217 21.58 -37.26 -17.49
C ILE C 217 21.41 -36.48 -18.78
N SER C 218 21.61 -37.15 -19.91
CA SER C 218 21.45 -36.55 -21.22
C SER C 218 20.03 -36.83 -21.72
N LEU C 219 19.20 -35.80 -21.73
CA LEU C 219 17.82 -35.97 -22.15
C LEU C 219 17.73 -36.41 -23.61
N LEU C 220 18.60 -35.86 -24.47
CA LEU C 220 18.55 -36.20 -25.88
C LEU C 220 18.81 -37.68 -26.12
N ASP C 221 19.46 -38.37 -25.17
CA ASP C 221 19.72 -39.79 -25.30
C ASP C 221 18.56 -40.66 -24.80
N ILE C 222 17.59 -40.07 -24.11
CA ILE C 222 16.46 -40.86 -23.62
C ILE C 222 15.71 -41.55 -24.75
N PRO C 223 15.24 -40.83 -25.77
CA PRO C 223 14.52 -41.53 -26.86
C PRO C 223 15.39 -42.52 -27.62
N LYS C 224 16.69 -42.23 -27.78
CA LYS C 224 17.57 -43.17 -28.47
C LYS C 224 17.76 -44.46 -27.69
N LEU C 225 17.47 -44.47 -26.39
CA LEU C 225 17.64 -45.69 -25.60
C LEU C 225 16.70 -46.80 -26.07
N GLY C 226 15.58 -46.45 -26.69
CA GLY C 226 14.65 -47.45 -27.18
C GLY C 226 13.81 -48.07 -26.08
N LEU C 227 13.07 -47.24 -25.35
CA LEU C 227 12.19 -47.71 -24.29
C LEU C 227 10.90 -48.21 -24.92
N LYS C 228 10.71 -49.52 -24.96
CA LYS C 228 9.55 -50.11 -25.63
C LYS C 228 8.25 -49.64 -24.99
N SER C 229 8.03 -50.00 -23.73
CA SER C 229 6.79 -49.68 -23.02
C SER C 229 7.13 -49.01 -21.69
N LEU C 230 7.13 -47.68 -21.68
CA LEU C 230 7.27 -46.91 -20.45
C LEU C 230 6.21 -45.82 -20.42
N GLU C 231 5.56 -45.69 -19.26
CA GLU C 231 4.40 -44.82 -19.11
C GLU C 231 4.73 -43.42 -18.63
N LYS C 232 5.45 -43.29 -17.52
CA LYS C 232 5.70 -42.00 -16.90
C LYS C 232 7.19 -41.81 -16.66
N LEU C 233 7.67 -40.60 -16.94
CA LEU C 233 9.05 -40.22 -16.70
C LEU C 233 9.07 -38.98 -15.82
N SER C 234 9.71 -39.09 -14.65
CA SER C 234 9.76 -38.01 -13.68
C SER C 234 11.20 -37.53 -13.53
N LEU C 235 11.38 -36.21 -13.52
CA LEU C 235 12.69 -35.60 -13.36
C LEU C 235 12.70 -34.72 -12.12
N TRP C 236 13.84 -34.70 -11.43
CA TRP C 236 13.97 -33.92 -10.19
C TRP C 236 15.45 -33.61 -10.00
N PHE C 237 15.81 -32.33 -10.13
CA PHE C 237 17.19 -31.89 -10.01
C PHE C 237 18.08 -32.61 -11.04
N CYS C 238 17.77 -32.38 -12.31
CA CYS C 238 18.45 -33.03 -13.41
C CYS C 238 19.53 -32.12 -13.96
N HIS C 239 20.71 -32.68 -14.24
CA HIS C 239 21.82 -31.96 -14.85
C HIS C 239 21.88 -32.34 -16.32
N VAL C 240 21.59 -31.39 -17.19
CA VAL C 240 21.56 -31.63 -18.63
C VAL C 240 22.96 -31.43 -19.19
N VAL C 241 23.19 -32.02 -20.36
CA VAL C 241 24.49 -31.93 -21.03
C VAL C 241 24.30 -31.71 -22.52
N THR C 253 11.55 -45.78 -30.24
CA THR C 253 10.59 -44.71 -29.97
C THR C 253 9.80 -44.99 -28.70
N LEU C 254 9.35 -43.92 -28.04
CA LEU C 254 8.56 -44.03 -26.81
C LEU C 254 7.13 -44.38 -27.20
N GLN C 255 6.76 -45.65 -26.99
CA GLN C 255 5.44 -46.11 -27.43
C GLN C 255 4.37 -45.79 -26.40
N SER C 256 4.59 -46.16 -25.14
CA SER C 256 3.58 -46.04 -24.10
C SER C 256 3.79 -44.86 -23.17
N LEU C 257 4.54 -43.85 -23.60
CA LEU C 257 4.73 -42.66 -22.77
C LEU C 257 3.47 -41.81 -22.76
N GLN C 258 3.01 -41.45 -21.56
CA GLN C 258 1.80 -40.66 -21.41
C GLN C 258 1.94 -39.48 -20.45
N GLU C 259 2.92 -39.49 -19.55
CA GLU C 259 3.10 -38.43 -18.57
C GLU C 259 4.58 -38.10 -18.45
N ILE C 260 4.92 -36.84 -18.65
CA ILE C 260 6.30 -36.36 -18.49
C ILE C 260 6.27 -35.20 -17.49
N GLU C 261 6.98 -35.39 -16.37
CA GLU C 261 7.01 -34.41 -15.30
C GLU C 261 8.45 -34.07 -14.97
N ILE C 262 8.81 -32.80 -15.12
CA ILE C 262 10.15 -32.31 -14.83
C ILE C 262 10.03 -31.06 -13.98
N ASP C 263 10.84 -30.98 -12.92
CA ASP C 263 10.81 -29.82 -12.03
C ASP C 263 12.14 -29.72 -11.29
N TYR C 264 12.50 -28.50 -10.93
CA TYR C 264 13.72 -28.24 -10.15
C TYR C 264 14.96 -28.72 -10.90
N CYS C 265 15.01 -28.46 -12.20
CA CYS C 265 16.13 -28.84 -13.05
C CYS C 265 16.74 -27.57 -13.65
N TYR C 266 17.92 -27.21 -13.20
CA TYR C 266 18.63 -26.04 -13.71
C TYR C 266 19.43 -26.40 -14.96
N ASN C 267 19.90 -25.37 -15.66
CA ASN C 267 20.70 -25.48 -16.87
C ASN C 267 19.87 -25.92 -18.08
N LEU C 268 18.59 -26.23 -17.90
CA LEU C 268 17.72 -26.64 -19.00
C LEU C 268 17.17 -25.39 -19.67
N ASP C 269 17.92 -24.86 -20.63
CA ASP C 269 17.55 -23.62 -21.30
C ASP C 269 16.39 -23.81 -22.28
N GLU C 270 16.16 -25.03 -22.75
CA GLU C 270 15.09 -25.28 -23.71
C GLU C 270 14.76 -26.77 -23.71
N LEU C 271 13.47 -27.08 -23.73
CA LEU C 271 13.03 -28.47 -23.75
C LEU C 271 13.44 -29.14 -25.05
N PRO C 272 13.60 -30.46 -25.03
CA PRO C 272 14.03 -31.17 -26.24
C PRO C 272 12.96 -31.19 -27.32
N TYR C 273 13.27 -31.84 -28.45
CA TYR C 273 12.33 -31.94 -29.56
C TYR C 273 11.66 -33.30 -29.66
N TRP C 274 12.24 -34.35 -29.06
CA TRP C 274 11.62 -35.66 -29.12
C TRP C 274 10.24 -35.66 -28.49
N ILE C 275 10.05 -34.88 -27.42
CA ILE C 275 8.77 -34.81 -26.74
C ILE C 275 7.67 -34.23 -27.62
N SER C 276 8.02 -33.71 -28.79
CA SER C 276 7.05 -33.19 -29.75
C SER C 276 6.64 -34.23 -30.78
N GLN C 277 7.22 -35.43 -30.73
CA GLN C 277 6.90 -36.49 -31.67
C GLN C 277 6.22 -37.69 -30.99
N VAL C 278 5.64 -37.48 -29.83
CA VAL C 278 4.95 -38.53 -29.08
C VAL C 278 3.49 -38.13 -28.98
N VAL C 279 2.61 -38.94 -29.55
CA VAL C 279 1.17 -38.64 -29.51
C VAL C 279 0.55 -39.18 -28.23
N SER C 280 1.08 -40.29 -27.71
CA SER C 280 0.50 -40.88 -26.50
C SER C 280 0.63 -39.98 -25.28
N LEU C 281 1.53 -39.00 -25.34
CA LEU C 281 1.71 -38.09 -24.21
C LEU C 281 0.40 -37.40 -23.86
N LYS C 282 -0.01 -37.49 -22.60
CA LYS C 282 -1.24 -36.88 -22.11
C LYS C 282 -0.98 -35.65 -21.26
N LYS C 283 -0.17 -35.77 -20.22
CA LYS C 283 0.12 -34.68 -19.30
C LYS C 283 1.60 -34.32 -19.38
N LEU C 284 1.88 -33.03 -19.44
CA LEU C 284 3.25 -32.52 -19.49
C LEU C 284 3.31 -31.21 -18.71
N SER C 285 4.08 -31.20 -17.62
CA SER C 285 4.18 -30.04 -16.75
C SER C 285 5.59 -29.93 -16.21
N VAL C 286 6.24 -28.80 -16.45
CA VAL C 286 7.57 -28.51 -15.93
C VAL C 286 7.47 -27.27 -15.06
N THR C 287 7.88 -27.40 -13.79
CA THR C 287 7.76 -26.33 -12.83
C THR C 287 9.11 -26.05 -12.17
N ASN C 288 9.24 -24.84 -11.64
CA ASN C 288 10.43 -24.42 -10.90
C ASN C 288 11.70 -24.58 -11.74
N CYS C 289 11.60 -24.21 -13.02
CA CYS C 289 12.73 -24.25 -13.96
C CYS C 289 13.07 -22.80 -14.32
N ASN C 290 14.08 -22.25 -13.65
CA ASN C 290 14.42 -20.84 -13.83
C ASN C 290 15.00 -20.59 -15.23
N LYS C 291 16.06 -21.32 -15.59
CA LYS C 291 16.76 -21.05 -16.84
C LYS C 291 15.99 -21.62 -18.02
N LEU C 292 14.73 -21.20 -18.19
CA LEU C 292 13.90 -21.62 -19.31
C LEU C 292 13.07 -20.41 -19.75
N CYS C 293 13.41 -19.86 -20.92
CA CYS C 293 12.76 -18.64 -21.42
C CYS C 293 11.73 -18.92 -22.51
N ARG C 294 12.02 -19.84 -23.42
CA ARG C 294 11.13 -20.11 -24.54
C ARG C 294 10.97 -21.61 -24.72
N VAL C 295 9.74 -22.02 -25.06
CA VAL C 295 9.42 -23.42 -25.30
C VAL C 295 9.37 -23.66 -26.80
N ILE C 296 9.67 -24.90 -27.20
CA ILE C 296 9.66 -25.25 -28.62
C ILE C 296 8.27 -24.99 -29.20
N GLU C 297 8.22 -24.19 -30.26
CA GLU C 297 6.93 -23.88 -30.88
C GLU C 297 6.26 -25.10 -31.47
N ALA C 298 7.05 -26.11 -31.87
CA ALA C 298 6.51 -27.33 -32.45
C ALA C 298 5.93 -28.21 -31.34
N ILE C 299 4.83 -27.73 -30.77
CA ILE C 299 4.16 -28.42 -29.68
C ILE C 299 2.71 -28.77 -30.00
N GLY C 300 2.08 -28.12 -30.98
CA GLY C 300 0.70 -28.41 -31.31
C GLY C 300 0.45 -29.83 -31.79
N ASP C 301 1.51 -30.58 -32.11
CA ASP C 301 1.33 -31.95 -32.58
C ASP C 301 0.76 -32.87 -31.50
N LEU C 302 0.81 -32.45 -30.24
CA LEU C 302 0.28 -33.27 -29.14
C LEU C 302 -1.24 -33.19 -29.16
N ARG C 303 -1.84 -34.01 -30.03
CA ARG C 303 -3.29 -34.02 -30.14
C ARG C 303 -3.96 -34.47 -28.85
N ASP C 304 -3.39 -35.49 -28.20
CA ASP C 304 -3.96 -36.03 -26.97
C ASP C 304 -3.31 -35.38 -25.75
N LEU C 305 -3.43 -34.06 -25.68
CA LEU C 305 -2.90 -33.25 -24.59
C LEU C 305 -4.07 -32.69 -23.79
N GLU C 306 -4.17 -33.12 -22.52
CA GLU C 306 -5.27 -32.72 -21.65
C GLU C 306 -4.86 -31.74 -20.55
N THR C 307 -3.62 -31.83 -20.07
CA THR C 307 -3.16 -30.96 -19.00
C THR C 307 -1.75 -30.48 -19.31
N LEU C 308 -1.54 -29.16 -19.22
CA LEU C 308 -0.23 -28.56 -19.47
C LEU C 308 0.02 -27.52 -18.38
N ARG C 309 0.92 -27.85 -17.44
CA ARG C 309 1.21 -27.00 -16.30
C ARG C 309 2.62 -26.42 -16.43
N LEU C 310 2.70 -25.12 -16.68
CA LEU C 310 3.96 -24.39 -16.71
C LEU C 310 3.93 -23.40 -15.55
N SER C 311 4.67 -23.71 -14.48
CA SER C 311 4.61 -22.93 -13.26
C SER C 311 6.01 -22.73 -12.70
N SER C 312 6.15 -21.68 -11.90
CA SER C 312 7.39 -21.40 -11.17
C SER C 312 8.58 -21.23 -12.13
N CYS C 313 8.31 -20.65 -13.30
CA CYS C 313 9.34 -20.37 -14.29
C CYS C 313 9.35 -18.87 -14.55
N ALA C 314 10.45 -18.21 -14.15
CA ALA C 314 10.55 -16.77 -14.28
C ALA C 314 11.01 -16.36 -15.69
N SER C 315 12.01 -17.08 -16.22
CA SER C 315 12.56 -16.76 -17.53
C SER C 315 11.53 -16.91 -18.64
N LEU C 316 10.40 -17.56 -18.32
CA LEU C 316 9.33 -17.78 -19.29
C LEU C 316 8.39 -16.58 -19.24
N LEU C 317 8.36 -15.81 -20.33
CA LEU C 317 7.50 -14.64 -20.43
C LEU C 317 6.33 -14.82 -21.38
N GLU C 318 6.50 -15.59 -22.45
CA GLU C 318 5.43 -15.85 -23.42
C GLU C 318 5.23 -17.34 -23.58
N LEU C 319 4.01 -17.72 -23.94
CA LEU C 319 3.65 -19.11 -24.17
C LEU C 319 3.60 -19.42 -25.66
N PRO C 320 3.61 -20.69 -26.02
CA PRO C 320 3.54 -21.06 -27.45
C PRO C 320 2.28 -20.51 -28.09
N GLU C 321 2.46 -19.70 -29.14
CA GLU C 321 1.32 -19.12 -29.82
C GLU C 321 0.50 -20.19 -30.53
N THR C 322 1.15 -21.25 -31.02
CA THR C 322 0.46 -22.33 -31.70
C THR C 322 -0.12 -23.32 -30.71
N ILE C 323 -0.91 -22.83 -29.76
CA ILE C 323 -1.57 -23.69 -28.79
C ILE C 323 -2.98 -24.07 -29.19
N ASP C 324 -3.58 -23.36 -30.17
CA ASP C 324 -4.94 -23.66 -30.60
C ASP C 324 -5.04 -25.03 -31.27
N ARG C 325 -3.93 -25.58 -31.76
CA ARG C 325 -3.97 -26.88 -32.41
C ARG C 325 -4.53 -27.95 -31.47
N LEU C 326 -4.20 -27.86 -30.18
CA LEU C 326 -4.71 -28.81 -29.22
C LEU C 326 -6.23 -28.74 -29.13
N ASP C 327 -6.87 -29.89 -29.00
CA ASP C 327 -8.33 -29.98 -28.94
C ASP C 327 -8.82 -30.49 -27.60
N ASN C 328 -8.29 -31.61 -27.11
CA ASN C 328 -8.72 -32.20 -25.85
C ASN C 328 -7.98 -31.61 -24.66
N LEU C 329 -8.00 -30.28 -24.56
CA LEU C 329 -7.36 -29.56 -23.46
C LEU C 329 -8.40 -29.28 -22.38
N ARG C 330 -8.15 -29.79 -21.17
CA ARG C 330 -9.08 -29.65 -20.06
C ARG C 330 -8.58 -28.72 -18.96
N PHE C 331 -7.28 -28.75 -18.66
CA PHE C 331 -6.71 -27.94 -17.61
C PHE C 331 -5.44 -27.26 -18.10
N LEU C 332 -5.26 -26.00 -17.71
CA LEU C 332 -4.08 -25.23 -18.07
C LEU C 332 -3.74 -24.30 -16.93
N ASP C 333 -2.55 -24.47 -16.36
CA ASP C 333 -2.08 -23.67 -15.23
C ASP C 333 -0.76 -23.02 -15.57
N VAL C 334 -0.68 -21.71 -15.35
CA VAL C 334 0.54 -20.95 -15.60
C VAL C 334 0.94 -20.13 -14.37
N SER C 335 0.41 -20.48 -13.21
CA SER C 335 0.75 -19.75 -11.99
C SER C 335 2.22 -19.92 -11.65
N GLY C 336 2.83 -18.83 -11.17
CA GLY C 336 4.23 -18.82 -10.79
C GLY C 336 5.07 -17.88 -11.65
N GLY C 337 4.65 -17.64 -12.89
CA GLY C 337 5.37 -16.75 -13.78
C GLY C 337 4.84 -15.34 -13.75
N PHE C 338 5.57 -14.42 -13.12
CA PHE C 338 5.16 -13.03 -13.04
C PHE C 338 5.57 -12.22 -14.25
N GLN C 339 6.56 -12.67 -15.01
CA GLN C 339 7.03 -11.96 -16.19
C GLN C 339 6.24 -12.33 -17.45
N LEU C 340 5.11 -13.01 -17.30
CA LEU C 340 4.29 -13.38 -18.44
C LEU C 340 3.61 -12.13 -19.01
N LYS C 341 3.92 -11.80 -20.26
CA LYS C 341 3.38 -10.60 -20.87
C LYS C 341 1.91 -10.79 -21.23
N ASN C 342 1.60 -11.81 -22.03
CA ASN C 342 0.24 -12.08 -22.47
C ASN C 342 0.07 -13.59 -22.62
N LEU C 343 -1.10 -14.00 -23.10
CA LEU C 343 -1.41 -15.40 -23.31
C LEU C 343 -1.79 -15.61 -24.78
N PRO C 344 -2.01 -16.86 -25.21
CA PRO C 344 -2.44 -17.09 -26.60
C PRO C 344 -3.67 -16.26 -26.93
N LEU C 345 -3.63 -15.62 -28.11
CA LEU C 345 -4.71 -14.72 -28.50
C LEU C 345 -5.97 -15.47 -28.92
N GLU C 346 -5.83 -16.73 -29.30
CA GLU C 346 -6.95 -17.53 -29.79
C GLU C 346 -7.21 -18.73 -28.87
N ILE C 347 -7.15 -18.50 -27.56
CA ILE C 347 -7.42 -19.58 -26.62
C ILE C 347 -8.88 -20.01 -26.70
N GLY C 348 -9.77 -19.09 -27.08
CA GLY C 348 -11.18 -19.43 -27.18
C GLY C 348 -11.49 -20.49 -28.21
N LYS C 349 -10.58 -20.72 -29.16
CA LYS C 349 -10.82 -21.74 -30.17
C LYS C 349 -11.02 -23.11 -29.56
N LEU C 350 -10.27 -23.41 -28.48
CA LEU C 350 -10.42 -24.69 -27.81
C LEU C 350 -11.75 -24.75 -27.06
N LYS C 351 -12.53 -25.79 -27.32
CA LYS C 351 -13.84 -25.94 -26.70
C LYS C 351 -13.81 -26.80 -25.44
N LYS C 352 -12.87 -27.75 -25.35
CA LYS C 352 -12.81 -28.62 -24.19
C LYS C 352 -12.25 -27.92 -22.96
N LEU C 353 -11.70 -26.72 -23.11
CA LEU C 353 -11.18 -25.98 -21.97
C LEU C 353 -12.30 -25.69 -20.98
N GLU C 354 -12.11 -26.11 -19.72
CA GLU C 354 -13.14 -25.94 -18.71
C GLU C 354 -12.59 -25.28 -17.46
N LYS C 355 -11.32 -25.48 -17.17
CA LYS C 355 -10.69 -24.96 -15.96
C LYS C 355 -9.35 -24.34 -16.28
N ILE C 356 -9.09 -23.18 -15.70
CA ILE C 356 -7.82 -22.47 -15.84
C ILE C 356 -7.52 -21.76 -14.53
N SER C 357 -6.28 -21.90 -14.04
CA SER C 357 -5.85 -21.30 -12.79
C SER C 357 -4.67 -20.37 -13.09
N MET C 358 -4.93 -19.07 -13.11
CA MET C 358 -3.91 -18.06 -13.35
C MET C 358 -3.63 -17.36 -12.02
N LYS C 359 -2.68 -17.91 -11.27
CA LYS C 359 -2.33 -17.41 -9.95
C LYS C 359 -1.04 -16.60 -10.02
N ASP C 360 -0.87 -15.73 -9.01
CA ASP C 360 0.35 -14.92 -8.82
C ASP C 360 0.86 -14.34 -10.13
N CYS C 361 -0.05 -13.99 -11.04
CA CYS C 361 0.28 -13.36 -12.32
C CYS C 361 -0.48 -12.05 -12.41
N TYR C 362 0.11 -11.00 -11.84
CA TYR C 362 -0.55 -9.69 -11.82
C TYR C 362 -0.34 -8.94 -13.14
N ARG C 363 0.93 -8.67 -13.48
CA ARG C 363 1.24 -7.91 -14.69
C ARG C 363 1.04 -8.76 -15.94
N CYS C 364 -0.16 -8.74 -16.49
CA CYS C 364 -0.46 -9.47 -17.71
C CYS C 364 -1.86 -9.10 -18.18
N GLU C 365 -2.05 -9.10 -19.50
CA GLU C 365 -3.33 -8.77 -20.11
C GLU C 365 -3.90 -9.99 -20.81
N LEU C 366 -5.21 -10.18 -20.67
CA LEU C 366 -5.90 -11.30 -21.28
C LEU C 366 -6.71 -10.84 -22.47
N PRO C 367 -6.54 -11.48 -23.63
CA PRO C 367 -7.30 -11.06 -24.82
C PRO C 367 -8.79 -11.35 -24.67
N ASP C 368 -9.58 -10.60 -25.43
CA ASP C 368 -11.03 -10.77 -25.42
C ASP C 368 -11.49 -12.11 -25.97
N SER C 369 -10.59 -12.89 -26.56
CA SER C 369 -10.95 -14.19 -27.09
C SER C 369 -11.57 -15.10 -26.02
N VAL C 370 -11.34 -14.80 -24.75
CA VAL C 370 -11.93 -15.60 -23.68
C VAL C 370 -13.45 -15.54 -23.69
N LYS C 371 -14.02 -14.57 -24.42
CA LYS C 371 -15.48 -14.49 -24.49
C LYS C 371 -16.08 -15.77 -25.05
N ASN C 372 -15.37 -16.47 -25.93
CA ASN C 372 -15.84 -17.71 -26.53
C ASN C 372 -15.55 -18.91 -25.65
N LEU C 373 -15.98 -18.84 -24.38
CA LEU C 373 -15.76 -19.92 -23.43
C LEU C 373 -16.86 -19.88 -22.39
N GLU C 374 -17.34 -21.06 -22.01
CA GLU C 374 -18.42 -21.20 -21.03
C GLU C 374 -18.06 -22.29 -20.03
N ASN C 375 -18.66 -22.19 -18.85
CA ASN C 375 -18.43 -23.17 -17.78
C ASN C 375 -16.96 -23.22 -17.40
N LEU C 376 -16.34 -22.05 -17.28
CA LEU C 376 -14.92 -21.94 -16.97
C LEU C 376 -14.74 -21.50 -15.53
N GLU C 377 -14.06 -22.33 -14.74
CA GLU C 377 -13.73 -22.01 -13.35
C GLU C 377 -12.30 -21.50 -13.32
N VAL C 378 -12.15 -20.19 -13.13
CA VAL C 378 -10.84 -19.54 -13.16
C VAL C 378 -10.35 -19.36 -11.73
N LYS C 379 -9.27 -20.05 -11.39
CA LYS C 379 -8.65 -19.93 -10.08
C LYS C 379 -7.63 -18.79 -10.09
N CYS C 380 -7.77 -17.86 -9.17
CA CYS C 380 -6.86 -16.72 -9.07
C CYS C 380 -7.01 -16.10 -7.69
N ASP C 381 -6.40 -14.93 -7.50
CA ASP C 381 -6.46 -14.22 -6.23
C ASP C 381 -7.14 -12.86 -6.44
N GLU C 382 -7.12 -12.03 -5.39
CA GLU C 382 -7.85 -10.77 -5.43
C GLU C 382 -7.33 -9.85 -6.54
N ASP C 383 -6.02 -9.73 -6.67
CA ASP C 383 -5.46 -8.81 -7.65
C ASP C 383 -5.76 -9.29 -9.07
N THR C 384 -5.61 -10.59 -9.34
CA THR C 384 -5.92 -11.13 -10.65
C THR C 384 -7.42 -11.29 -10.87
N ALA C 385 -8.23 -11.27 -9.80
CA ALA C 385 -9.67 -11.40 -9.96
C ALA C 385 -10.26 -10.23 -10.73
N PHE C 386 -9.67 -9.04 -10.61
CA PHE C 386 -10.18 -7.89 -11.34
C PHE C 386 -10.01 -8.07 -12.84
N LEU C 387 -8.96 -8.77 -13.27
CA LEU C 387 -8.74 -9.00 -14.70
C LEU C 387 -9.93 -9.68 -15.34
N TRP C 388 -10.66 -10.51 -14.56
CA TRP C 388 -11.88 -11.15 -15.07
C TRP C 388 -13.13 -10.37 -14.69
N LYS C 389 -13.13 -9.71 -13.53
CA LYS C 389 -14.28 -8.88 -13.16
C LYS C 389 -14.53 -7.78 -14.18
N ILE C 390 -13.46 -7.28 -14.83
CA ILE C 390 -13.64 -6.25 -15.84
C ILE C 390 -14.52 -6.74 -16.99
N LEU C 391 -14.53 -8.05 -17.23
CA LEU C 391 -15.28 -8.63 -18.34
C LEU C 391 -16.28 -9.68 -17.86
N LYS C 392 -16.75 -9.56 -16.62
CA LYS C 392 -17.72 -10.51 -16.10
C LYS C 392 -19.04 -10.47 -16.86
N PRO C 393 -19.69 -9.30 -17.04
CA PRO C 393 -20.97 -9.31 -17.75
C PRO C 393 -20.89 -9.79 -19.18
N GLU C 394 -19.79 -9.47 -19.89
CA GLU C 394 -19.69 -9.86 -21.29
C GLU C 394 -19.64 -11.37 -21.44
N MET C 395 -18.89 -12.05 -20.56
CA MET C 395 -18.78 -13.50 -20.62
C MET C 395 -19.86 -14.16 -19.76
N LYS C 396 -20.33 -15.31 -20.24
CA LYS C 396 -21.35 -16.08 -19.54
C LYS C 396 -20.79 -17.44 -19.17
N ASN C 397 -21.24 -17.97 -18.03
CA ASN C 397 -20.83 -19.28 -17.54
C ASN C 397 -19.35 -19.31 -17.17
N LEU C 398 -18.88 -18.25 -16.52
CA LEU C 398 -17.50 -18.15 -16.05
C LEU C 398 -17.53 -17.73 -14.59
N THR C 399 -16.90 -18.53 -13.73
CA THR C 399 -16.88 -18.29 -12.30
C THR C 399 -15.45 -18.15 -11.81
N ILE C 400 -15.17 -17.09 -11.07
CA ILE C 400 -13.86 -16.84 -10.49
C ILE C 400 -13.82 -17.45 -9.10
N THR C 401 -12.64 -17.93 -8.70
CA THR C 401 -12.43 -18.50 -7.38
C THR C 401 -11.11 -17.98 -6.82
N GLU C 402 -11.19 -17.24 -5.72
CA GLU C 402 -10.02 -16.66 -5.08
C GLU C 402 -9.60 -17.53 -3.91
N GLU C 403 -8.36 -18.00 -3.93
CA GLU C 403 -7.80 -18.85 -2.88
C GLU C 403 -6.60 -18.14 -2.28
N LYS C 404 -6.64 -17.92 -0.96
CA LYS C 404 -5.55 -17.27 -0.25
C LYS C 404 -4.50 -18.30 0.15
N THR C 405 -3.25 -18.01 -0.17
CA THR C 405 -2.17 -18.94 0.14
C THR C 405 -2.08 -19.17 1.64
N GLU C 406 -1.35 -20.23 2.01
CA GLU C 406 -1.12 -20.59 3.41
C GLU C 406 0.37 -20.69 3.64
N HIS C 407 0.88 -19.88 4.56
CA HIS C 407 2.30 -19.81 4.84
C HIS C 407 2.70 -20.89 5.84
N ASN C 408 3.90 -21.43 5.65
CA ASN C 408 4.42 -22.48 6.52
C ASN C 408 5.92 -22.60 6.29
N LEU C 409 6.58 -23.35 7.16
CA LEU C 409 8.02 -23.54 7.13
C LEU C 409 8.39 -24.97 6.74
N ASN C 410 7.61 -25.59 5.86
CA ASN C 410 7.94 -26.94 5.41
C ASN C 410 9.15 -26.94 4.50
N LEU C 411 9.37 -25.87 3.74
CA LEU C 411 10.55 -25.78 2.90
C LEU C 411 11.83 -25.81 3.74
N LEU C 412 11.78 -25.26 4.96
CA LEU C 412 12.93 -25.35 5.85
C LEU C 412 13.25 -26.81 6.19
N GLN C 413 12.21 -27.59 6.54
CA GLN C 413 12.41 -29.02 6.74
C GLN C 413 12.99 -29.66 5.49
N LEU C 414 12.49 -29.29 4.32
CA LEU C 414 13.07 -29.78 3.07
C LEU C 414 14.44 -29.19 2.81
N PHE C 415 14.68 -27.96 3.28
CA PHE C 415 15.97 -27.31 3.11
C PHE C 415 17.09 -28.08 3.80
#